data_2LBU
#
_entry.id   2LBU
#
loop_
_entity.id
_entity.type
_entity.pdbx_description
1 polymer 'Small s protein'
2 non-polymer "sodium 3,3'-(1E,1'E)-biphenyl-4,4'-diylbis(diazene-2,1-diyl)bis(4-aminonaphthalene-1-sulfonate)"
#
_entity_poly.entity_id   1
_entity_poly.type   'polypeptide(L)'
_entity_poly.pdbx_seq_one_letter_code
;MKIDAIVGRNSAKDIRTEERARVQLGNVVTAAALHGGIRISDQTTNSVETVVGKGESRVLIGNEYGGKGFWDNHHHHHH
;
_entity_poly.pdbx_strand_id   A,B,C,D,E
#
loop_
_chem_comp.id
_chem_comp.type
_chem_comp.name
_chem_comp.formula
CGO non-polymer 'sodium 3,3'-(1E,1'E)-biphenyl-4,4'-diylbis(diazene-2,1-diyl)bis(4-aminonaphthalene-1-sulfonate)' 'C32 H22 N6 Na2 O6 S2'
#
# COMPACT_ATOMS: atom_id res chain seq x y z
N ARG A 9 -0.37 -11.95 20.02
CA ARG A 9 0.44 -11.17 20.98
C ARG A 9 0.32 -9.68 20.68
N ASN A 10 -0.59 -9.02 21.39
CA ASN A 10 -0.82 -7.59 21.21
C ASN A 10 -0.40 -6.88 22.48
N SER A 11 0.67 -6.11 22.41
CA SER A 11 1.17 -5.41 23.58
C SER A 11 1.49 -3.93 23.31
N ALA A 12 1.24 -3.11 24.32
CA ALA A 12 1.51 -1.68 24.25
C ALA A 12 2.37 -1.28 25.44
N LYS A 13 3.17 -0.24 25.28
CA LYS A 13 4.06 0.18 26.36
C LYS A 13 3.54 1.42 27.09
N ASP A 14 3.39 2.53 26.38
CA ASP A 14 2.94 3.78 27.00
C ASP A 14 1.82 4.43 26.19
N ILE A 15 0.64 4.55 26.80
CA ILE A 15 -0.50 5.15 26.15
C ILE A 15 -1.04 6.32 26.98
N ARG A 16 -1.38 7.41 26.31
CA ARG A 16 -1.91 8.58 26.99
C ARG A 16 -3.25 9.04 26.38
N THR A 17 -4.32 8.75 27.09
CA THR A 17 -5.66 9.12 26.64
C THR A 17 -6.11 10.40 27.35
N GLU A 18 -6.39 11.44 26.56
CA GLU A 18 -6.81 12.71 27.14
C GLU A 18 -8.05 13.28 26.45
N GLU A 19 -8.93 13.85 27.26
CA GLU A 19 -10.17 14.48 26.78
C GLU A 19 -11.15 13.49 26.16
N ARG A 20 -11.96 12.88 27.02
CA ARG A 20 -12.97 11.91 26.61
C ARG A 20 -12.40 10.80 25.71
N ALA A 21 -11.16 10.41 25.97
CA ALA A 21 -10.52 9.37 25.19
C ALA A 21 -10.59 8.04 25.92
N ARG A 22 -10.68 6.95 25.16
CA ARG A 22 -10.78 5.61 25.73
C ARG A 22 -9.68 4.72 25.17
N VAL A 23 -9.37 3.65 25.89
CA VAL A 23 -8.34 2.71 25.45
C VAL A 23 -8.72 1.27 25.79
N GLN A 24 -8.69 0.41 24.78
CA GLN A 24 -9.03 -0.99 24.97
C GLN A 24 -7.83 -1.86 24.60
N LEU A 25 -7.59 -2.90 25.39
CA LEU A 25 -6.48 -3.81 25.16
C LEU A 25 -6.98 -5.25 25.12
N GLY A 26 -6.77 -5.91 23.98
CA GLY A 26 -7.20 -7.28 23.84
C GLY A 26 -7.50 -7.64 22.40
N ASN A 27 -8.79 -7.79 22.08
CA ASN A 27 -9.23 -8.13 20.74
C ASN A 27 -10.65 -7.62 20.51
N VAL A 28 -11.03 -7.46 19.25
CA VAL A 28 -12.36 -6.97 18.92
C VAL A 28 -13.24 -8.04 18.27
N VAL A 29 -14.27 -8.44 18.98
CA VAL A 29 -15.20 -9.43 18.48
C VAL A 29 -16.47 -8.73 17.98
N THR A 30 -16.69 -8.80 16.67
CA THR A 30 -17.86 -8.20 16.07
C THR A 30 -18.87 -9.28 15.68
N ALA A 31 -20.16 -8.98 15.87
CA ALA A 31 -21.24 -9.91 15.57
C ALA A 31 -21.25 -10.36 14.10
N ALA A 32 -20.56 -9.60 13.26
CA ALA A 32 -20.49 -9.90 11.84
C ALA A 32 -19.58 -11.10 11.59
N ALA A 33 -18.67 -11.35 12.51
CA ALA A 33 -17.73 -12.46 12.39
C ALA A 33 -18.05 -13.56 13.40
N LEU A 34 -19.34 -13.89 13.49
CA LEU A 34 -19.82 -14.92 14.41
C LEU A 34 -19.64 -14.52 15.87
N HIS A 35 -19.57 -15.50 16.75
CA HIS A 35 -19.40 -15.26 18.18
C HIS A 35 -17.92 -15.17 18.55
N GLY A 36 -17.65 -15.04 19.83
CA GLY A 36 -16.28 -14.96 20.31
C GLY A 36 -15.59 -16.31 20.31
N GLY A 37 -15.17 -16.75 19.13
CA GLY A 37 -14.47 -18.02 19.01
C GLY A 37 -13.11 -18.00 19.68
N ILE A 38 -12.37 -16.91 19.45
CA ILE A 38 -11.03 -16.73 20.03
C ILE A 38 -10.00 -17.68 19.41
N ARG A 39 -8.82 -17.13 19.11
CA ARG A 39 -7.71 -17.90 18.54
C ARG A 39 -8.02 -18.40 17.13
N ILE A 40 -7.70 -17.58 16.13
CA ILE A 40 -7.95 -17.95 14.74
C ILE A 40 -6.71 -17.76 13.87
N SER A 41 -6.16 -16.55 13.89
CA SER A 41 -4.97 -16.25 13.07
C SER A 41 -3.70 -16.15 13.90
N ASP A 42 -3.43 -14.95 14.41
CA ASP A 42 -2.24 -14.68 15.21
C ASP A 42 -0.96 -14.99 14.45
N GLN A 43 -0.94 -14.58 13.18
CA GLN A 43 0.23 -14.82 12.33
C GLN A 43 1.30 -13.75 12.50
N THR A 44 0.88 -12.59 13.00
CA THR A 44 1.82 -11.49 13.20
C THR A 44 1.67 -10.89 14.60
N THR A 45 2.79 -10.49 15.18
CA THR A 45 2.81 -9.88 16.50
C THR A 45 2.59 -8.38 16.38
N ASN A 46 1.88 -7.79 17.34
CA ASN A 46 1.61 -6.36 17.31
C ASN A 46 2.14 -5.69 18.57
N SER A 47 3.01 -4.71 18.39
CA SER A 47 3.60 -3.99 19.52
C SER A 47 3.69 -2.49 19.23
N VAL A 48 3.30 -1.69 20.19
CA VAL A 48 3.35 -0.23 20.04
C VAL A 48 4.01 0.44 21.24
N GLU A 49 4.86 1.42 20.95
CA GLU A 49 5.57 2.14 22.01
C GLU A 49 4.70 3.18 22.70
N THR A 50 4.51 4.32 22.07
CA THR A 50 3.71 5.39 22.65
C THR A 50 2.52 5.79 21.79
N VAL A 51 1.34 5.82 22.41
CA VAL A 51 0.12 6.19 21.71
C VAL A 51 -0.49 7.43 22.37
N VAL A 52 -0.76 8.45 21.56
CA VAL A 52 -1.35 9.68 22.05
C VAL A 52 -2.75 9.87 21.48
N GLY A 53 -3.74 9.95 22.34
CA GLY A 53 -5.12 10.13 21.89
C GLY A 53 -5.79 11.27 22.62
N LYS A 54 -6.00 12.38 21.92
CA LYS A 54 -6.64 13.54 22.51
C LYS A 54 -7.82 13.98 21.65
N GLY A 55 -8.84 14.54 22.30
CA GLY A 55 -10.00 15.01 21.58
C GLY A 55 -10.94 13.90 21.15
N GLU A 56 -11.43 13.14 22.12
CA GLU A 56 -12.35 12.03 21.87
C GLU A 56 -11.74 10.93 21.01
N SER A 57 -10.42 10.86 20.96
CA SER A 57 -9.74 9.85 20.17
C SER A 57 -9.85 8.47 20.83
N ARG A 58 -10.07 7.44 20.02
CA ARG A 58 -10.22 6.08 20.52
C ARG A 58 -8.98 5.25 20.24
N VAL A 59 -8.40 4.70 21.30
CA VAL A 59 -7.21 3.86 21.18
C VAL A 59 -7.59 2.39 21.29
N LEU A 60 -7.35 1.64 20.23
CA LEU A 60 -7.69 0.23 20.22
C LEU A 60 -6.45 -0.64 19.99
N ILE A 61 -6.10 -1.41 21.02
CA ILE A 61 -4.94 -2.30 20.95
C ILE A 61 -5.41 -3.74 20.85
N GLY A 62 -5.34 -4.30 19.65
CA GLY A 62 -5.76 -5.67 19.45
C GLY A 62 -6.43 -5.85 18.10
N ASN A 63 -6.17 -6.99 17.47
CA ASN A 63 -6.75 -7.29 16.16
C ASN A 63 -8.27 -7.37 16.21
N GLU A 64 -8.91 -7.01 15.10
CA GLU A 64 -10.36 -7.02 15.03
C GLU A 64 -10.88 -8.15 14.13
N TYR A 65 -12.12 -8.52 14.35
CA TYR A 65 -12.77 -9.57 13.58
C TYR A 65 -14.21 -9.15 13.30
N GLY A 66 -14.47 -8.67 12.10
CA GLY A 66 -15.81 -8.26 11.73
C GLY A 66 -16.11 -8.41 10.25
N GLY A 67 -16.33 -7.29 9.58
CA GLY A 67 -16.63 -7.31 8.17
C GLY A 67 -17.59 -6.20 7.80
N LYS A 68 -18.77 -6.23 8.38
CA LYS A 68 -19.78 -5.19 8.13
C LYS A 68 -19.44 -3.97 8.96
N GLY A 69 -18.58 -3.13 8.42
CA GLY A 69 -18.17 -1.94 9.13
C GLY A 69 -16.87 -2.18 9.87
N PHE A 70 -15.78 -1.63 9.34
CA PHE A 70 -14.47 -1.80 9.96
C PHE A 70 -14.34 -0.91 11.19
N TRP A 71 -14.98 -1.33 12.29
CA TRP A 71 -14.96 -0.60 13.55
C TRP A 71 -15.76 0.72 13.47
N ASP A 72 -15.37 1.59 12.56
CA ASP A 72 -16.05 2.86 12.37
C ASP A 72 -16.25 3.10 10.86
N ASN A 73 -17.38 2.66 10.34
CA ASN A 73 -17.66 2.82 8.92
C ASN A 73 -19.15 2.95 8.65
N HIS A 74 -19.55 4.08 8.08
CA HIS A 74 -20.95 4.33 7.74
C HIS A 74 -21.04 5.39 6.65
N HIS A 75 -20.36 5.14 5.54
CA HIS A 75 -20.34 6.06 4.41
C HIS A 75 -21.20 5.53 3.28
N HIS A 76 -22.20 6.32 2.87
CA HIS A 76 -23.09 5.91 1.79
C HIS A 76 -23.09 6.95 0.67
N HIS A 77 -22.28 7.98 0.85
CA HIS A 77 -22.17 9.06 -0.11
C HIS A 77 -21.18 8.68 -1.21
N HIS A 78 -21.68 8.57 -2.44
CA HIS A 78 -20.83 8.20 -3.57
C HIS A 78 -20.22 9.43 -4.22
N HIS A 79 -18.90 9.41 -4.36
CA HIS A 79 -18.19 10.52 -4.98
C HIS A 79 -18.08 10.32 -6.48
N ARG B 9 5.45 -9.05 11.46
CA ARG B 9 5.50 -8.32 12.74
C ARG B 9 5.13 -6.85 12.53
N ASN B 10 4.32 -6.32 13.42
CA ASN B 10 3.90 -4.92 13.35
C ASN B 10 4.36 -4.18 14.59
N SER B 11 5.26 -3.24 14.40
CA SER B 11 5.81 -2.46 15.50
C SER B 11 5.70 -0.98 15.19
N ALA B 12 5.25 -0.20 16.16
CA ALA B 12 5.10 1.24 15.98
C ALA B 12 5.73 1.97 17.15
N LYS B 13 6.34 3.10 16.86
CA LYS B 13 6.98 3.91 17.90
C LYS B 13 6.01 4.93 18.50
N ASP B 14 5.80 6.03 17.82
CA ASP B 14 4.92 7.07 18.34
C ASP B 14 3.78 7.40 17.39
N ILE B 15 2.56 7.32 17.91
CA ILE B 15 1.38 7.63 17.14
C ILE B 15 0.60 8.73 17.84
N ARG B 16 0.52 9.88 17.19
CA ARG B 16 -0.19 11.02 17.76
C ARG B 16 -1.49 11.29 17.00
N THR B 17 -2.60 10.96 17.62
CA THR B 17 -3.90 11.15 16.99
C THR B 17 -4.76 12.13 17.79
N GLU B 18 -5.30 13.13 17.11
CA GLU B 18 -6.14 14.12 17.77
C GLU B 18 -7.31 14.53 16.88
N GLU B 19 -8.27 15.23 17.48
CA GLU B 19 -9.47 15.70 16.77
C GLU B 19 -10.35 14.53 16.31
N ARG B 20 -10.86 13.77 17.28
CA ARG B 20 -11.73 12.62 17.01
C ARG B 20 -11.06 11.61 16.10
N ALA B 21 -9.80 11.30 16.38
CA ALA B 21 -9.07 10.34 15.58
C ALA B 21 -9.23 8.93 16.12
N ARG B 22 -8.90 7.95 15.30
CA ARG B 22 -9.00 6.55 15.71
C ARG B 22 -7.75 5.79 15.33
N VAL B 23 -7.11 5.20 16.32
CA VAL B 23 -5.89 4.44 16.10
C VAL B 23 -6.11 2.98 16.45
N GLN B 24 -5.81 2.11 15.50
CA GLN B 24 -5.98 0.68 15.68
C GLN B 24 -4.65 -0.06 15.54
N LEU B 25 -4.34 -0.88 16.52
CA LEU B 25 -3.11 -1.65 16.52
C LEU B 25 -3.43 -3.13 16.38
N GLY B 26 -3.34 -3.63 15.16
CA GLY B 26 -3.62 -5.03 14.91
C GLY B 26 -4.03 -5.29 13.47
N ASN B 27 -4.09 -6.55 13.09
CA ASN B 27 -4.47 -6.93 11.75
C ASN B 27 -5.99 -7.08 11.64
N VAL B 28 -6.55 -6.58 10.54
CA VAL B 28 -7.98 -6.62 10.31
C VAL B 28 -8.37 -7.89 9.54
N VAL B 29 -9.26 -8.67 10.13
CA VAL B 29 -9.73 -9.91 9.51
C VAL B 29 -11.24 -9.87 9.33
N THR B 30 -11.67 -9.62 8.11
CA THR B 30 -13.08 -9.56 7.80
C THR B 30 -13.65 -10.95 7.60
N ALA B 31 -14.97 -11.07 7.67
CA ALA B 31 -15.66 -12.34 7.48
C ALA B 31 -15.41 -12.89 6.07
N ALA B 32 -14.90 -12.04 5.19
CA ALA B 32 -14.61 -12.43 3.83
C ALA B 32 -13.34 -13.27 3.76
N ALA B 33 -12.57 -13.25 4.85
CA ALA B 33 -11.33 -14.00 4.92
C ALA B 33 -11.54 -15.35 5.60
N LEU B 34 -12.77 -15.60 6.04
CA LEU B 34 -13.10 -16.85 6.70
C LEU B 34 -13.22 -17.97 5.68
N HIS B 35 -12.71 -19.15 6.05
CA HIS B 35 -12.76 -20.33 5.18
C HIS B 35 -11.89 -20.12 3.93
N GLY B 36 -10.86 -19.30 4.07
CA GLY B 36 -9.96 -19.03 2.97
C GLY B 36 -8.50 -19.18 3.37
N GLY B 37 -7.60 -19.07 2.40
CA GLY B 37 -6.18 -19.20 2.67
C GLY B 37 -5.57 -17.91 3.18
N ILE B 38 -5.09 -17.94 4.42
CA ILE B 38 -4.47 -16.75 5.02
C ILE B 38 -2.96 -16.92 5.19
N ARG B 39 -2.39 -17.87 4.47
CA ARG B 39 -0.97 -18.13 4.54
C ARG B 39 -0.36 -18.17 3.14
N ILE B 40 0.33 -17.10 2.76
CA ILE B 40 0.94 -17.02 1.44
C ILE B 40 2.41 -16.56 1.50
N SER B 41 3.11 -17.00 2.56
CA SER B 41 4.52 -16.63 2.76
C SER B 41 4.69 -15.13 2.99
N ASP B 42 3.69 -14.54 3.64
CA ASP B 42 3.67 -13.11 3.93
C ASP B 42 4.57 -12.76 5.12
N GLN B 43 5.88 -12.84 4.91
CA GLN B 43 6.84 -12.52 5.95
C GLN B 43 7.30 -11.08 5.79
N THR B 44 6.97 -10.23 6.75
CA THR B 44 7.37 -8.82 6.69
C THR B 44 7.35 -8.17 8.06
N THR B 45 8.33 -7.32 8.30
CA THR B 45 8.45 -6.58 9.54
C THR B 45 8.15 -5.11 9.27
N ASN B 46 6.91 -4.72 9.50
CA ASN B 46 6.51 -3.34 9.26
C ASN B 46 6.69 -2.50 10.51
N SER B 47 7.30 -1.35 10.36
CA SER B 47 7.54 -0.47 11.49
C SER B 47 7.45 1.00 11.09
N VAL B 48 6.78 1.78 11.92
CA VAL B 48 6.62 3.21 11.67
C VAL B 48 7.12 4.01 12.88
N GLU B 49 7.94 5.01 12.62
CA GLU B 49 8.51 5.83 13.69
C GLU B 49 7.48 6.78 14.30
N THR B 50 6.96 7.70 13.51
CA THR B 50 5.97 8.65 14.02
C THR B 50 4.79 8.82 13.06
N VAL B 51 3.60 8.60 13.59
CA VAL B 51 2.38 8.75 12.82
C VAL B 51 1.60 9.95 13.32
N VAL B 52 1.39 10.93 12.45
CA VAL B 52 0.66 12.13 12.82
C VAL B 52 -0.76 12.11 12.24
N GLY B 53 -1.74 12.10 13.13
CA GLY B 53 -3.13 12.08 12.69
C GLY B 53 -3.88 13.28 13.21
N LYS B 54 -4.30 14.15 12.31
CA LYS B 54 -5.03 15.36 12.70
C LYS B 54 -6.32 15.51 11.90
N GLY B 55 -7.42 15.77 12.59
CA GLY B 55 -8.69 15.95 11.92
C GLY B 55 -9.34 14.63 11.50
N GLU B 56 -9.84 13.89 12.50
CA GLU B 56 -10.51 12.62 12.28
C GLU B 56 -9.69 11.63 11.45
N SER B 57 -8.40 11.54 11.77
CA SER B 57 -7.52 10.62 11.06
C SER B 57 -7.72 9.18 11.53
N ARG B 58 -7.49 8.24 10.62
CA ARG B 58 -7.63 6.84 10.92
C ARG B 58 -6.30 6.12 10.70
N VAL B 59 -5.77 5.53 11.76
CA VAL B 59 -4.49 4.83 11.68
C VAL B 59 -4.69 3.33 11.83
N LEU B 60 -4.14 2.58 10.88
CA LEU B 60 -4.24 1.12 10.91
C LEU B 60 -2.85 0.51 10.86
N ILE B 61 -2.42 -0.07 11.97
CA ILE B 61 -1.11 -0.70 12.03
C ILE B 61 -1.24 -2.21 11.92
N GLY B 62 -0.99 -2.74 10.74
CA GLY B 62 -1.10 -4.16 10.50
C GLY B 62 -1.59 -4.46 9.10
N ASN B 63 -1.66 -5.74 8.76
CA ASN B 63 -2.12 -6.14 7.44
C ASN B 63 -3.58 -6.53 7.48
N GLU B 64 -4.26 -6.46 6.35
CA GLU B 64 -5.67 -6.80 6.28
C GLU B 64 -5.96 -7.79 5.17
N TYR B 65 -7.11 -8.45 5.27
CA TYR B 65 -7.51 -9.43 4.27
C TYR B 65 -8.97 -9.19 3.89
N GLY B 66 -9.24 -9.08 2.60
CA GLY B 66 -10.58 -8.87 2.13
C GLY B 66 -10.62 -8.46 0.67
N GLY B 67 -11.71 -8.78 -0.01
CA GLY B 67 -11.83 -8.43 -1.41
C GLY B 67 -13.08 -7.61 -1.67
N LYS B 68 -13.74 -7.20 -0.60
CA LYS B 68 -14.97 -6.40 -0.72
C LYS B 68 -14.67 -4.92 -0.54
N GLY B 69 -13.40 -4.58 -0.64
CA GLY B 69 -12.98 -3.19 -0.50
C GLY B 69 -11.53 -3.11 -0.09
N PHE B 70 -11.06 -1.88 0.14
CA PHE B 70 -9.68 -1.66 0.54
C PHE B 70 -9.65 -0.82 1.81
N TRP B 71 -10.19 -1.39 2.90
CA TRP B 71 -10.28 -0.72 4.20
C TRP B 71 -11.29 0.42 4.18
N ASP B 72 -11.12 1.33 3.23
CA ASP B 72 -12.00 2.47 3.07
C ASP B 72 -12.83 2.30 1.80
N ASN B 73 -13.51 3.36 1.37
CA ASN B 73 -14.35 3.29 0.18
C ASN B 73 -13.77 4.13 -0.95
N HIS B 74 -13.71 3.55 -2.14
CA HIS B 74 -13.21 4.23 -3.33
C HIS B 74 -13.80 3.58 -4.57
N HIS B 75 -14.44 4.39 -5.41
CA HIS B 75 -15.07 3.90 -6.62
C HIS B 75 -15.30 5.03 -7.61
N HIS B 76 -15.14 4.75 -8.90
CA HIS B 76 -15.34 5.75 -9.94
C HIS B 76 -15.23 5.11 -11.33
N HIS B 77 -15.02 5.92 -12.35
CA HIS B 77 -14.91 5.43 -13.72
C HIS B 77 -13.57 5.83 -14.33
N HIS B 78 -13.06 4.99 -15.23
CA HIS B 78 -11.78 5.26 -15.89
C HIS B 78 -11.96 6.17 -17.10
N HIS B 79 -10.86 6.46 -17.78
CA HIS B 79 -10.87 7.32 -18.94
C HIS B 79 -10.04 6.66 -20.05
N ARG C 9 11.17 -5.75 3.68
CA ARG C 9 10.16 -5.28 4.65
C ARG C 9 9.76 -3.84 4.35
N ASN C 10 9.03 -3.20 5.27
CA ASN C 10 8.58 -1.83 5.08
C ASN C 10 8.89 -1.00 6.32
N SER C 11 9.54 0.13 6.12
CA SER C 11 9.88 1.02 7.22
C SER C 11 9.51 2.46 6.87
N ALA C 12 8.90 3.15 7.81
CA ALA C 12 8.51 4.53 7.60
C ALA C 12 8.90 5.38 8.80
N LYS C 13 9.42 6.57 8.53
CA LYS C 13 9.83 7.46 9.61
C LYS C 13 8.72 8.44 10.00
N ASP C 14 8.56 9.49 9.20
CA ASP C 14 7.55 10.51 9.49
C ASP C 14 6.39 10.48 8.51
N ILE C 15 5.20 10.18 9.01
CA ILE C 15 4.01 10.13 8.19
C ILE C 15 2.94 11.07 8.76
N ARG C 16 2.56 12.07 7.98
CA ARG C 16 1.55 13.02 8.42
C ARG C 16 0.27 12.83 7.63
N THR C 17 -0.80 12.54 8.34
CA THR C 17 -2.11 12.35 7.75
C THR C 17 -3.10 13.27 8.44
N GLU C 18 -3.61 14.25 7.71
CA GLU C 18 -4.56 15.18 8.29
C GLU C 18 -5.71 15.50 7.34
N GLU C 19 -6.79 16.01 7.92
CA GLU C 19 -8.00 16.37 7.17
C GLU C 19 -8.65 15.14 6.55
N ARG C 20 -9.22 14.31 7.42
CA ARG C 20 -9.87 13.07 7.02
C ARG C 20 -8.91 12.20 6.21
N ALA C 21 -7.82 11.78 6.86
CA ALA C 21 -6.83 10.96 6.20
C ALA C 21 -6.72 9.62 6.90
N ARG C 22 -6.04 8.69 6.26
CA ARG C 22 -5.86 7.37 6.83
C ARG C 22 -4.58 6.73 6.30
N VAL C 23 -3.89 6.00 7.18
CA VAL C 23 -2.65 5.35 6.80
C VAL C 23 -2.70 3.85 7.12
N GLN C 24 -2.27 3.05 6.14
CA GLN C 24 -2.25 1.59 6.27
C GLN C 24 -0.80 1.13 6.44
N LEU C 25 -0.52 0.44 7.52
CA LEU C 25 0.82 -0.05 7.80
C LEU C 25 0.90 -1.57 7.67
N GLY C 26 0.80 -2.07 6.45
CA GLY C 26 0.86 -3.51 6.24
C GLY C 26 0.60 -3.89 4.80
N ASN C 27 0.44 -5.18 4.56
CA ASN C 27 0.17 -5.68 3.22
C ASN C 27 -1.32 -5.85 3.01
N VAL C 28 -1.77 -5.59 1.79
CA VAL C 28 -3.20 -5.72 1.47
C VAL C 28 -3.43 -6.95 0.60
N VAL C 29 -4.00 -7.98 1.21
CA VAL C 29 -4.28 -9.23 0.51
C VAL C 29 -5.77 -9.35 0.21
N THR C 30 -6.11 -9.41 -1.07
CA THR C 30 -7.49 -9.54 -1.47
C THR C 30 -7.97 -10.97 -1.27
N ALA C 31 -9.28 -11.18 -1.27
CA ALA C 31 -9.86 -12.51 -1.07
C ALA C 31 -9.67 -13.42 -2.29
N ALA C 32 -8.78 -13.04 -3.19
CA ALA C 32 -8.50 -13.82 -4.38
C ALA C 32 -7.03 -14.22 -4.41
N ALA C 33 -6.30 -13.83 -3.38
CA ALA C 33 -4.88 -14.13 -3.30
C ALA C 33 -4.62 -15.15 -2.21
N LEU C 34 -5.10 -16.36 -2.41
CA LEU C 34 -4.93 -17.43 -1.43
C LEU C 34 -4.17 -18.61 -2.02
N HIS C 35 -3.35 -18.34 -3.04
CA HIS C 35 -2.58 -19.39 -3.67
C HIS C 35 -1.08 -19.22 -3.45
N GLY C 36 -0.67 -19.39 -2.21
CA GLY C 36 0.74 -19.25 -1.88
C GLY C 36 1.16 -20.30 -0.88
N GLY C 37 2.37 -20.81 -1.02
CA GLY C 37 2.84 -21.82 -0.10
C GLY C 37 3.66 -21.22 1.02
N ILE C 38 4.66 -21.96 1.47
CA ILE C 38 5.54 -21.50 2.54
C ILE C 38 7.00 -21.71 2.17
N ARG C 39 7.71 -20.62 1.93
CA ARG C 39 9.11 -20.68 1.53
C ARG C 39 9.81 -19.36 1.83
N ILE C 40 11.05 -19.43 2.31
CA ILE C 40 11.80 -18.23 2.62
C ILE C 40 12.84 -17.91 1.54
N SER C 41 12.90 -16.64 1.17
CA SER C 41 13.84 -16.17 0.16
C SER C 41 14.01 -14.66 0.30
N ASP C 42 14.69 -14.03 -0.65
CA ASP C 42 14.91 -12.59 -0.60
C ASP C 42 13.60 -11.81 -0.73
N GLN C 43 13.58 -10.60 -0.22
CA GLN C 43 12.42 -9.74 -0.28
C GLN C 43 12.86 -8.28 -0.21
N THR C 44 12.32 -7.47 -1.10
CA THR C 44 12.69 -6.06 -1.15
C THR C 44 12.19 -5.29 0.07
N THR C 45 12.88 -4.22 0.38
CA THR C 45 12.54 -3.37 1.52
C THR C 45 12.32 -1.93 1.05
N ASN C 46 11.12 -1.43 1.29
CA ASN C 46 10.77 -0.07 0.90
C ASN C 46 10.70 0.81 2.14
N SER C 47 11.44 1.90 2.15
CA SER C 47 11.46 2.80 3.28
C SER C 47 11.39 4.24 2.83
N VAL C 48 10.50 5.01 3.45
CA VAL C 48 10.32 6.42 3.12
C VAL C 48 10.63 7.29 4.33
N GLU C 49 11.29 8.41 4.09
CA GLU C 49 11.66 9.33 5.16
C GLU C 49 10.46 10.14 5.66
N THR C 50 9.82 10.88 4.77
CA THR C 50 8.68 11.70 5.15
C THR C 50 7.54 11.61 4.14
N VAL C 51 6.33 11.44 4.67
CA VAL C 51 5.13 11.36 3.85
C VAL C 51 4.16 12.42 4.33
N VAL C 52 3.84 13.38 3.49
CA VAL C 52 2.92 14.45 3.86
C VAL C 52 1.65 14.38 3.05
N GLY C 53 0.56 13.99 3.71
CA GLY C 53 -0.71 13.87 3.05
C GLY C 53 -1.73 14.80 3.69
N LYS C 54 -2.34 15.66 2.89
CA LYS C 54 -3.32 16.61 3.41
C LYS C 54 -4.59 16.64 2.57
N GLY C 55 -5.71 16.29 3.18
CA GLY C 55 -6.98 16.30 2.49
C GLY C 55 -7.30 14.99 1.80
N GLU C 56 -8.00 14.11 2.52
CA GLU C 56 -8.40 12.80 1.98
C GLU C 56 -7.18 11.97 1.57
N SER C 57 -6.11 12.09 2.33
CA SER C 57 -4.87 11.39 2.07
C SER C 57 -4.95 9.90 2.44
N ARG C 58 -4.26 9.07 1.65
CA ARG C 58 -4.24 7.64 1.88
C ARG C 58 -2.83 7.09 1.66
N VAL C 59 -2.18 6.68 2.74
CA VAL C 59 -0.82 6.16 2.68
C VAL C 59 -0.83 4.63 2.79
N LEU C 60 -0.10 3.96 1.90
CA LEU C 60 -0.03 2.51 1.91
C LEU C 60 1.41 2.05 2.08
N ILE C 61 1.75 1.55 3.26
CA ILE C 61 3.09 1.07 3.55
C ILE C 61 3.12 -0.46 3.49
N GLY C 62 3.30 -0.98 2.29
CA GLY C 62 3.35 -2.42 2.09
C GLY C 62 3.12 -2.77 0.64
N ASN C 63 2.94 -4.05 0.36
CA ASN C 63 2.70 -4.48 -1.02
C ASN C 63 1.24 -4.80 -1.24
N GLU C 64 0.80 -4.70 -2.51
CA GLU C 64 -0.58 -4.97 -2.85
C GLU C 64 -0.69 -6.28 -3.63
N TYR C 65 -1.74 -7.03 -3.37
CA TYR C 65 -1.98 -8.30 -4.04
C TYR C 65 -3.44 -8.41 -4.45
N GLY C 66 -3.72 -8.09 -5.71
CA GLY C 66 -5.08 -8.15 -6.20
C GLY C 66 -5.16 -8.56 -7.67
N GLY C 67 -6.30 -9.06 -8.09
CA GLY C 67 -6.48 -9.48 -9.46
C GLY C 67 -7.34 -8.51 -10.26
N LYS C 68 -8.04 -7.64 -9.56
CA LYS C 68 -8.90 -6.66 -10.20
C LYS C 68 -8.07 -5.56 -10.83
N GLY C 69 -7.01 -5.18 -10.13
CA GLY C 69 -6.12 -4.14 -10.60
C GLY C 69 -5.15 -3.76 -9.52
N PHE C 70 -5.28 -2.56 -9.00
CA PHE C 70 -4.42 -2.08 -7.93
C PHE C 70 -5.26 -1.60 -6.76
N TRP C 71 -4.64 -0.94 -5.79
CA TRP C 71 -5.36 -0.41 -4.63
C TRP C 71 -6.46 0.57 -5.05
N ASP C 72 -6.30 1.16 -6.22
CA ASP C 72 -7.29 2.11 -6.73
C ASP C 72 -8.02 1.53 -7.93
N ASN C 73 -9.21 2.05 -8.19
CA ASN C 73 -10.03 1.58 -9.30
C ASN C 73 -10.61 2.75 -10.10
N HIS C 74 -9.99 3.91 -9.96
CA HIS C 74 -10.44 5.10 -10.66
C HIS C 74 -9.92 5.11 -12.10
N HIS C 75 -9.00 4.21 -12.42
CA HIS C 75 -8.45 4.15 -13.76
C HIS C 75 -8.10 2.72 -14.19
N HIS C 76 -7.82 2.55 -15.47
CA HIS C 76 -7.48 1.25 -16.06
C HIS C 76 -8.65 0.26 -16.03
N HIS C 77 -8.46 -0.91 -16.65
CA HIS C 77 -9.51 -1.91 -16.69
C HIS C 77 -8.95 -3.32 -16.90
N HIS C 78 -9.69 -4.15 -17.62
CA HIS C 78 -9.30 -5.54 -17.87
C HIS C 78 -8.08 -5.67 -18.76
N HIS C 79 -8.29 -5.62 -20.07
CA HIS C 79 -7.21 -5.75 -21.04
C HIS C 79 -7.69 -5.27 -22.39
N ARG D 9 15.39 -1.98 -1.74
CA ARG D 9 16.03 -1.08 -2.73
C ARG D 9 15.23 0.20 -2.92
N ASN D 10 13.93 0.04 -3.17
CA ASN D 10 13.05 1.19 -3.37
C ASN D 10 12.96 2.04 -2.12
N SER D 11 13.30 3.32 -2.26
CA SER D 11 13.26 4.24 -1.13
C SER D 11 12.86 5.64 -1.59
N ALA D 12 12.28 6.42 -0.69
CA ALA D 12 11.86 7.78 -1.01
C ALA D 12 12.21 8.74 0.11
N LYS D 13 12.49 9.99 -0.23
CA LYS D 13 12.84 10.99 0.77
C LYS D 13 11.59 11.71 1.27
N ASP D 14 11.07 12.64 0.48
CA ASP D 14 9.90 13.41 0.86
C ASP D 14 8.81 13.30 -0.20
N ILE D 15 7.65 12.79 0.20
CA ILE D 15 6.52 12.63 -0.70
C ILE D 15 5.32 13.45 -0.21
N ARG D 16 4.83 14.32 -1.06
CA ARG D 16 3.68 15.16 -0.75
C ARG D 16 2.47 14.69 -1.53
N THR D 17 1.38 14.45 -0.82
CA THR D 17 0.14 14.00 -1.46
C THR D 17 -1.03 14.84 -0.96
N GLU D 18 -1.61 15.65 -1.85
CA GLU D 18 -2.73 16.50 -1.46
C GLU D 18 -3.96 16.29 -2.35
N GLU D 19 -5.12 16.60 -1.77
CA GLU D 19 -6.41 16.50 -2.47
C GLU D 19 -6.71 15.10 -2.99
N ARG D 20 -7.14 14.23 -2.07
CA ARG D 20 -7.49 12.84 -2.37
C ARG D 20 -6.36 12.12 -3.11
N ALA D 21 -5.15 12.21 -2.56
CA ALA D 21 -4.00 11.56 -3.17
C ALA D 21 -3.62 10.32 -2.37
N ARG D 22 -2.96 9.39 -3.04
CA ARG D 22 -2.56 8.15 -2.39
C ARG D 22 -1.14 7.77 -2.80
N VAL D 23 -0.40 7.19 -1.86
CA VAL D 23 0.97 6.78 -2.11
C VAL D 23 1.17 5.31 -1.74
N GLN D 24 1.77 4.56 -2.64
CA GLN D 24 2.02 3.13 -2.43
C GLN D 24 3.51 2.86 -2.33
N LEU D 25 3.92 2.29 -1.20
CA LEU D 25 5.33 1.98 -0.98
C LEU D 25 5.54 0.47 -0.86
N GLY D 26 5.86 -0.17 -1.97
CA GLY D 26 6.09 -1.61 -1.94
C GLY D 26 6.32 -2.19 -3.31
N ASN D 27 5.47 -3.12 -3.70
CA ASN D 27 5.56 -3.77 -5.01
C ASN D 27 4.18 -4.22 -5.45
N VAL D 28 3.98 -4.31 -6.76
CA VAL D 28 2.70 -4.70 -7.31
C VAL D 28 2.66 -6.18 -7.66
N VAL D 29 1.95 -6.94 -6.85
CA VAL D 29 1.81 -8.37 -7.10
C VAL D 29 0.39 -8.68 -7.52
N THR D 30 0.15 -8.70 -8.82
CA THR D 30 -1.18 -8.98 -9.32
C THR D 30 -1.50 -10.46 -9.18
N ALA D 31 -2.80 -10.77 -9.08
CA ALA D 31 -3.24 -12.16 -8.92
C ALA D 31 -3.10 -12.95 -10.23
N ALA D 32 -2.40 -12.37 -11.19
CA ALA D 32 -2.16 -13.01 -12.47
C ALA D 32 -0.81 -13.72 -12.45
N ALA D 33 -0.10 -13.55 -11.35
CA ALA D 33 1.21 -14.17 -11.19
C ALA D 33 1.09 -15.43 -10.34
N LEU D 34 1.78 -16.48 -10.77
CA LEU D 34 1.76 -17.74 -10.04
C LEU D 34 3.17 -18.11 -9.55
N HIS D 35 3.39 -19.38 -9.30
CA HIS D 35 4.69 -19.82 -8.79
C HIS D 35 5.64 -20.19 -9.93
N GLY D 36 5.98 -19.22 -10.74
CA GLY D 36 6.87 -19.44 -11.87
C GLY D 36 7.96 -18.39 -11.92
N GLY D 37 8.41 -17.99 -10.74
CA GLY D 37 9.45 -16.98 -10.64
C GLY D 37 8.90 -15.66 -10.15
N ILE D 38 8.19 -15.70 -9.03
CA ILE D 38 7.58 -14.52 -8.44
C ILE D 38 8.57 -13.81 -7.52
N ARG D 39 9.58 -14.54 -7.05
CA ARG D 39 10.59 -13.98 -6.17
C ARG D 39 11.68 -13.26 -6.97
N ILE D 40 11.31 -12.13 -7.55
CA ILE D 40 12.23 -11.33 -8.37
C ILE D 40 13.39 -10.77 -7.54
N SER D 41 13.13 -10.53 -6.26
CA SER D 41 14.14 -9.99 -5.33
C SER D 41 14.57 -8.57 -5.70
N ASP D 42 15.58 -8.05 -5.02
CA ASP D 42 16.07 -6.70 -5.29
C ASP D 42 17.00 -6.70 -6.50
N GLN D 43 16.44 -6.43 -7.66
CA GLN D 43 17.22 -6.41 -8.89
C GLN D 43 17.69 -5.00 -9.23
N THR D 44 16.81 -4.01 -9.09
CA THR D 44 17.15 -2.64 -9.40
C THR D 44 16.90 -1.74 -8.19
N THR D 45 17.69 -0.67 -8.09
CA THR D 45 17.57 0.27 -6.98
C THR D 45 16.88 1.55 -7.47
N ASN D 46 15.60 1.69 -7.11
CA ASN D 46 14.84 2.87 -7.49
C ASN D 46 14.71 3.80 -6.29
N SER D 47 15.39 4.94 -6.35
CA SER D 47 15.34 5.90 -5.27
C SER D 47 14.90 7.28 -5.76
N VAL D 48 13.95 7.87 -5.05
CA VAL D 48 13.44 9.18 -5.41
C VAL D 48 13.52 10.13 -4.22
N GLU D 49 13.92 11.36 -4.47
CA GLU D 49 14.05 12.36 -3.42
C GLU D 49 12.74 13.10 -3.14
N THR D 50 12.36 13.99 -4.04
CA THR D 50 11.15 14.76 -3.85
C THR D 50 10.02 14.35 -4.79
N VAL D 51 8.87 14.04 -4.21
CA VAL D 51 7.69 13.64 -4.99
C VAL D 51 6.50 14.50 -4.56
N VAL D 52 6.02 15.32 -5.46
CA VAL D 52 4.89 16.18 -5.16
C VAL D 52 3.69 15.83 -6.03
N GLY D 53 2.64 15.32 -5.41
CA GLY D 53 1.44 14.95 -6.13
C GLY D 53 0.20 15.55 -5.52
N LYS D 54 -0.69 16.07 -6.37
CA LYS D 54 -1.92 16.69 -5.89
C LYS D 54 -3.05 16.51 -6.90
N GLY D 55 -4.23 16.16 -6.41
CA GLY D 55 -5.38 15.98 -7.26
C GLY D 55 -5.33 14.69 -8.05
N GLU D 56 -5.89 13.62 -7.47
CA GLU D 56 -5.92 12.31 -8.12
C GLU D 56 -4.51 11.80 -8.43
N SER D 57 -3.58 12.06 -7.53
CA SER D 57 -2.21 11.64 -7.71
C SER D 57 -1.99 10.22 -7.19
N ARG D 58 -1.14 9.48 -7.90
CA ARG D 58 -0.81 8.12 -7.54
C ARG D 58 0.70 7.92 -7.54
N VAL D 59 1.29 7.75 -6.38
CA VAL D 59 2.72 7.54 -6.27
C VAL D 59 3.02 6.07 -6.07
N LEU D 60 3.51 5.42 -7.11
CA LEU D 60 3.83 4.00 -7.03
C LEU D 60 5.34 3.80 -7.01
N ILE D 61 5.88 3.49 -5.84
CA ILE D 61 7.30 3.27 -5.70
C ILE D 61 7.56 1.77 -5.53
N GLY D 62 7.91 1.13 -6.63
CA GLY D 62 8.19 -0.29 -6.62
C GLY D 62 8.03 -0.90 -8.00
N ASN D 63 8.29 -2.20 -8.10
CA ASN D 63 8.18 -2.90 -9.37
C ASN D 63 6.83 -3.57 -9.49
N GLU D 64 6.40 -3.84 -10.71
CA GLU D 64 5.12 -4.48 -10.94
C GLU D 64 5.29 -5.82 -11.65
N TYR D 65 4.65 -6.85 -11.12
CA TYR D 65 4.73 -8.17 -11.68
C TYR D 65 3.34 -8.68 -12.05
N GLY D 66 3.16 -9.03 -13.31
CA GLY D 66 1.88 -9.54 -13.75
C GLY D 66 1.65 -9.34 -15.23
N GLY D 67 0.50 -9.81 -15.70
CA GLY D 67 0.17 -9.68 -17.11
C GLY D 67 -0.92 -8.67 -17.34
N LYS D 68 -0.95 -7.64 -16.52
CA LYS D 68 -1.96 -6.59 -16.65
C LYS D 68 -1.56 -5.58 -17.73
N GLY D 69 -0.33 -5.71 -18.20
CA GLY D 69 0.17 -4.81 -19.23
C GLY D 69 0.98 -3.67 -18.64
N PHE D 70 0.39 -3.01 -17.65
CA PHE D 70 1.03 -1.89 -16.98
C PHE D 70 0.19 -1.49 -15.78
N TRP D 71 0.84 -1.05 -14.71
CA TRP D 71 0.13 -0.62 -13.51
C TRP D 71 -0.86 0.49 -13.85
N ASP D 72 -0.35 1.62 -14.31
CA ASP D 72 -1.19 2.75 -14.68
C ASP D 72 -0.72 3.36 -15.99
N ASN D 73 -1.67 3.58 -16.87
CA ASN D 73 -1.41 4.15 -18.19
C ASN D 73 -2.76 4.45 -18.84
N HIS D 74 -2.82 5.51 -19.62
CA HIS D 74 -4.07 5.89 -20.26
C HIS D 74 -4.52 4.91 -21.35
N HIS D 75 -3.69 4.70 -22.37
CA HIS D 75 -4.03 3.80 -23.46
C HIS D 75 -2.80 3.38 -24.24
N HIS D 76 -3.02 2.85 -25.44
CA HIS D 76 -1.94 2.39 -26.31
C HIS D 76 -1.41 3.56 -27.13
N HIS D 77 -0.56 3.28 -28.12
CA HIS D 77 0.00 4.32 -28.96
C HIS D 77 -1.05 4.87 -29.92
N HIS D 78 -1.37 6.14 -29.79
CA HIS D 78 -2.35 6.78 -30.63
C HIS D 78 -1.68 7.55 -31.77
N HIS D 79 -2.37 7.61 -32.90
CA HIS D 79 -1.87 8.32 -34.06
C HIS D 79 -3.01 9.18 -34.60
N ARG E 9 20.94 1.48 -12.10
CA ARG E 9 19.89 1.84 -11.10
C ARG E 9 19.07 3.02 -11.60
N ASN E 10 18.05 3.41 -10.84
CA ASN E 10 17.20 4.53 -11.22
C ASN E 10 17.07 5.54 -10.10
N SER E 11 17.47 6.77 -10.38
CA SER E 11 17.41 7.83 -9.39
C SER E 11 16.57 9.00 -9.90
N ALA E 12 15.84 9.64 -9.00
CA ALA E 12 15.01 10.79 -9.34
C ALA E 12 15.10 11.85 -8.25
N LYS E 13 15.45 13.07 -8.64
CA LYS E 13 15.58 14.16 -7.68
C LYS E 13 14.26 14.83 -7.34
N ASP E 14 13.63 15.44 -8.33
CA ASP E 14 12.36 16.13 -8.11
C ASP E 14 11.32 15.72 -9.14
N ILE E 15 10.17 15.25 -8.65
CA ILE E 15 9.08 14.84 -9.52
C ILE E 15 7.76 15.43 -9.03
N ARG E 16 7.08 16.14 -9.90
CA ARG E 16 5.80 16.75 -9.58
C ARG E 16 4.72 16.27 -10.54
N THR E 17 3.70 15.65 -9.98
CA THR E 17 2.59 15.12 -10.75
C THR E 17 1.27 15.56 -10.15
N GLU E 18 0.73 16.66 -10.66
CA GLU E 18 -0.52 17.20 -10.16
C GLU E 18 -1.58 17.24 -11.26
N GLU E 19 -2.84 17.13 -10.85
CA GLU E 19 -3.98 17.15 -11.76
C GLU E 19 -4.07 15.88 -12.59
N ARG E 20 -4.56 14.81 -11.96
CA ARG E 20 -4.73 13.50 -12.59
C ARG E 20 -3.40 12.93 -13.09
N ALA E 21 -2.33 13.36 -12.48
CA ALA E 21 -1.00 12.89 -12.84
C ALA E 21 -0.50 11.89 -11.82
N ARG E 22 0.34 10.96 -12.26
CA ARG E 22 0.88 9.94 -11.38
C ARG E 22 2.32 9.58 -11.75
N VAL E 23 3.01 8.90 -10.84
CA VAL E 23 4.39 8.53 -11.05
C VAL E 23 4.65 7.07 -10.65
N GLN E 24 5.50 6.40 -11.43
CA GLN E 24 5.85 5.02 -11.17
C GLN E 24 7.38 4.87 -11.18
N LEU E 25 7.92 4.21 -10.17
CA LEU E 25 9.35 4.01 -10.07
C LEU E 25 9.71 2.54 -9.83
N GLY E 26 10.01 1.84 -10.90
CA GLY E 26 10.36 0.45 -10.81
C GLY E 26 10.33 -0.23 -12.16
N ASN E 27 10.83 -1.46 -12.21
CA ASN E 27 10.85 -2.20 -13.48
C ASN E 27 9.54 -2.98 -13.68
N VAL E 28 9.14 -3.12 -14.92
CA VAL E 28 7.91 -3.84 -15.25
C VAL E 28 8.25 -5.28 -15.61
N VAL E 29 7.62 -6.22 -14.92
CA VAL E 29 7.85 -7.63 -15.19
C VAL E 29 6.59 -8.26 -15.76
N THR E 30 6.57 -8.39 -17.07
CA THR E 30 5.43 -8.98 -17.78
C THR E 30 5.19 -10.44 -17.34
N ALA E 31 3.98 -10.94 -17.62
CA ALA E 31 3.61 -12.30 -17.25
C ALA E 31 4.48 -13.34 -17.97
N ALA E 32 5.13 -12.93 -19.04
CA ALA E 32 6.00 -13.82 -19.80
C ALA E 32 7.29 -14.05 -19.05
N ALA E 33 7.62 -13.10 -18.18
CA ALA E 33 8.84 -13.16 -17.37
C ALA E 33 10.11 -13.27 -18.22
N LEU E 34 11.22 -13.52 -17.56
CA LEU E 34 12.50 -13.66 -18.24
C LEU E 34 12.64 -15.08 -18.77
N HIS E 35 12.68 -15.23 -20.09
CA HIS E 35 12.79 -16.54 -20.70
C HIS E 35 14.23 -17.05 -20.70
N GLY E 36 15.13 -16.27 -20.13
CA GLY E 36 16.52 -16.66 -20.05
C GLY E 36 17.35 -15.63 -19.31
N GLY E 37 18.44 -16.08 -18.70
CA GLY E 37 19.30 -15.17 -17.97
C GLY E 37 19.27 -15.43 -16.48
N ILE E 38 20.36 -15.98 -15.95
CA ILE E 38 20.47 -16.28 -14.53
C ILE E 38 21.21 -15.15 -13.82
N ARG E 39 21.98 -14.39 -14.58
CA ARG E 39 22.75 -13.28 -14.05
C ARG E 39 21.88 -12.03 -13.92
N ILE E 40 20.80 -12.14 -13.15
CA ILE E 40 19.88 -11.03 -12.94
C ILE E 40 20.54 -9.90 -12.14
N SER E 41 20.64 -8.73 -12.75
CA SER E 41 21.23 -7.56 -12.12
C SER E 41 20.96 -6.32 -12.96
N ASP E 42 21.04 -5.15 -12.34
CA ASP E 42 20.82 -3.90 -13.04
C ASP E 42 22.08 -3.47 -13.79
N GLN E 43 21.91 -2.94 -14.98
CA GLN E 43 23.04 -2.51 -15.79
C GLN E 43 23.03 -1.00 -15.98
N THR E 44 22.03 -0.50 -16.69
CA THR E 44 21.91 0.92 -16.96
C THR E 44 21.53 1.71 -15.71
N THR E 45 22.04 2.92 -15.63
CA THR E 45 21.74 3.80 -14.51
C THR E 45 21.17 5.11 -15.03
N ASN E 46 19.89 5.32 -14.78
CA ASN E 46 19.21 6.51 -15.25
C ASN E 46 18.84 7.42 -14.07
N SER E 47 19.17 8.68 -14.20
CA SER E 47 18.87 9.65 -13.16
C SER E 47 18.25 10.89 -13.78
N VAL E 48 17.03 11.21 -13.35
CA VAL E 48 16.33 12.38 -13.88
C VAL E 48 16.49 13.57 -12.93
N GLU E 49 16.61 14.76 -13.50
CA GLU E 49 16.77 15.97 -12.70
C GLU E 49 15.46 16.42 -12.06
N THR E 50 14.59 17.02 -12.86
CA THR E 50 13.31 17.51 -12.37
C THR E 50 12.19 17.22 -13.37
N VAL E 51 11.19 16.47 -12.93
CA VAL E 51 10.06 16.12 -13.77
C VAL E 51 8.82 16.91 -13.35
N VAL E 52 8.34 17.76 -14.23
CA VAL E 52 7.15 18.56 -13.95
C VAL E 52 6.04 18.18 -14.93
N GLY E 53 5.14 17.32 -14.48
CA GLY E 53 4.05 16.88 -15.32
C GLY E 53 2.71 17.20 -14.71
N LYS E 54 1.92 18.00 -15.41
CA LYS E 54 0.60 18.38 -14.93
C LYS E 54 -0.44 18.20 -16.03
N GLY E 55 -1.55 17.58 -15.68
CA GLY E 55 -2.61 17.36 -16.65
C GLY E 55 -2.56 15.98 -17.26
N GLU E 56 -2.96 14.97 -16.47
CA GLU E 56 -2.98 13.57 -16.92
C GLU E 56 -1.61 13.03 -17.28
N SER E 57 -0.57 13.62 -16.70
CA SER E 57 0.80 13.19 -16.97
C SER E 57 1.14 11.92 -16.19
N ARG E 58 2.14 11.20 -16.67
CA ARG E 58 2.59 9.97 -16.04
C ARG E 58 4.11 9.87 -16.14
N VAL E 59 4.76 9.69 -15.00
CA VAL E 59 6.21 9.57 -14.97
C VAL E 59 6.63 8.11 -14.83
N LEU E 60 7.33 7.60 -15.82
CA LEU E 60 7.77 6.21 -15.80
C LEU E 60 9.29 6.15 -15.63
N ILE E 61 9.72 5.83 -14.41
CA ILE E 61 11.15 5.73 -14.13
C ILE E 61 11.53 4.30 -13.75
N GLY E 62 11.92 3.51 -14.73
CA GLY E 62 12.31 2.14 -14.50
C GLY E 62 12.58 1.42 -15.79
N ASN E 63 12.63 0.09 -15.74
CA ASN E 63 12.88 -0.71 -16.93
C ASN E 63 11.56 -1.18 -17.53
N GLU E 64 11.37 -0.91 -18.81
CA GLU E 64 10.15 -1.31 -19.50
C GLU E 64 10.27 -2.72 -20.09
N TYR E 65 9.29 -3.56 -19.76
CA TYR E 65 9.26 -4.93 -20.25
C TYR E 65 7.86 -5.50 -20.09
N GLY E 66 6.98 -5.11 -21.00
CA GLY E 66 5.60 -5.58 -20.96
C GLY E 66 5.25 -6.47 -22.14
N GLY E 67 4.93 -5.85 -23.26
CA GLY E 67 4.59 -6.61 -24.44
C GLY E 67 3.36 -6.06 -25.13
N LYS E 68 3.24 -4.75 -25.21
CA LYS E 68 2.11 -4.11 -25.86
C LYS E 68 2.53 -3.18 -26.98
N GLY E 69 3.25 -2.11 -26.62
CA GLY E 69 3.70 -1.17 -27.63
C GLY E 69 3.50 0.28 -27.21
N PHE E 70 3.52 0.54 -25.92
CA PHE E 70 3.37 1.91 -25.41
C PHE E 70 4.12 2.03 -24.09
N TRP E 71 5.27 2.72 -24.14
CA TRP E 71 6.13 2.87 -22.97
C TRP E 71 6.73 1.51 -22.61
N ASP E 72 6.67 0.63 -23.59
CA ASP E 72 7.17 -0.73 -23.47
C ASP E 72 7.38 -1.28 -24.88
N ASN E 73 8.02 -2.44 -24.98
CA ASN E 73 8.24 -3.05 -26.27
C ASN E 73 8.41 -4.56 -26.13
N HIS E 74 8.34 -5.26 -27.25
CA HIS E 74 8.46 -6.71 -27.29
C HIS E 74 8.81 -7.14 -28.71
N HIS E 75 9.27 -8.37 -28.87
CA HIS E 75 9.64 -8.87 -30.19
C HIS E 75 8.41 -9.35 -30.95
N HIS E 76 7.80 -10.45 -30.46
CA HIS E 76 6.60 -11.02 -31.06
C HIS E 76 6.90 -11.66 -32.43
N HIS E 77 5.92 -12.35 -32.97
CA HIS E 77 6.05 -13.00 -34.26
C HIS E 77 5.35 -12.17 -35.34
N HIS E 78 6.13 -11.69 -36.28
CA HIS E 78 5.61 -10.86 -37.37
C HIS E 78 5.50 -11.68 -38.64
N HIS E 79 4.33 -11.67 -39.24
CA HIS E 79 4.09 -12.41 -40.47
C HIS E 79 3.76 -11.43 -41.59
O1' CGO F . 12.55 2.65 18.16
C12 CGO F . 17.89 9.75 -3.18
O2' CGO F . 13.61 0.66 17.21
S1' CGO F . 13.29 2.11 16.96
O3' CGO F . 14.59 2.85 16.82
C12' CGO F . 9.16 0.74 16.63
C11' CGO F . 10.47 1.19 16.63
C10' CGO F . 11.01 1.82 15.52
C9' CGO F . 12.31 2.28 15.52
C8' CGO F . 12.84 2.90 14.39
C13' CGO F . 8.38 0.91 15.48
C14' CGO F . 8.92 1.53 14.36
C15' CGO F . 10.22 1.98 14.37
C16' CGO F . 10.75 2.61 13.25
C7' CGO F . 12.07 3.06 13.25
N2' CGO F . 12.66 3.52 12.15
N1' CGO F . 12.10 3.56 11.07
C4' CGO F . 12.73 4.06 10.00
C5' CGO F . 14.02 4.54 10.14
C6' CGO F . 14.68 5.08 9.04
O1 CGO F . 20.17 11.12 -0.38
N3' CGO F . 9.92 2.89 12.25
C3' CGO F . 12.09 4.09 8.78
C2' CGO F . 12.75 4.63 7.67
C1' CGO F . 14.04 5.11 7.80
C1 CGO F . 14.69 5.67 6.70
C2 CGO F . 14.10 5.64 5.44
C3 CGO F . 14.75 6.21 4.35
S1 CGO F . 20.03 10.02 0.63
N3 CGO F . 14.87 7.34 -0.07
O2 CGO F . 21.17 9.06 0.46
O3 CGO F . 20.08 10.62 1.99
C6 CGO F . 15.94 6.26 6.86
C5 CGO F . 16.60 6.83 5.78
C4 CGO F . 16.00 6.80 4.52
N1 CGO F . 16.61 7.37 3.48
N2 CGO F . 16.06 7.37 2.37
C7 CGO F . 16.67 7.95 1.33
C16 CGO F . 16.05 7.93 0.09
C15 CGO F . 16.66 8.55 -0.99
C14 CGO F . 16.05 8.53 -2.24
C13 CGO F . 16.66 9.13 -3.33
C8 CGO F . 17.89 8.57 1.50
C9 CGO F . 18.50 9.19 0.41
C10 CGO F . 17.89 9.19 -0.84
C11 CGO F . 18.50 9.78 -1.93
H12 CGO F . 18.33 10.19 -3.96
H12' CGO F . 8.77 0.30 17.44
H11' CGO F . 11.04 1.08 17.45
H8' CGO F . 13.78 3.24 14.40
H13' CGO F . 7.44 0.57 15.47
H14' CGO F . 8.35 1.64 13.54
H5' CGO F . 14.49 4.51 11.02
H6' CGO F . 15.61 5.42 9.13
HN1' CGO F . 10.24 3.43 11.47
HN2' CGO F . 8.99 2.55 12.26
H3' CGO F . 11.17 3.74 8.69
H2' CGO F . 12.29 4.66 6.78
H2 CGO F . 13.20 5.21 5.32
H3 CGO F . 14.31 6.19 3.45
HN2 CGO F . 14.42 7.34 -0.96
HN1 CGO F . 14.42 6.89 0.72
H6 CGO F . 16.38 6.27 7.76
H5 CGO F . 17.49 7.25 5.89
H14 CGO F . 15.15 8.07 -2.35
H13 CGO F . 16.22 9.11 -4.23
H8 CGO F . 18.35 8.57 2.38
H11 CGO F . 19.39 10.24 -1.81
N ARG A 9 0.22 -11.77 19.38
CA ARG A 9 0.74 -11.03 20.56
C ARG A 9 0.45 -9.55 20.43
N ASN A 10 -0.19 -8.97 21.44
CA ASN A 10 -0.53 -7.55 21.46
C ASN A 10 0.12 -6.89 22.67
N SER A 11 0.97 -5.90 22.43
CA SER A 11 1.65 -5.22 23.52
C SER A 11 1.69 -3.70 23.32
N ALA A 12 1.40 -2.96 24.38
CA ALA A 12 1.41 -1.51 24.36
C ALA A 12 2.22 -0.99 25.54
N LYS A 13 3.15 -0.09 25.27
CA LYS A 13 4.00 0.44 26.34
C LYS A 13 3.40 1.70 26.97
N ASP A 14 3.42 2.81 26.27
CA ASP A 14 2.88 4.06 26.80
C ASP A 14 1.64 4.51 26.05
N ILE A 15 0.54 4.64 26.75
CA ILE A 15 -0.71 5.05 26.13
C ILE A 15 -1.35 6.21 26.91
N ARG A 16 -1.68 7.28 26.21
CA ARG A 16 -2.30 8.44 26.85
C ARG A 16 -3.56 8.87 26.11
N THR A 17 -4.66 8.95 26.85
CA THR A 17 -5.94 9.36 26.28
C THR A 17 -6.54 10.51 27.09
N GLU A 18 -6.53 11.69 26.49
CA GLU A 18 -7.04 12.87 27.17
C GLU A 18 -8.29 13.43 26.50
N GLU A 19 -9.22 13.89 27.33
CA GLU A 19 -10.48 14.49 26.89
C GLU A 19 -11.42 13.52 26.16
N ARG A 20 -12.32 12.90 26.92
CA ARG A 20 -13.31 11.97 26.39
C ARG A 20 -12.68 10.88 25.51
N ALA A 21 -11.49 10.46 25.87
CA ALA A 21 -10.81 9.43 25.12
C ALA A 21 -10.77 8.13 25.91
N ARG A 22 -10.58 7.02 25.21
CA ARG A 22 -10.53 5.71 25.84
C ARG A 22 -9.63 4.76 25.08
N VAL A 23 -9.12 3.75 25.77
CA VAL A 23 -8.23 2.77 25.16
C VAL A 23 -8.60 1.36 25.60
N GLN A 24 -8.67 0.44 24.65
CA GLN A 24 -8.99 -0.95 24.93
C GLN A 24 -7.86 -1.85 24.45
N LEU A 25 -7.64 -2.96 25.15
CA LEU A 25 -6.59 -3.91 24.80
C LEU A 25 -7.19 -5.30 24.62
N GLY A 26 -6.87 -5.93 23.49
CA GLY A 26 -7.39 -7.26 23.22
C GLY A 26 -7.88 -7.41 21.80
N ASN A 27 -8.91 -8.22 21.61
CA ASN A 27 -9.47 -8.43 20.29
C ASN A 27 -10.95 -8.05 20.29
N VAL A 28 -11.45 -7.63 19.14
CA VAL A 28 -12.86 -7.24 19.04
C VAL A 28 -13.59 -8.08 18.01
N VAL A 29 -14.33 -9.06 18.49
CA VAL A 29 -15.11 -9.93 17.62
C VAL A 29 -16.52 -9.36 17.47
N THR A 30 -16.89 -8.97 16.26
CA THR A 30 -18.21 -8.40 16.02
C THR A 30 -19.25 -9.50 15.83
N ALA A 31 -20.51 -9.11 15.79
CA ALA A 31 -21.60 -10.07 15.61
C ALA A 31 -21.62 -10.62 14.19
N ALA A 32 -20.76 -10.07 13.34
CA ALA A 32 -20.66 -10.51 11.95
C ALA A 32 -19.54 -11.53 11.81
N ALA A 33 -18.99 -11.93 12.94
CA ALA A 33 -17.90 -12.91 12.98
C ALA A 33 -18.37 -14.18 13.68
N LEU A 34 -19.66 -14.47 13.53
CA LEU A 34 -20.30 -15.64 14.12
C LEU A 34 -20.41 -15.55 15.64
N HIS A 35 -19.35 -15.93 16.35
CA HIS A 35 -19.36 -15.91 17.80
C HIS A 35 -17.97 -15.64 18.36
N GLY A 36 -17.90 -15.33 19.65
CA GLY A 36 -16.63 -15.04 20.29
C GLY A 36 -15.87 -16.31 20.62
N GLY A 37 -15.38 -16.98 19.59
CA GLY A 37 -14.63 -18.20 19.77
C GLY A 37 -13.22 -17.93 20.26
N ILE A 38 -12.57 -16.93 19.65
CA ILE A 38 -11.19 -16.55 19.98
C ILE A 38 -10.19 -17.61 19.51
N ARG A 39 -9.00 -17.15 19.13
CA ARG A 39 -7.92 -18.03 18.65
C ARG A 39 -8.24 -18.60 17.27
N ILE A 40 -8.02 -17.81 16.25
CA ILE A 40 -8.27 -18.23 14.88
C ILE A 40 -6.96 -18.32 14.11
N SER A 41 -6.13 -17.29 14.24
CA SER A 41 -4.85 -17.24 13.57
C SER A 41 -3.75 -16.84 14.55
N ASP A 42 -3.84 -15.62 15.07
CA ASP A 42 -2.88 -15.10 16.05
C ASP A 42 -1.44 -15.18 15.54
N GLN A 43 -1.29 -15.03 14.24
CA GLN A 43 0.02 -15.09 13.59
C GLN A 43 0.68 -13.72 13.48
N THR A 44 0.15 -12.74 14.19
CA THR A 44 0.72 -11.41 14.14
C THR A 44 1.25 -10.93 15.48
N THR A 45 2.36 -10.20 15.43
CA THR A 45 2.98 -9.66 16.62
C THR A 45 2.87 -8.14 16.57
N ASN A 46 1.93 -7.59 17.30
CA ASN A 46 1.71 -6.16 17.32
C ASN A 46 2.37 -5.53 18.53
N SER A 47 3.18 -4.52 18.29
CA SER A 47 3.90 -3.83 19.35
C SER A 47 3.88 -2.32 19.14
N VAL A 48 3.38 -1.60 20.12
CA VAL A 48 3.32 -0.15 20.03
C VAL A 48 4.05 0.52 21.20
N GLU A 49 4.87 1.51 20.88
CA GLU A 49 5.64 2.24 21.87
C GLU A 49 4.79 3.29 22.59
N THR A 50 4.43 4.36 21.89
CA THR A 50 3.65 5.43 22.50
C THR A 50 2.43 5.80 21.65
N VAL A 51 1.26 5.79 22.28
CA VAL A 51 0.02 6.15 21.60
C VAL A 51 -0.57 7.40 22.26
N VAL A 52 -0.86 8.40 21.45
CA VAL A 52 -1.42 9.65 21.96
C VAL A 52 -2.81 9.92 21.37
N GLY A 53 -3.79 10.07 22.25
CA GLY A 53 -5.15 10.36 21.83
C GLY A 53 -5.63 11.63 22.49
N LYS A 54 -5.97 12.63 21.69
CA LYS A 54 -6.42 13.90 22.24
C LYS A 54 -7.77 14.34 21.67
N GLY A 55 -8.79 14.32 22.51
CA GLY A 55 -10.11 14.73 22.10
C GLY A 55 -10.92 13.65 21.40
N GLU A 56 -11.71 12.91 22.20
CA GLU A 56 -12.58 11.85 21.69
C GLU A 56 -11.83 10.85 20.81
N SER A 57 -10.66 10.46 21.25
CA SER A 57 -9.86 9.51 20.51
C SER A 57 -10.07 8.09 21.03
N ARG A 58 -10.29 7.17 20.11
CA ARG A 58 -10.50 5.78 20.46
C ARG A 58 -9.28 4.95 20.09
N VAL A 59 -8.61 4.41 21.10
CA VAL A 59 -7.43 3.61 20.87
C VAL A 59 -7.74 2.13 21.09
N LEU A 60 -7.49 1.33 20.07
CA LEU A 60 -7.74 -0.10 20.15
C LEU A 60 -6.43 -0.87 19.99
N ILE A 61 -5.96 -1.46 21.07
CA ILE A 61 -4.72 -2.23 21.04
C ILE A 61 -5.04 -3.70 20.79
N GLY A 62 -5.06 -4.08 19.52
CA GLY A 62 -5.35 -5.44 19.15
C GLY A 62 -5.98 -5.54 17.77
N ASN A 63 -6.42 -6.75 17.40
CA ASN A 63 -7.02 -6.97 16.10
C ASN A 63 -8.55 -7.03 16.20
N GLU A 64 -9.21 -6.84 15.08
CA GLU A 64 -10.66 -6.87 15.03
C GLU A 64 -11.16 -7.91 14.04
N TYR A 65 -12.46 -8.08 14.01
CA TYR A 65 -13.11 -9.02 13.10
C TYR A 65 -14.38 -8.38 12.54
N GLY A 66 -14.20 -7.34 11.74
CA GLY A 66 -15.33 -6.63 11.16
C GLY A 66 -15.88 -7.30 9.91
N GLY A 67 -17.12 -7.76 10.00
CA GLY A 67 -17.77 -8.40 8.87
C GLY A 67 -18.74 -7.47 8.18
N LYS A 68 -19.31 -6.55 8.94
CA LYS A 68 -20.27 -5.59 8.40
C LYS A 68 -19.53 -4.35 7.91
N GLY A 69 -18.61 -3.88 8.73
CA GLY A 69 -17.82 -2.71 8.39
C GLY A 69 -16.60 -2.62 9.27
N PHE A 70 -15.57 -1.94 8.80
CA PHE A 70 -14.34 -1.79 9.56
C PHE A 70 -14.61 -0.93 10.79
N TRP A 71 -14.52 -1.55 11.97
CA TRP A 71 -14.77 -0.88 13.25
C TRP A 71 -16.24 -0.46 13.36
N ASP A 72 -16.57 0.66 12.73
CA ASP A 72 -17.94 1.20 12.74
C ASP A 72 -18.09 2.22 11.61
N ASN A 73 -17.32 2.01 10.55
CA ASN A 73 -17.36 2.91 9.39
C ASN A 73 -18.60 2.69 8.55
N HIS A 74 -19.43 3.70 8.46
CA HIS A 74 -20.65 3.62 7.68
C HIS A 74 -20.75 4.80 6.72
N HIS A 75 -20.50 4.54 5.45
CA HIS A 75 -20.58 5.58 4.43
C HIS A 75 -21.69 5.30 3.44
N HIS A 76 -22.38 6.34 3.01
CA HIS A 76 -23.48 6.20 2.08
C HIS A 76 -23.23 7.01 0.80
N HIS A 77 -22.95 8.29 0.98
CA HIS A 77 -22.69 9.18 -0.13
C HIS A 77 -21.34 8.89 -0.76
N HIS A 78 -21.26 8.98 -2.08
CA HIS A 78 -20.01 8.73 -2.78
C HIS A 78 -19.87 9.67 -3.96
N HIS A 79 -18.64 10.03 -4.26
CA HIS A 79 -18.36 10.94 -5.37
C HIS A 79 -18.17 10.14 -6.66
N ARG B 9 6.04 -9.00 11.51
CA ARG B 9 5.85 -8.30 12.81
C ARG B 9 5.44 -6.86 12.56
N ASN B 10 4.59 -6.34 13.43
CA ASN B 10 4.12 -4.96 13.31
C ASN B 10 4.56 -4.17 14.54
N SER B 11 5.39 -3.17 14.33
CA SER B 11 5.87 -2.35 15.44
C SER B 11 5.71 -0.87 15.13
N ALA B 12 5.24 -0.12 16.12
CA ALA B 12 5.05 1.30 15.97
C ALA B 12 5.68 2.07 17.12
N LYS B 13 6.17 3.27 16.85
CA LYS B 13 6.81 4.08 17.87
C LYS B 13 5.91 5.18 18.41
N ASP B 14 5.80 6.28 17.68
CA ASP B 14 5.01 7.43 18.14
C ASP B 14 3.78 7.64 17.26
N ILE B 15 2.61 7.47 17.83
CA ILE B 15 1.36 7.66 17.10
C ILE B 15 0.54 8.75 17.77
N ARG B 16 0.41 9.89 17.11
CA ARG B 16 -0.35 11.01 17.65
C ARG B 16 -1.65 11.23 16.89
N THR B 17 -2.75 10.88 17.52
CA THR B 17 -4.08 11.02 16.93
C THR B 17 -4.91 12.03 17.71
N GLU B 18 -5.38 13.07 17.03
CA GLU B 18 -6.18 14.09 17.69
C GLU B 18 -7.46 14.41 16.91
N GLU B 19 -8.44 14.93 17.66
CA GLU B 19 -9.73 15.34 17.11
C GLU B 19 -10.56 14.17 16.55
N ARG B 20 -11.16 13.41 17.47
CA ARG B 20 -12.03 12.28 17.10
C ARG B 20 -11.32 11.25 16.22
N ALA B 21 -10.00 11.19 16.34
CA ALA B 21 -9.21 10.25 15.56
C ALA B 21 -9.28 8.85 16.17
N ARG B 22 -9.13 7.84 15.32
CA ARG B 22 -9.18 6.46 15.76
C ARG B 22 -7.96 5.69 15.28
N VAL B 23 -7.34 4.95 16.18
CA VAL B 23 -6.14 4.18 15.86
C VAL B 23 -6.28 2.73 16.35
N GLN B 24 -5.86 1.79 15.50
CA GLN B 24 -5.92 0.38 15.84
C GLN B 24 -4.55 -0.27 15.71
N LEU B 25 -4.15 -0.99 16.74
CA LEU B 25 -2.88 -1.67 16.76
C LEU B 25 -3.06 -3.17 16.51
N GLY B 26 -3.37 -3.51 15.27
CA GLY B 26 -3.57 -4.91 14.93
C GLY B 26 -3.90 -5.12 13.48
N ASN B 27 -4.13 -6.37 13.11
CA ASN B 27 -4.45 -6.71 11.74
C ASN B 27 -5.96 -6.80 11.55
N VAL B 28 -6.41 -6.65 10.32
CA VAL B 28 -7.84 -6.70 10.01
C VAL B 28 -8.21 -8.03 9.35
N VAL B 29 -9.16 -8.73 9.95
CA VAL B 29 -9.63 -10.00 9.41
C VAL B 29 -11.12 -9.92 9.15
N THR B 30 -11.49 -9.71 7.89
CA THR B 30 -12.90 -9.60 7.52
C THR B 30 -13.53 -10.99 7.39
N ALA B 31 -14.85 -11.01 7.26
CA ALA B 31 -15.59 -12.27 7.12
C ALA B 31 -15.30 -12.95 5.79
N ALA B 32 -14.61 -12.25 4.90
CA ALA B 32 -14.28 -12.78 3.59
C ALA B 32 -13.07 -13.71 3.70
N ALA B 33 -12.33 -13.59 4.80
CA ALA B 33 -11.14 -14.41 5.04
C ALA B 33 -11.52 -15.71 5.74
N LEU B 34 -12.80 -15.88 6.00
CA LEU B 34 -13.30 -17.09 6.67
C LEU B 34 -13.26 -18.28 5.71
N HIS B 35 -12.44 -19.27 6.07
CA HIS B 35 -12.27 -20.49 5.28
C HIS B 35 -11.57 -20.19 3.96
N GLY B 36 -10.26 -20.01 4.04
CA GLY B 36 -9.46 -19.71 2.86
C GLY B 36 -7.98 -19.75 3.15
N GLY B 37 -7.18 -19.23 2.23
CA GLY B 37 -5.75 -19.21 2.43
C GLY B 37 -5.29 -17.97 3.17
N ILE B 38 -4.85 -18.16 4.41
CA ILE B 38 -4.39 -17.05 5.24
C ILE B 38 -2.87 -17.00 5.29
N ARG B 39 -2.24 -17.74 4.40
CA ARG B 39 -0.78 -17.78 4.33
C ARG B 39 -0.32 -17.83 2.88
N ILE B 40 0.18 -16.69 2.38
CA ILE B 40 0.64 -16.62 1.00
C ILE B 40 2.16 -16.56 0.92
N SER B 41 2.81 -17.18 1.92
CA SER B 41 4.27 -17.19 2.00
C SER B 41 4.81 -15.78 2.19
N ASP B 42 3.99 -14.95 2.81
CA ASP B 42 4.32 -13.57 3.07
C ASP B 42 5.33 -13.45 4.21
N GLN B 43 6.28 -12.56 4.05
CA GLN B 43 7.31 -12.35 5.04
C GLN B 43 7.82 -10.91 4.98
N THR B 44 7.43 -10.10 5.96
CA THR B 44 7.84 -8.71 6.00
C THR B 44 7.65 -8.12 7.39
N THR B 45 8.30 -7.00 7.64
CA THR B 45 8.23 -6.31 8.92
C THR B 45 7.77 -4.87 8.70
N ASN B 46 6.67 -4.50 9.33
CA ASN B 46 6.15 -3.16 9.21
C ASN B 46 6.47 -2.36 10.46
N SER B 47 7.34 -1.38 10.31
CA SER B 47 7.73 -0.54 11.44
C SER B 47 7.65 0.93 11.07
N VAL B 48 6.81 1.66 11.78
CA VAL B 48 6.65 3.09 11.53
C VAL B 48 7.13 3.89 12.75
N GLU B 49 7.89 4.94 12.50
CA GLU B 49 8.42 5.74 13.59
C GLU B 49 7.42 6.77 14.11
N THR B 50 7.19 7.82 13.33
CA THR B 50 6.26 8.87 13.75
C THR B 50 5.04 8.95 12.84
N VAL B 51 3.86 8.88 13.45
CA VAL B 51 2.60 8.96 12.71
C VAL B 51 1.76 10.09 13.28
N VAL B 52 1.40 11.05 12.44
CA VAL B 52 0.58 12.17 12.87
C VAL B 52 -0.79 12.14 12.22
N GLY B 53 -1.82 12.03 13.04
CA GLY B 53 -3.18 12.00 12.55
C GLY B 53 -4.01 13.11 13.15
N LYS B 54 -4.43 14.04 12.31
CA LYS B 54 -5.23 15.17 12.78
C LYS B 54 -6.50 15.32 11.96
N GLY B 55 -7.63 15.48 12.65
CA GLY B 55 -8.89 15.63 11.96
C GLY B 55 -9.53 14.30 11.59
N GLU B 56 -9.92 13.54 12.61
CA GLU B 56 -10.56 12.23 12.41
C GLU B 56 -9.72 11.31 11.53
N SER B 57 -8.43 11.23 11.82
CA SER B 57 -7.54 10.38 11.06
C SER B 57 -7.70 8.92 11.48
N ARG B 58 -7.13 8.02 10.69
CA ARG B 58 -7.20 6.60 10.97
C ARG B 58 -5.85 5.96 10.77
N VAL B 59 -5.30 5.42 11.84
CA VAL B 59 -4.00 4.78 11.78
C VAL B 59 -4.13 3.27 11.99
N LEU B 60 -3.72 2.50 11.00
CA LEU B 60 -3.81 1.05 11.08
C LEU B 60 -2.43 0.42 11.05
N ILE B 61 -2.04 -0.20 12.14
CA ILE B 61 -0.74 -0.86 12.22
C ILE B 61 -0.93 -2.38 12.11
N GLY B 62 -0.95 -2.86 10.89
CA GLY B 62 -1.13 -4.28 10.65
C GLY B 62 -1.64 -4.52 9.24
N ASN B 63 -1.64 -5.77 8.80
CA ASN B 63 -2.10 -6.10 7.46
C ASN B 63 -3.60 -6.37 7.44
N GLU B 64 -4.18 -6.44 6.26
CA GLU B 64 -5.61 -6.68 6.14
C GLU B 64 -5.91 -7.78 5.13
N TYR B 65 -7.14 -8.26 5.15
CA TYR B 65 -7.58 -9.30 4.25
C TYR B 65 -9.06 -9.08 3.93
N GLY B 66 -9.31 -8.14 3.02
CA GLY B 66 -10.69 -7.86 2.63
C GLY B 66 -11.12 -8.61 1.40
N GLY B 67 -11.31 -7.88 0.31
CA GLY B 67 -11.73 -8.51 -0.93
C GLY B 67 -12.90 -7.76 -1.56
N LYS B 68 -13.77 -7.25 -0.71
CA LYS B 68 -14.93 -6.48 -1.16
C LYS B 68 -14.66 -5.00 -0.97
N GLY B 69 -13.37 -4.68 -0.93
CA GLY B 69 -12.92 -3.32 -0.73
C GLY B 69 -11.46 -3.33 -0.38
N PHE B 70 -10.91 -2.17 -0.08
CA PHE B 70 -9.50 -2.05 0.27
C PHE B 70 -9.36 -1.23 1.54
N TRP B 71 -9.87 -1.76 2.65
CA TRP B 71 -9.84 -1.10 3.96
C TRP B 71 -10.80 0.11 4.01
N ASP B 72 -10.73 0.94 2.99
CA ASP B 72 -11.57 2.12 2.87
C ASP B 72 -12.50 1.97 1.66
N ASN B 73 -13.18 3.04 1.29
CA ASN B 73 -14.09 2.99 0.14
C ASN B 73 -13.66 3.96 -0.95
N HIS B 74 -13.50 3.43 -2.15
CA HIS B 74 -13.12 4.22 -3.30
C HIS B 74 -13.58 3.52 -4.58
N HIS B 75 -14.36 4.23 -5.39
CA HIS B 75 -14.88 3.66 -6.62
C HIS B 75 -15.20 4.76 -7.61
N HIS B 76 -14.86 4.54 -8.87
CA HIS B 76 -15.12 5.50 -9.93
C HIS B 76 -14.85 4.84 -11.28
N HIS B 77 -14.98 5.60 -12.35
CA HIS B 77 -14.75 5.08 -13.69
C HIS B 77 -13.42 5.57 -14.23
N HIS B 78 -12.89 4.87 -15.22
CA HIS B 78 -11.61 5.23 -15.82
C HIS B 78 -11.81 6.16 -17.01
N HIS B 79 -10.77 6.29 -17.82
CA HIS B 79 -10.81 7.12 -19.00
C HIS B 79 -10.11 6.42 -20.15
N ARG C 9 11.35 -5.87 4.30
CA ARG C 9 10.72 -5.06 5.36
C ARG C 9 10.26 -3.71 4.83
N ASN C 10 9.38 -3.06 5.58
CA ASN C 10 8.86 -1.76 5.21
C ASN C 10 8.92 -0.83 6.42
N SER C 11 9.75 0.20 6.32
CA SER C 11 9.91 1.14 7.42
C SER C 11 9.65 2.57 6.97
N ALA C 12 9.02 3.34 7.85
CA ALA C 12 8.70 4.73 7.57
C ALA C 12 9.17 5.61 8.72
N LYS C 13 9.71 6.76 8.37
CA LYS C 13 10.22 7.70 9.36
C LYS C 13 9.11 8.61 9.90
N ASP C 14 8.61 9.51 9.05
CA ASP C 14 7.57 10.46 9.46
C ASP C 14 6.41 10.46 8.48
N ILE C 15 5.24 10.07 8.97
CA ILE C 15 4.03 10.04 8.15
C ILE C 15 2.97 10.96 8.76
N ARG C 16 2.55 11.94 8.00
CA ARG C 16 1.55 12.89 8.46
C ARG C 16 0.28 12.80 7.64
N THR C 17 -0.81 12.39 8.28
CA THR C 17 -2.10 12.25 7.61
C THR C 17 -3.16 13.10 8.32
N GLU C 18 -3.43 14.27 7.77
CA GLU C 18 -4.42 15.16 8.35
C GLU C 18 -5.52 15.47 7.34
N GLU C 19 -6.57 16.13 7.81
CA GLU C 19 -7.71 16.49 6.96
C GLU C 19 -8.47 15.24 6.52
N ARG C 20 -8.97 14.48 7.51
CA ARG C 20 -9.75 13.27 7.26
C ARG C 20 -8.93 12.18 6.55
N ALA C 21 -7.61 12.31 6.56
CA ALA C 21 -6.74 11.33 5.91
C ALA C 21 -6.60 10.06 6.76
N ARG C 22 -5.89 9.08 6.23
CA ARG C 22 -5.68 7.82 6.93
C ARG C 22 -4.47 7.09 6.36
N VAL C 23 -3.81 6.28 7.18
CA VAL C 23 -2.63 5.54 6.75
C VAL C 23 -2.71 4.08 7.14
N GLN C 24 -2.26 3.21 6.23
CA GLN C 24 -2.26 1.78 6.47
C GLN C 24 -0.84 1.24 6.46
N LEU C 25 -0.43 0.62 7.56
CA LEU C 25 0.90 0.06 7.68
C LEU C 25 0.87 -1.45 7.60
N GLY C 26 0.90 -1.98 6.39
CA GLY C 26 0.87 -3.42 6.22
C GLY C 26 0.66 -3.84 4.78
N ASN C 27 0.49 -5.13 4.57
CA ASN C 27 0.26 -5.68 3.24
C ASN C 27 -1.23 -5.90 2.99
N VAL C 28 -1.64 -5.71 1.74
CA VAL C 28 -3.04 -5.88 1.37
C VAL C 28 -3.24 -7.16 0.55
N VAL C 29 -3.78 -8.18 1.20
CA VAL C 29 -4.03 -9.45 0.53
C VAL C 29 -5.52 -9.68 0.38
N THR C 30 -5.99 -9.66 -0.86
CA THR C 30 -7.41 -9.86 -1.13
C THR C 30 -7.74 -11.36 -1.16
N ALA C 31 -9.03 -11.67 -1.00
CA ALA C 31 -9.50 -13.06 -1.00
C ALA C 31 -9.38 -13.71 -2.39
N ALA C 32 -8.78 -12.99 -3.32
CA ALA C 32 -8.59 -13.49 -4.67
C ALA C 32 -7.19 -14.07 -4.82
N ALA C 33 -6.45 -14.08 -3.71
CA ALA C 33 -5.09 -14.60 -3.71
C ALA C 33 -4.98 -15.83 -2.81
N LEU C 34 -5.31 -16.99 -3.36
CA LEU C 34 -5.24 -18.24 -2.61
C LEU C 34 -3.92 -18.95 -2.88
N HIS C 35 -3.18 -18.45 -3.85
CA HIS C 35 -1.88 -19.01 -4.20
C HIS C 35 -0.81 -18.44 -3.29
N GLY C 36 -0.28 -19.28 -2.41
CA GLY C 36 0.74 -18.82 -1.48
C GLY C 36 1.80 -19.88 -1.22
N GLY C 37 1.56 -20.68 -0.20
CA GLY C 37 2.50 -21.71 0.16
C GLY C 37 3.36 -21.30 1.35
N ILE C 38 4.54 -21.90 1.46
CA ILE C 38 5.44 -21.59 2.55
C ILE C 38 6.90 -21.72 2.12
N ARG C 39 7.55 -20.59 1.91
CA ARG C 39 8.95 -20.56 1.49
C ARG C 39 9.58 -19.21 1.86
N ILE C 40 10.80 -19.24 2.37
CA ILE C 40 11.50 -18.02 2.74
C ILE C 40 12.56 -17.66 1.70
N SER C 41 12.59 -16.39 1.31
CA SER C 41 13.54 -15.91 0.32
C SER C 41 13.74 -14.41 0.51
N ASP C 42 14.59 -13.81 -0.31
CA ASP C 42 14.86 -12.38 -0.22
C ASP C 42 13.68 -11.56 -0.74
N GLN C 43 13.69 -10.26 -0.48
CA GLN C 43 12.61 -9.38 -0.91
C GLN C 43 13.10 -7.94 -0.95
N THR C 44 12.48 -7.13 -1.81
CA THR C 44 12.84 -5.73 -1.94
C THR C 44 12.53 -4.96 -0.65
N THR C 45 13.49 -4.18 -0.20
CA THR C 45 13.31 -3.39 1.00
C THR C 45 12.79 -2.00 0.63
N ASN C 46 11.69 -1.60 1.23
CA ASN C 46 11.08 -0.31 0.95
C ASN C 46 11.04 0.55 2.21
N SER C 47 11.63 1.73 2.12
CA SER C 47 11.67 2.65 3.25
C SER C 47 11.48 4.09 2.76
N VAL C 48 10.76 4.88 3.53
CA VAL C 48 10.50 6.27 3.17
C VAL C 48 10.73 7.20 4.35
N GLU C 49 11.25 8.39 4.08
CA GLU C 49 11.53 9.38 5.11
C GLU C 49 10.29 10.19 5.49
N THR C 50 9.91 11.13 4.65
CA THR C 50 8.76 11.98 4.94
C THR C 50 7.60 11.77 3.99
N VAL C 51 6.43 11.53 4.57
CA VAL C 51 5.20 11.33 3.79
C VAL C 51 4.13 12.30 4.31
N VAL C 52 3.80 13.30 3.51
CA VAL C 52 2.80 14.27 3.90
C VAL C 52 1.50 14.06 3.11
N GLY C 53 0.41 13.92 3.84
CA GLY C 53 -0.88 13.73 3.22
C GLY C 53 -1.95 14.62 3.83
N LYS C 54 -2.56 15.46 3.02
CA LYS C 54 -3.60 16.36 3.49
C LYS C 54 -4.76 16.44 2.49
N GLY C 55 -5.96 16.16 2.97
CA GLY C 55 -7.13 16.22 2.12
C GLY C 55 -7.55 14.88 1.57
N GLU C 56 -8.14 14.04 2.42
CA GLU C 56 -8.60 12.71 2.03
C GLU C 56 -7.47 11.83 1.49
N SER C 57 -6.24 12.15 1.86
CA SER C 57 -5.09 11.38 1.39
C SER C 57 -5.05 9.98 2.02
N ARG C 58 -4.51 9.03 1.27
CA ARG C 58 -4.39 7.66 1.74
C ARG C 58 -2.98 7.14 1.49
N VAL C 59 -2.32 6.71 2.56
CA VAL C 59 -0.95 6.21 2.47
C VAL C 59 -0.93 4.70 2.68
N LEU C 60 -0.26 3.98 1.78
CA LEU C 60 -0.14 2.54 1.87
C LEU C 60 1.33 2.14 1.92
N ILE C 61 1.77 1.65 3.06
CA ILE C 61 3.15 1.23 3.23
C ILE C 61 3.25 -0.29 3.29
N GLY C 62 3.48 -0.91 2.15
CA GLY C 62 3.59 -2.35 2.08
C GLY C 62 3.38 -2.87 0.67
N ASN C 63 3.05 -4.14 0.54
CA ASN C 63 2.83 -4.74 -0.77
C ASN C 63 1.38 -5.17 -0.91
N GLU C 64 0.88 -5.15 -2.13
CA GLU C 64 -0.50 -5.55 -2.38
C GLU C 64 -0.59 -6.75 -3.32
N TYR C 65 -1.58 -7.59 -3.06
CA TYR C 65 -1.83 -8.78 -3.86
C TYR C 65 -3.28 -8.78 -4.32
N GLY C 66 -3.52 -8.35 -5.54
CA GLY C 66 -4.88 -8.29 -6.06
C GLY C 66 -4.95 -8.59 -7.55
N GLY C 67 -6.13 -8.96 -8.02
CA GLY C 67 -6.30 -9.28 -9.43
C GLY C 67 -7.09 -8.21 -10.17
N LYS C 68 -8.00 -7.54 -9.46
CA LYS C 68 -8.82 -6.50 -10.06
C LYS C 68 -7.96 -5.36 -10.61
N GLY C 69 -6.98 -4.95 -9.82
CA GLY C 69 -6.09 -3.88 -10.21
C GLY C 69 -5.17 -3.50 -9.07
N PHE C 70 -5.12 -2.22 -8.75
CA PHE C 70 -4.27 -1.74 -7.67
C PHE C 70 -5.14 -1.26 -6.50
N TRP C 71 -4.54 -0.54 -5.57
CA TRP C 71 -5.26 -0.02 -4.40
C TRP C 71 -6.51 0.79 -4.76
N ASP C 72 -6.48 1.45 -5.92
CA ASP C 72 -7.63 2.24 -6.37
C ASP C 72 -8.11 1.75 -7.74
N ASN C 73 -9.37 2.03 -8.04
CA ASN C 73 -9.96 1.58 -9.30
C ASN C 73 -10.52 2.73 -10.13
N HIS C 74 -9.92 3.90 -9.99
CA HIS C 74 -10.37 5.08 -10.73
C HIS C 74 -9.73 5.13 -12.12
N HIS C 75 -8.66 4.38 -12.33
CA HIS C 75 -8.01 4.36 -13.63
C HIS C 75 -7.69 2.94 -14.08
N HIS C 76 -7.59 2.76 -15.41
CA HIS C 76 -7.33 1.44 -16.00
C HIS C 76 -8.46 0.46 -15.70
N HIS C 77 -8.36 -0.77 -16.19
CA HIS C 77 -9.40 -1.76 -15.94
C HIS C 77 -9.00 -3.19 -16.26
N HIS C 78 -9.41 -3.67 -17.43
CA HIS C 78 -9.14 -5.05 -17.82
C HIS C 78 -7.99 -5.15 -18.79
N HIS C 79 -8.27 -5.05 -20.09
CA HIS C 79 -7.23 -5.20 -21.10
C HIS C 79 -7.62 -4.51 -22.39
N ARG D 9 14.94 -2.75 -4.01
CA ARG D 9 15.17 -1.65 -3.06
C ARG D 9 14.44 -0.41 -3.51
N ASN D 10 13.48 0.04 -2.71
CA ASN D 10 12.70 1.22 -3.04
C ASN D 10 12.72 2.20 -1.86
N SER D 11 13.37 3.33 -2.05
CA SER D 11 13.47 4.33 -1.00
C SER D 11 13.07 5.71 -1.49
N ALA D 12 12.37 6.44 -0.64
CA ALA D 12 11.92 7.79 -0.98
C ALA D 12 12.29 8.77 0.11
N LYS D 13 12.57 10.02 -0.27
CA LYS D 13 12.95 11.05 0.67
C LYS D 13 11.73 11.86 1.15
N ASP D 14 11.19 12.69 0.28
CA ASP D 14 10.05 13.53 0.63
C ASP D 14 8.91 13.35 -0.36
N ILE D 15 7.78 12.85 0.12
CA ILE D 15 6.60 12.65 -0.71
C ILE D 15 5.42 13.43 -0.16
N ARG D 16 4.85 14.29 -0.98
CA ARG D 16 3.70 15.09 -0.56
C ARG D 16 2.50 14.81 -1.45
N THR D 17 1.46 14.21 -0.86
CA THR D 17 0.25 13.88 -1.59
C THR D 17 -0.93 14.64 -1.01
N GLU D 18 -1.47 15.57 -1.79
CA GLU D 18 -2.59 16.37 -1.34
C GLU D 18 -3.78 16.30 -2.29
N GLU D 19 -4.97 16.48 -1.72
CA GLU D 19 -6.22 16.47 -2.47
C GLU D 19 -6.55 15.12 -3.11
N ARG D 20 -7.07 14.21 -2.27
CA ARG D 20 -7.48 12.87 -2.72
C ARG D 20 -6.34 12.06 -3.34
N ALA D 21 -5.11 12.47 -3.06
CA ALA D 21 -3.95 11.76 -3.59
C ALA D 21 -3.61 10.53 -2.76
N ARG D 22 -2.84 9.63 -3.33
CA ARG D 22 -2.46 8.39 -2.65
C ARG D 22 -1.01 8.03 -2.94
N VAL D 23 -0.35 7.41 -1.97
CA VAL D 23 1.04 7.00 -2.12
C VAL D 23 1.22 5.54 -1.74
N GLN D 24 1.83 4.78 -2.66
CA GLN D 24 2.08 3.36 -2.45
C GLN D 24 3.59 3.13 -2.36
N LEU D 25 4.02 2.47 -1.29
CA LEU D 25 5.43 2.19 -1.08
C LEU D 25 5.65 0.68 -0.89
N GLY D 26 6.04 0.01 -1.95
CA GLY D 26 6.28 -1.42 -1.86
C GLY D 26 6.34 -2.09 -3.22
N ASN D 27 5.31 -2.87 -3.55
CA ASN D 27 5.25 -3.57 -4.83
C ASN D 27 3.84 -4.04 -5.10
N VAL D 28 3.50 -4.18 -6.37
CA VAL D 28 2.18 -4.62 -6.77
C VAL D 28 2.23 -6.00 -7.41
N VAL D 29 1.77 -7.00 -6.67
CA VAL D 29 1.74 -8.36 -7.17
C VAL D 29 0.31 -8.74 -7.55
N THR D 30 0.08 -8.94 -8.83
CA THR D 30 -1.24 -9.28 -9.29
C THR D 30 -1.55 -10.76 -9.09
N ALA D 31 -2.84 -11.06 -8.90
CA ALA D 31 -3.28 -12.44 -8.70
C ALA D 31 -3.26 -13.22 -10.02
N ALA D 32 -2.71 -12.60 -11.05
CA ALA D 32 -2.61 -13.23 -12.35
C ALA D 32 -1.19 -13.76 -12.57
N ALA D 33 -0.30 -13.41 -11.66
CA ALA D 33 1.07 -13.86 -11.75
C ALA D 33 1.24 -15.17 -10.98
N LEU D 34 1.46 -16.26 -11.73
CA LEU D 34 1.61 -17.57 -11.13
C LEU D 34 2.91 -17.67 -10.33
N HIS D 35 2.98 -18.67 -9.47
CA HIS D 35 4.14 -18.87 -8.63
C HIS D 35 5.26 -19.64 -9.35
N GLY D 36 5.78 -19.03 -10.42
CA GLY D 36 6.84 -19.64 -11.18
C GLY D 36 7.95 -18.63 -11.42
N GLY D 37 8.50 -18.12 -10.32
CA GLY D 37 9.54 -17.11 -10.42
C GLY D 37 9.01 -15.78 -9.94
N ILE D 38 7.93 -15.84 -9.17
CA ILE D 38 7.28 -14.65 -8.64
C ILE D 38 8.17 -13.93 -7.62
N ARG D 39 8.98 -14.71 -6.92
CA ARG D 39 9.87 -14.14 -5.91
C ARG D 39 11.12 -13.54 -6.57
N ILE D 40 10.93 -12.41 -7.25
CA ILE D 40 12.02 -11.72 -7.93
C ILE D 40 13.04 -11.20 -6.91
N SER D 41 12.59 -11.09 -5.66
CA SER D 41 13.44 -10.61 -4.57
C SER D 41 13.82 -9.14 -4.75
N ASP D 42 14.99 -8.89 -5.31
CA ASP D 42 15.48 -7.54 -5.54
C ASP D 42 16.35 -7.51 -6.78
N GLN D 43 16.74 -6.32 -7.22
CA GLN D 43 17.57 -6.17 -8.40
C GLN D 43 18.09 -4.74 -8.51
N THR D 44 17.20 -3.83 -8.91
CA THR D 44 17.56 -2.44 -9.06
C THR D 44 17.20 -1.64 -7.81
N THR D 45 17.79 -0.47 -7.67
CA THR D 45 17.52 0.39 -6.53
C THR D 45 16.89 1.68 -7.01
N ASN D 46 15.63 1.88 -6.65
CA ASN D 46 14.90 3.07 -7.03
C ASN D 46 14.91 4.07 -5.89
N SER D 47 15.71 5.12 -6.04
CA SER D 47 15.83 6.13 -5.02
C SER D 47 15.32 7.47 -5.53
N VAL D 48 14.29 7.99 -4.90
CA VAL D 48 13.72 9.27 -5.31
C VAL D 48 13.75 10.28 -4.15
N GLU D 49 14.12 11.51 -4.47
CA GLU D 49 14.20 12.54 -3.46
C GLU D 49 12.87 13.23 -3.18
N THR D 50 12.50 14.21 -3.99
CA THR D 50 11.26 14.95 -3.78
C THR D 50 10.15 14.55 -4.75
N VAL D 51 9.01 14.11 -4.21
CA VAL D 51 7.86 13.72 -5.00
C VAL D 51 6.66 14.58 -4.61
N VAL D 52 6.19 15.41 -5.52
CA VAL D 52 5.05 16.28 -5.26
C VAL D 52 3.82 15.86 -6.06
N GLY D 53 2.75 15.53 -5.35
CA GLY D 53 1.52 15.12 -6.01
C GLY D 53 0.35 15.99 -5.56
N LYS D 54 -0.35 16.58 -6.52
CA LYS D 54 -1.48 17.44 -6.20
C LYS D 54 -2.69 17.13 -7.08
N GLY D 55 -3.72 16.54 -6.47
CA GLY D 55 -4.94 16.23 -7.20
C GLY D 55 -4.92 14.91 -7.95
N GLU D 56 -5.58 13.90 -7.37
CA GLU D 56 -5.66 12.56 -7.98
C GLU D 56 -4.30 12.00 -8.39
N SER D 57 -3.29 12.30 -7.59
CA SER D 57 -1.95 11.83 -7.88
C SER D 57 -1.71 10.42 -7.36
N ARG D 58 -1.03 9.62 -8.16
CA ARG D 58 -0.72 8.25 -7.79
C ARG D 58 0.79 8.05 -7.73
N VAL D 59 1.29 7.80 -6.54
CA VAL D 59 2.72 7.58 -6.36
C VAL D 59 2.98 6.09 -6.18
N LEU D 60 3.66 5.49 -7.15
CA LEU D 60 3.97 4.07 -7.09
C LEU D 60 5.47 3.84 -7.04
N ILE D 61 5.98 3.65 -5.83
CA ILE D 61 7.40 3.40 -5.65
C ILE D 61 7.61 1.91 -5.42
N GLY D 62 7.85 1.19 -6.50
CA GLY D 62 8.05 -0.24 -6.42
C GLY D 62 7.97 -0.88 -7.80
N ASN D 63 7.80 -2.19 -7.83
CA ASN D 63 7.71 -2.91 -9.09
C ASN D 63 6.38 -3.64 -9.21
N GLU D 64 5.97 -3.91 -10.45
CA GLU D 64 4.72 -4.60 -10.70
C GLU D 64 4.98 -5.96 -11.33
N TYR D 65 4.27 -6.97 -10.85
CA TYR D 65 4.41 -8.32 -11.37
C TYR D 65 3.07 -8.86 -11.82
N GLY D 66 2.93 -9.08 -13.12
CA GLY D 66 1.70 -9.61 -13.65
C GLY D 66 1.48 -9.28 -15.10
N GLY D 67 0.45 -9.87 -15.70
CA GLY D 67 0.17 -9.62 -17.09
C GLY D 67 -1.10 -8.82 -17.29
N LYS D 68 -1.18 -7.67 -16.64
CA LYS D 68 -2.36 -6.81 -16.77
C LYS D 68 -2.16 -5.84 -17.93
N GLY D 69 -0.91 -5.68 -18.35
CA GLY D 69 -0.57 -4.78 -19.43
C GLY D 69 0.36 -3.70 -18.96
N PHE D 70 -0.01 -3.09 -17.83
CA PHE D 70 0.75 -2.02 -17.21
C PHE D 70 -0.03 -1.53 -16.00
N TRP D 71 0.67 -1.12 -14.94
CA TRP D 71 0.04 -0.62 -13.73
C TRP D 71 -1.01 0.46 -14.03
N ASP D 72 -0.54 1.64 -14.37
CA ASP D 72 -1.43 2.76 -14.66
C ASP D 72 -0.99 3.51 -15.91
N ASN D 73 -1.95 3.77 -16.78
CA ASN D 73 -1.72 4.47 -18.03
C ASN D 73 -3.05 4.76 -18.68
N HIS D 74 -3.15 5.88 -19.40
CA HIS D 74 -4.39 6.27 -20.05
C HIS D 74 -4.64 5.40 -21.28
N HIS D 75 -3.70 5.40 -22.20
CA HIS D 75 -3.82 4.63 -23.43
C HIS D 75 -2.45 4.30 -23.99
N HIS D 76 -2.40 3.52 -25.04
CA HIS D 76 -1.13 3.15 -25.65
C HIS D 76 -0.82 4.04 -26.86
N HIS D 77 -0.02 3.52 -27.78
CA HIS D 77 0.37 4.28 -28.97
C HIS D 77 -0.85 4.71 -29.79
N HIS D 78 -0.95 6.00 -30.04
CA HIS D 78 -2.04 6.55 -30.81
C HIS D 78 -1.52 7.31 -32.01
N HIS D 79 -2.27 7.30 -33.10
CA HIS D 79 -1.88 7.99 -34.32
C HIS D 79 -3.08 8.73 -34.88
N ARG E 9 20.96 1.34 -12.05
CA ARG E 9 20.14 1.90 -10.94
C ARG E 9 19.20 2.97 -11.47
N ASN E 10 18.29 3.44 -10.62
CA ASN E 10 17.33 4.46 -11.02
C ASN E 10 17.17 5.49 -9.90
N SER E 11 17.64 6.70 -10.17
CA SER E 11 17.55 7.77 -9.19
C SER E 11 16.79 8.97 -9.75
N ALA E 12 15.94 9.55 -8.93
CA ALA E 12 15.15 10.70 -9.33
C ALA E 12 15.28 11.79 -8.27
N LYS E 13 15.59 13.00 -8.70
CA LYS E 13 15.76 14.11 -7.77
C LYS E 13 14.44 14.79 -7.43
N ASP E 14 13.80 15.41 -8.41
CA ASP E 14 12.53 16.10 -8.17
C ASP E 14 11.48 15.70 -9.17
N ILE E 15 10.32 15.28 -8.68
CA ILE E 15 9.21 14.88 -9.53
C ILE E 15 7.95 15.63 -9.13
N ARG E 16 7.37 16.33 -10.07
CA ARG E 16 6.15 17.10 -9.82
C ARG E 16 5.01 16.57 -10.66
N THR E 17 3.97 16.10 -9.99
CA THR E 17 2.80 15.56 -10.66
C THR E 17 1.52 16.20 -10.14
N GLU E 18 0.87 16.99 -10.99
CA GLU E 18 -0.37 17.66 -10.59
C GLU E 18 -1.48 17.45 -11.62
N GLU E 19 -2.71 17.36 -11.11
CA GLU E 19 -3.90 17.17 -11.95
C GLU E 19 -3.93 15.82 -12.66
N ARG E 20 -4.37 14.79 -11.94
CA ARG E 20 -4.47 13.43 -12.49
C ARG E 20 -3.13 12.91 -12.99
N ALA E 21 -2.06 13.44 -12.43
CA ALA E 21 -0.74 13.01 -12.80
C ALA E 21 -0.26 11.92 -11.85
N ARG E 22 0.63 11.07 -12.33
CA ARG E 22 1.12 9.96 -11.52
C ARG E 22 2.58 9.67 -11.81
N VAL E 23 3.24 8.99 -10.88
CA VAL E 23 4.64 8.66 -11.02
C VAL E 23 4.90 7.21 -10.60
N GLN E 24 5.66 6.50 -11.42
CA GLN E 24 6.00 5.11 -11.16
C GLN E 24 7.51 4.92 -11.22
N LEU E 25 8.08 4.34 -10.18
CA LEU E 25 9.52 4.10 -10.13
C LEU E 25 9.80 2.64 -9.84
N GLY E 26 10.22 1.90 -10.86
CA GLY E 26 10.53 0.50 -10.69
C GLY E 26 10.62 -0.24 -12.01
N ASN E 27 10.45 -1.54 -11.96
CA ASN E 27 10.51 -2.36 -13.15
C ASN E 27 9.17 -3.05 -13.40
N VAL E 28 8.84 -3.19 -14.68
CA VAL E 28 7.58 -3.82 -15.07
C VAL E 28 7.84 -5.25 -15.50
N VAL E 29 7.21 -6.20 -14.82
CA VAL E 29 7.38 -7.61 -15.18
C VAL E 29 6.06 -8.23 -15.61
N THR E 30 5.91 -8.37 -16.92
CA THR E 30 4.70 -8.95 -17.50
C THR E 30 4.58 -10.44 -17.15
N ALA E 31 3.46 -11.05 -17.52
CA ALA E 31 3.20 -12.46 -17.24
C ALA E 31 4.21 -13.37 -17.95
N ALA E 32 4.86 -12.83 -18.97
CA ALA E 32 5.85 -13.59 -19.73
C ALA E 32 7.14 -13.71 -18.95
N ALA E 33 7.35 -12.79 -18.00
CA ALA E 33 8.54 -12.76 -17.17
C ALA E 33 9.83 -12.73 -18.00
N LEU E 34 10.94 -13.07 -17.38
CA LEU E 34 12.22 -13.08 -18.08
C LEU E 34 12.62 -14.51 -18.43
N HIS E 35 12.20 -14.97 -19.59
CA HIS E 35 12.53 -16.32 -20.05
C HIS E 35 13.94 -16.34 -20.62
N GLY E 36 14.90 -16.62 -19.74
CA GLY E 36 16.28 -16.66 -20.15
C GLY E 36 17.05 -15.52 -19.52
N GLY E 37 17.22 -15.59 -18.20
CA GLY E 37 17.93 -14.56 -17.48
C GLY E 37 18.30 -15.03 -16.09
N ILE E 38 19.31 -15.88 -16.02
CA ILE E 38 19.79 -16.40 -14.75
C ILE E 38 20.49 -15.32 -13.95
N ARG E 39 21.19 -14.43 -14.63
CA ARG E 39 21.89 -13.35 -13.97
C ARG E 39 21.12 -12.04 -14.12
N ILE E 40 20.43 -11.64 -13.07
CA ILE E 40 19.65 -10.41 -13.09
C ILE E 40 20.41 -9.28 -12.39
N SER E 41 20.83 -8.28 -13.16
CA SER E 41 21.56 -7.15 -12.61
C SER E 41 21.19 -5.87 -13.35
N ASP E 42 21.27 -4.73 -12.65
CA ASP E 42 20.94 -3.45 -13.24
C ASP E 42 22.14 -2.85 -13.99
N GLN E 43 22.30 -3.28 -15.23
CA GLN E 43 23.41 -2.82 -16.07
C GLN E 43 23.24 -1.36 -16.48
N THR E 44 22.00 -0.89 -16.52
CA THR E 44 21.72 0.48 -16.93
C THR E 44 21.32 1.34 -15.72
N THR E 45 21.67 2.61 -15.80
CA THR E 45 21.34 3.55 -14.74
C THR E 45 20.66 4.80 -15.29
N ASN E 46 19.40 4.98 -14.92
CA ASN E 46 18.63 6.12 -15.38
C ASN E 46 18.42 7.11 -14.24
N SER E 47 19.21 8.16 -14.23
CA SER E 47 19.11 9.19 -13.20
C SER E 47 18.54 10.47 -13.81
N VAL E 48 17.38 10.88 -13.32
CA VAL E 48 16.73 12.09 -13.83
C VAL E 48 16.81 13.23 -12.81
N GLU E 49 16.80 14.45 -13.31
CA GLU E 49 16.87 15.63 -12.46
C GLU E 49 15.49 16.05 -11.96
N THR E 50 14.81 16.88 -12.73
CA THR E 50 13.49 17.36 -12.34
C THR E 50 12.44 17.08 -13.43
N VAL E 51 11.41 16.33 -13.07
CA VAL E 51 10.35 15.99 -14.00
C VAL E 51 9.07 16.72 -13.59
N VAL E 52 8.60 17.61 -14.44
CA VAL E 52 7.39 18.38 -14.16
C VAL E 52 6.26 18.01 -15.10
N GLY E 53 5.24 17.34 -14.57
CA GLY E 53 4.10 16.94 -15.36
C GLY E 53 2.80 17.48 -14.81
N LYS E 54 1.95 18.00 -15.68
CA LYS E 54 0.67 18.56 -15.27
C LYS E 54 -0.43 18.18 -16.25
N GLY E 55 -1.51 17.61 -15.72
CA GLY E 55 -2.63 17.23 -16.55
C GLY E 55 -2.50 15.85 -17.15
N GLU E 56 -2.84 14.84 -16.37
CA GLU E 56 -2.80 13.43 -16.82
C GLU E 56 -1.40 12.96 -17.21
N SER E 57 -0.38 13.64 -16.69
CA SER E 57 1.00 13.28 -17.01
C SER E 57 1.41 11.98 -16.29
N ARG E 58 2.35 11.26 -16.89
CA ARG E 58 2.82 10.00 -16.33
C ARG E 58 4.35 9.97 -16.30
N VAL E 59 4.90 9.82 -15.11
CA VAL E 59 6.34 9.75 -14.93
C VAL E 59 6.77 8.31 -14.72
N LEU E 60 7.59 7.79 -15.62
CA LEU E 60 8.06 6.42 -15.54
C LEU E 60 9.59 6.37 -15.44
N ILE E 61 10.08 5.97 -14.27
CA ILE E 61 11.52 5.87 -14.06
C ILE E 61 11.91 4.43 -13.75
N GLY E 62 12.33 3.72 -14.78
CA GLY E 62 12.73 2.33 -14.62
C GLY E 62 12.96 1.65 -15.94
N ASN E 63 12.30 0.53 -16.16
CA ASN E 63 12.43 -0.21 -17.41
C ASN E 63 11.10 -0.79 -17.85
N GLU E 64 10.95 -0.97 -19.16
CA GLU E 64 9.71 -1.49 -19.72
C GLU E 64 9.86 -2.92 -20.18
N TYR E 65 8.83 -3.73 -19.91
CA TYR E 65 8.82 -5.13 -20.29
C TYR E 65 7.39 -5.68 -20.25
N GLY E 66 6.57 -5.26 -21.20
CA GLY E 66 5.19 -5.71 -21.24
C GLY E 66 4.90 -6.57 -22.45
N GLY E 67 4.20 -6.00 -23.42
CA GLY E 67 3.86 -6.74 -24.61
C GLY E 67 3.04 -5.95 -25.61
N LYS E 68 3.17 -4.63 -25.57
CA LYS E 68 2.43 -3.77 -26.49
C LYS E 68 3.38 -2.89 -27.32
N GLY E 69 3.24 -1.57 -27.21
CA GLY E 69 4.08 -0.68 -27.97
C GLY E 69 3.99 0.77 -27.53
N PHE E 70 4.07 0.98 -26.22
CA PHE E 70 3.99 2.32 -25.64
C PHE E 70 4.24 2.23 -24.13
N TRP E 71 5.45 2.61 -23.72
CA TRP E 71 5.86 2.54 -22.32
C TRP E 71 6.09 1.10 -21.92
N ASP E 72 5.99 0.24 -22.92
CA ASP E 72 6.17 -1.19 -22.80
C ASP E 72 6.25 -1.78 -24.20
N ASN E 73 7.24 -2.61 -24.44
CA ASN E 73 7.42 -3.20 -25.76
C ASN E 73 7.74 -4.69 -25.65
N HIS E 74 7.78 -5.36 -26.80
CA HIS E 74 8.06 -6.79 -26.86
C HIS E 74 8.57 -7.18 -28.25
N HIS E 75 8.56 -8.46 -28.56
CA HIS E 75 9.01 -8.94 -29.86
C HIS E 75 7.83 -9.46 -30.68
N HIS E 76 7.31 -10.63 -30.29
CA HIS E 76 6.18 -11.26 -30.96
C HIS E 76 6.55 -11.82 -32.35
N HIS E 77 5.86 -12.88 -32.76
CA HIS E 77 6.11 -13.49 -34.05
C HIS E 77 5.24 -12.83 -35.10
N HIS E 78 5.87 -12.12 -36.02
CA HIS E 78 5.15 -11.42 -37.07
C HIS E 78 5.09 -12.27 -38.32
N HIS E 79 3.98 -12.20 -39.02
CA HIS E 79 3.78 -12.96 -40.25
C HIS E 79 3.86 -12.05 -41.46
O1' CGO F . 13.09 1.84 18.31
C12 CGO F . 17.81 9.99 -2.57
O2' CGO F . 13.90 4.07 17.75
S1' CGO F . 12.68 3.20 17.84
O3' CGO F . 11.74 3.81 18.83
C12' CGO F . 9.06 0.90 17.07
C11' CGO F . 10.21 1.66 17.22
C10' CGO F . 10.76 2.32 16.12
C9' CGO F . 11.91 3.08 16.27
C8' CGO F . 12.46 3.73 15.17
C13' CGO F . 8.45 0.81 15.83
C14' CGO F . 8.99 1.47 14.73
C15' CGO F . 10.15 2.22 14.88
C16' CGO F . 10.69 2.88 13.77
C7' CGO F . 11.86 3.63 13.92
N2' CGO F . 12.50 4.12 12.87
N1' CGO F . 12.11 3.92 11.72
C4' CGO F . 12.76 4.43 10.68
C5' CGO F . 13.90 5.20 10.87
C6' CGO F . 14.58 5.73 9.78
O1 CGO F . 19.36 11.77 2.43
N3' CGO F . 9.98 2.90 12.65
C3' CGO F . 12.30 4.18 9.40
C2' CGO F . 12.96 4.72 8.30
C1' CGO F . 14.11 5.49 8.50
C1 CGO F . 14.77 6.04 7.39
C2 CGO F . 14.29 5.81 6.11
C3 CGO F . 14.91 6.39 5.02
S1 CGO F . 19.66 10.84 1.30
N3 CGO F . 15.11 7.22 0.55
O2 CGO F . 19.89 11.67 0.06
O3 CGO F . 20.92 10.08 1.62
C6 CGO F . 15.88 6.85 7.59
C5 CGO F . 16.52 7.44 6.49
C4 CGO F . 16.03 7.21 5.21
N1 CGO F . 16.59 7.81 4.16
N2 CGO F . 16.13 7.64 3.04
C7 CGO F . 16.69 8.23 1.99
C16 CGO F . 16.15 8.03 0.72
C15 CGO F . 16.71 8.69 -0.38
C14 CGO F . 16.16 8.49 -1.64
C13 CGO F . 16.72 9.14 -2.74
C8 CGO F . 17.78 9.08 2.16
C9 CGO F . 18.32 9.74 1.07
C10 CGO F . 17.79 9.54 -0.20
C11 CGO F . 18.34 10.20 -1.30
H12 CGO F . 18.21 10.46 -3.36
H12' CGO F . 8.67 0.44 17.86
H11' CGO F . 10.66 1.74 18.12
H8' CGO F . 13.29 4.28 15.27
H13' CGO F . 7.62 0.26 15.71
H14' CGO F . 8.55 1.40 13.84
H5' CGO F . 14.24 5.37 11.80
H6' CGO F . 15.40 6.28 9.92
HN1' CGO F . 10.29 3.47 11.88
HN2' CGO F . 9.15 2.36 12.57
H3' CGO F . 11.48 3.63 9.26
H2' CGO F . 12.64 4.54 7.36
H2 CGO F . 13.48 5.23 5.98
H3 CGO F . 14.57 6.23 4.10
HN2 CGO F . 14.73 7.08 -0.36
HN1 CGO F . 14.72 6.75 1.35
H6 CGO F . 16.23 7.01 8.51
H5 CGO F . 17.32 8.01 6.62
H14 CGO F . 15.38 7.88 -1.76
H13 CGO F . 16.33 9.00 -3.65
H8 CGO F . 18.17 9.21 3.08
H11 CGO F . 19.11 10.81 -1.17
N ARG A 9 0.13 -11.95 19.06
CA ARG A 9 0.35 -11.28 20.37
C ARG A 9 0.28 -9.77 20.21
N ASN A 10 -0.52 -9.12 21.05
CA ASN A 10 -0.65 -7.66 21.00
C ASN A 10 -0.16 -7.05 22.30
N SER A 11 0.63 -6.00 22.19
CA SER A 11 1.18 -5.34 23.37
C SER A 11 1.34 -3.84 23.16
N ALA A 12 1.39 -3.10 24.27
CA ALA A 12 1.55 -1.66 24.23
C ALA A 12 2.47 -1.23 25.37
N LYS A 13 3.14 -0.10 25.21
CA LYS A 13 4.04 0.39 26.23
C LYS A 13 3.49 1.59 26.99
N ASP A 14 3.43 2.73 26.31
CA ASP A 14 2.97 3.96 26.91
C ASP A 14 1.80 4.57 26.13
N ILE A 15 0.63 4.53 26.73
CA ILE A 15 -0.57 5.08 26.10
C ILE A 15 -1.16 6.20 26.95
N ARG A 16 -1.37 7.36 26.32
CA ARG A 16 -1.94 8.50 27.01
C ARG A 16 -3.18 9.00 26.29
N THR A 17 -4.31 8.90 26.97
CA THR A 17 -5.58 9.33 26.40
C THR A 17 -6.24 10.37 27.29
N GLU A 18 -6.62 11.49 26.69
CA GLU A 18 -7.26 12.57 27.43
C GLU A 18 -8.36 13.22 26.57
N GLU A 19 -9.16 14.06 27.21
CA GLU A 19 -10.24 14.77 26.54
C GLU A 19 -11.30 13.80 26.01
N ARG A 20 -11.91 13.05 26.93
CA ARG A 20 -12.97 12.09 26.61
C ARG A 20 -12.48 10.98 25.68
N ALA A 21 -11.20 10.64 25.78
CA ALA A 21 -10.63 9.59 24.96
C ALA A 21 -10.82 8.23 25.61
N ARG A 22 -10.76 7.17 24.80
CA ARG A 22 -10.95 5.81 25.31
C ARG A 22 -9.91 4.87 24.71
N VAL A 23 -9.58 3.83 25.46
CA VAL A 23 -8.60 2.85 25.01
C VAL A 23 -9.02 1.43 25.39
N GLN A 24 -8.81 0.49 24.48
CA GLN A 24 -9.17 -0.91 24.72
C GLN A 24 -8.06 -1.82 24.21
N LEU A 25 -7.63 -2.75 25.06
CA LEU A 25 -6.58 -3.69 24.68
C LEU A 25 -7.11 -5.11 24.69
N GLY A 26 -7.07 -5.76 23.53
CA GLY A 26 -7.55 -7.12 23.43
C GLY A 26 -8.05 -7.47 22.05
N ASN A 27 -8.70 -8.62 21.94
CA ASN A 27 -9.23 -9.09 20.67
C ASN A 27 -10.70 -8.72 20.54
N VAL A 28 -11.04 -8.06 19.45
CA VAL A 28 -12.41 -7.62 19.22
C VAL A 28 -13.18 -8.57 18.31
N VAL A 29 -14.21 -9.18 18.85
CA VAL A 29 -15.05 -10.11 18.10
C VAL A 29 -16.43 -9.51 17.88
N THR A 30 -16.78 -9.27 16.63
CA THR A 30 -18.07 -8.69 16.30
C THR A 30 -19.10 -9.77 16.00
N ALA A 31 -20.38 -9.42 16.12
CA ALA A 31 -21.47 -10.36 15.84
C ALA A 31 -21.46 -10.77 14.37
N ALA A 32 -20.82 -9.96 13.54
CA ALA A 32 -20.71 -10.22 12.12
C ALA A 32 -19.51 -11.14 11.82
N ALA A 33 -18.95 -11.72 12.88
CA ALA A 33 -17.82 -12.62 12.75
C ALA A 33 -18.19 -13.97 13.35
N LEU A 34 -19.45 -14.35 13.16
CA LEU A 34 -19.98 -15.63 13.66
C LEU A 34 -20.24 -15.61 15.17
N HIS A 35 -19.19 -15.83 15.94
CA HIS A 35 -19.31 -15.87 17.41
C HIS A 35 -17.96 -15.59 18.06
N GLY A 36 -17.97 -15.45 19.37
CA GLY A 36 -16.74 -15.18 20.10
C GLY A 36 -15.93 -16.43 20.37
N GLY A 37 -15.46 -17.05 19.30
CA GLY A 37 -14.67 -18.27 19.42
C GLY A 37 -13.29 -18.00 20.02
N ILE A 38 -12.63 -16.96 19.51
CA ILE A 38 -11.31 -16.55 19.98
C ILE A 38 -10.21 -17.51 19.50
N ARG A 39 -9.05 -16.93 19.12
CA ARG A 39 -7.91 -17.70 18.64
C ARG A 39 -8.20 -18.31 17.27
N ILE A 40 -8.01 -17.52 16.23
CA ILE A 40 -8.27 -17.96 14.87
C ILE A 40 -6.98 -18.07 14.06
N SER A 41 -6.12 -17.06 14.14
CA SER A 41 -4.87 -17.07 13.40
C SER A 41 -3.68 -16.61 14.25
N ASP A 42 -3.51 -15.29 14.35
CA ASP A 42 -2.42 -14.69 15.11
C ASP A 42 -1.06 -15.12 14.57
N GLN A 43 -0.68 -14.55 13.43
CA GLN A 43 0.60 -14.89 12.80
C GLN A 43 1.50 -13.66 12.73
N THR A 44 1.27 -12.71 13.63
CA THR A 44 2.05 -11.50 13.67
C THR A 44 2.05 -10.87 15.05
N THR A 45 3.19 -10.31 15.44
CA THR A 45 3.33 -9.65 16.72
C THR A 45 3.00 -8.17 16.53
N ASN A 46 2.00 -7.69 17.26
CA ASN A 46 1.57 -6.31 17.16
C ASN A 46 1.91 -5.57 18.44
N SER A 47 2.86 -4.64 18.38
CA SER A 47 3.25 -3.90 19.57
C SER A 47 3.52 -2.44 19.25
N VAL A 48 2.97 -1.55 20.06
CA VAL A 48 3.14 -0.12 19.88
C VAL A 48 3.78 0.49 21.13
N GLU A 49 4.70 1.40 20.94
CA GLU A 49 5.37 2.04 22.06
C GLU A 49 4.52 3.15 22.69
N THR A 50 4.46 4.31 22.05
CA THR A 50 3.71 5.43 22.59
C THR A 50 2.51 5.82 21.72
N VAL A 51 1.37 6.02 22.37
CA VAL A 51 0.15 6.41 21.70
C VAL A 51 -0.43 7.63 22.41
N VAL A 52 -0.65 8.70 21.67
CA VAL A 52 -1.20 9.92 22.25
C VAL A 52 -2.57 10.25 21.64
N GLY A 53 -3.59 10.34 22.48
CA GLY A 53 -4.92 10.66 22.02
C GLY A 53 -5.52 11.84 22.76
N LYS A 54 -5.82 12.89 22.02
CA LYS A 54 -6.41 14.09 22.60
C LYS A 54 -7.60 14.57 21.79
N GLY A 55 -8.79 14.45 22.37
CA GLY A 55 -10.00 14.89 21.69
C GLY A 55 -10.85 13.73 21.20
N GLU A 56 -11.42 12.99 22.16
CA GLU A 56 -12.27 11.83 21.86
C GLU A 56 -11.57 10.77 21.02
N SER A 57 -10.26 10.67 21.19
CA SER A 57 -9.49 9.70 20.44
C SER A 57 -9.83 8.28 20.89
N ARG A 58 -9.87 7.36 19.93
CA ARG A 58 -10.20 5.98 20.21
C ARG A 58 -9.01 5.07 19.92
N VAL A 59 -8.37 4.59 20.97
CA VAL A 59 -7.21 3.72 20.83
C VAL A 59 -7.60 2.25 20.98
N LEU A 60 -7.47 1.51 19.90
CA LEU A 60 -7.80 0.09 19.91
C LEU A 60 -6.54 -0.74 19.72
N ILE A 61 -6.17 -1.50 20.73
CA ILE A 61 -4.99 -2.34 20.67
C ILE A 61 -5.40 -3.81 20.60
N GLY A 62 -5.10 -4.44 19.48
CA GLY A 62 -5.45 -5.84 19.31
C GLY A 62 -6.12 -6.11 17.98
N ASN A 63 -6.17 -7.38 17.61
CA ASN A 63 -6.78 -7.79 16.36
C ASN A 63 -8.30 -7.80 16.45
N GLU A 64 -8.96 -7.49 15.35
CA GLU A 64 -10.42 -7.44 15.31
C GLU A 64 -10.96 -8.32 14.18
N TYR A 65 -12.16 -8.81 14.37
CA TYR A 65 -12.82 -9.65 13.37
C TYR A 65 -14.22 -9.15 13.07
N GLY A 66 -14.44 -8.73 11.83
CA GLY A 66 -15.74 -8.23 11.43
C GLY A 66 -15.85 -8.12 9.93
N GLY A 67 -17.07 -8.21 9.41
CA GLY A 67 -17.27 -8.12 7.97
C GLY A 67 -18.32 -7.09 7.57
N LYS A 68 -19.02 -6.55 8.55
CA LYS A 68 -20.06 -5.56 8.28
C LYS A 68 -19.44 -4.19 8.04
N GLY A 69 -18.48 -3.84 8.87
CA GLY A 69 -17.82 -2.57 8.75
C GLY A 69 -16.44 -2.63 9.37
N PHE A 70 -15.56 -1.74 8.94
CA PHE A 70 -14.20 -1.72 9.45
C PHE A 70 -14.14 -1.00 10.79
N TRP A 71 -14.63 -1.69 11.83
CA TRP A 71 -14.66 -1.17 13.22
C TRP A 71 -15.62 0.01 13.38
N ASP A 72 -15.33 1.10 12.70
CA ASP A 72 -16.15 2.31 12.76
C ASP A 72 -16.18 3.00 11.40
N ASN A 73 -17.22 2.72 10.64
CA ASN A 73 -17.37 3.29 9.31
C ASN A 73 -18.82 3.23 8.85
N HIS A 74 -19.26 4.24 8.12
CA HIS A 74 -20.62 4.31 7.61
C HIS A 74 -20.65 5.24 6.39
N HIS A 75 -19.89 4.88 5.37
CA HIS A 75 -19.80 5.68 4.16
C HIS A 75 -20.94 5.38 3.20
N HIS A 76 -21.92 6.28 3.16
CA HIS A 76 -23.07 6.13 2.27
C HIS A 76 -22.90 7.01 1.04
N HIS A 77 -22.24 8.15 1.23
CA HIS A 77 -22.00 9.09 0.15
C HIS A 77 -20.77 8.68 -0.63
N HIS A 78 -20.91 8.51 -1.93
CA HIS A 78 -19.79 8.14 -2.77
C HIS A 78 -19.42 9.27 -3.71
N HIS A 79 -18.12 9.46 -3.90
CA HIS A 79 -17.62 10.51 -4.78
C HIS A 79 -17.91 10.16 -6.23
N ARG B 9 4.87 -9.11 11.57
CA ARG B 9 5.40 -8.27 12.67
C ARG B 9 5.05 -6.81 12.41
N ASN B 10 4.32 -6.22 13.33
CA ASN B 10 3.91 -4.83 13.20
C ASN B 10 4.31 -4.07 14.46
N SER B 11 5.07 -3.00 14.30
CA SER B 11 5.52 -2.22 15.45
C SER B 11 5.45 -0.73 15.16
N ALA B 12 5.29 0.07 16.20
CA ALA B 12 5.22 1.52 16.06
C ALA B 12 5.87 2.23 17.24
N LYS B 13 6.44 3.40 16.97
CA LYS B 13 7.11 4.17 17.99
C LYS B 13 6.16 5.15 18.69
N ASP B 14 5.62 6.10 17.92
CA ASP B 14 4.70 7.08 18.49
C ASP B 14 3.62 7.47 17.49
N ILE B 15 2.37 7.47 17.97
CA ILE B 15 1.24 7.82 17.14
C ILE B 15 0.44 8.95 17.78
N ARG B 16 0.27 10.05 17.06
CA ARG B 16 -0.47 11.20 17.55
C ARG B 16 -1.85 11.23 16.92
N THR B 17 -2.88 11.02 17.74
CA THR B 17 -4.25 11.01 17.24
C THR B 17 -5.10 12.06 17.94
N GLU B 18 -5.56 13.04 17.19
CA GLU B 18 -6.38 14.11 17.74
C GLU B 18 -7.55 14.44 16.82
N GLU B 19 -8.53 15.16 17.38
CA GLU B 19 -9.72 15.57 16.64
C GLU B 19 -10.58 14.38 16.23
N ARG B 20 -11.08 13.65 17.24
CA ARG B 20 -11.93 12.48 17.01
C ARG B 20 -11.24 11.42 16.15
N ALA B 21 -9.93 11.32 16.27
CA ALA B 21 -9.15 10.36 15.51
C ALA B 21 -9.18 8.98 16.18
N ARG B 22 -8.88 7.96 15.41
CA ARG B 22 -8.88 6.59 15.92
C ARG B 22 -7.69 5.80 15.40
N VAL B 23 -7.13 4.98 16.27
CA VAL B 23 -5.97 4.17 15.92
C VAL B 23 -6.22 2.69 16.23
N GLN B 24 -5.84 1.85 15.30
CA GLN B 24 -6.00 0.41 15.43
C GLN B 24 -4.63 -0.27 15.40
N LEU B 25 -4.31 -1.02 16.45
CA LEU B 25 -3.03 -1.71 16.53
C LEU B 25 -3.24 -3.22 16.38
N GLY B 26 -3.29 -3.67 15.14
CA GLY B 26 -3.48 -5.09 14.90
C GLY B 26 -3.86 -5.37 13.45
N ASN B 27 -4.04 -6.64 13.14
CA ASN B 27 -4.42 -7.06 11.80
C ASN B 27 -5.93 -7.16 11.68
N VAL B 28 -6.48 -6.58 10.63
CA VAL B 28 -7.92 -6.59 10.40
C VAL B 28 -8.31 -7.73 9.46
N VAL B 29 -8.95 -8.74 10.00
CA VAL B 29 -9.38 -9.88 9.21
C VAL B 29 -10.90 -9.85 9.08
N THR B 30 -11.37 -9.65 7.87
CA THR B 30 -12.81 -9.58 7.62
C THR B 30 -13.42 -10.97 7.51
N ALA B 31 -14.75 -11.03 7.52
CA ALA B 31 -15.46 -12.29 7.40
C ALA B 31 -15.35 -12.85 5.99
N ALA B 32 -14.74 -12.07 5.09
CA ALA B 32 -14.57 -12.48 3.72
C ALA B 32 -13.41 -13.46 3.59
N ALA B 33 -12.56 -13.50 4.60
CA ALA B 33 -11.41 -14.40 4.61
C ALA B 33 -11.79 -15.73 5.28
N LEU B 34 -13.05 -15.86 5.66
CA LEU B 34 -13.54 -17.07 6.30
C LEU B 34 -13.45 -18.25 5.34
N HIS B 35 -12.89 -19.35 5.82
CA HIS B 35 -12.74 -20.58 5.02
C HIS B 35 -11.89 -20.31 3.78
N GLY B 36 -10.76 -19.65 3.98
CA GLY B 36 -9.86 -19.34 2.89
C GLY B 36 -8.41 -19.58 3.25
N GLY B 37 -7.51 -18.91 2.56
CA GLY B 37 -6.10 -19.07 2.82
C GLY B 37 -5.44 -17.74 3.16
N ILE B 38 -4.86 -17.66 4.35
CA ILE B 38 -4.20 -16.43 4.79
C ILE B 38 -2.68 -16.56 4.69
N ARG B 39 -2.19 -17.77 4.92
CA ARG B 39 -0.76 -18.03 4.86
C ARG B 39 -0.28 -18.18 3.42
N ILE B 40 -0.07 -17.05 2.75
CA ILE B 40 0.37 -17.05 1.37
C ILE B 40 1.86 -16.75 1.27
N SER B 41 2.62 -17.28 2.23
CA SER B 41 4.07 -17.07 2.29
C SER B 41 4.38 -15.60 2.57
N ASP B 42 3.54 -14.98 3.38
CA ASP B 42 3.71 -13.58 3.76
C ASP B 42 4.98 -13.41 4.59
N GLN B 43 5.86 -12.55 4.11
CA GLN B 43 7.13 -12.30 4.77
C GLN B 43 7.46 -10.82 4.74
N THR B 44 7.38 -10.15 5.89
CA THR B 44 7.69 -8.74 5.99
C THR B 44 7.63 -8.28 7.43
N THR B 45 7.95 -7.01 7.65
CA THR B 45 7.94 -6.40 8.96
C THR B 45 7.63 -4.92 8.81
N ASN B 46 6.51 -4.50 9.39
CA ASN B 46 6.10 -3.11 9.31
C ASN B 46 6.46 -2.37 10.59
N SER B 47 7.32 -1.39 10.46
CA SER B 47 7.75 -0.60 11.59
C SER B 47 7.78 0.89 11.24
N VAL B 48 6.89 1.64 11.88
CA VAL B 48 6.80 3.09 11.63
C VAL B 48 7.22 3.86 12.88
N GLU B 49 7.84 5.02 12.68
CA GLU B 49 8.28 5.84 13.80
C GLU B 49 7.17 6.75 14.32
N THR B 50 6.87 7.81 13.60
CA THR B 50 5.84 8.74 14.04
C THR B 50 4.73 8.93 13.02
N VAL B 51 3.49 8.80 13.49
CA VAL B 51 2.32 8.98 12.66
C VAL B 51 1.47 10.13 13.22
N VAL B 52 1.22 11.13 12.40
CA VAL B 52 0.43 12.28 12.82
C VAL B 52 -0.98 12.20 12.23
N GLY B 53 -1.96 12.03 13.10
CA GLY B 53 -3.34 11.95 12.66
C GLY B 53 -4.18 13.07 13.24
N LYS B 54 -4.38 14.11 12.45
CA LYS B 54 -5.16 15.26 12.90
C LYS B 54 -6.37 15.48 11.99
N GLY B 55 -7.56 15.40 12.56
CA GLY B 55 -8.76 15.61 11.79
C GLY B 55 -9.43 14.32 11.39
N GLU B 56 -9.87 13.56 12.40
CA GLU B 56 -10.56 12.28 12.20
C GLU B 56 -9.76 11.30 11.34
N SER B 57 -8.46 11.31 11.53
CA SER B 57 -7.59 10.41 10.80
C SER B 57 -7.64 8.99 11.37
N ARG B 58 -7.42 8.02 10.51
CA ARG B 58 -7.42 6.61 10.92
C ARG B 58 -6.04 6.00 10.73
N VAL B 59 -5.47 5.50 11.83
CA VAL B 59 -4.15 4.88 11.78
C VAL B 59 -4.30 3.38 11.96
N LEU B 60 -3.87 2.62 10.97
CA LEU B 60 -3.94 1.16 11.02
C LEU B 60 -2.56 0.55 10.96
N ILE B 61 -2.15 -0.09 12.05
CA ILE B 61 -0.85 -0.73 12.11
C ILE B 61 -1.01 -2.24 11.95
N GLY B 62 -1.00 -2.71 10.72
CA GLY B 62 -1.15 -4.12 10.46
C GLY B 62 -1.63 -4.39 9.04
N ASN B 63 -1.69 -5.66 8.69
CA ASN B 63 -2.13 -6.05 7.36
C ASN B 63 -3.63 -6.34 7.37
N GLU B 64 -4.25 -6.30 6.20
CA GLU B 64 -5.68 -6.54 6.10
C GLU B 64 -6.00 -7.66 5.13
N TYR B 65 -7.20 -8.20 5.27
CA TYR B 65 -7.67 -9.26 4.40
C TYR B 65 -9.16 -9.04 4.15
N GLY B 66 -9.46 -8.02 3.37
CA GLY B 66 -10.83 -7.70 3.06
C GLY B 66 -11.24 -8.27 1.71
N GLY B 67 -10.62 -7.77 0.65
CA GLY B 67 -10.94 -8.24 -0.68
C GLY B 67 -12.17 -7.58 -1.25
N LYS B 68 -13.22 -7.50 -0.45
CA LYS B 68 -14.47 -6.87 -0.87
C LYS B 68 -14.27 -5.37 -1.05
N GLY B 69 -13.30 -4.84 -0.32
CA GLY B 69 -13.00 -3.43 -0.40
C GLY B 69 -11.55 -3.19 -0.06
N PHE B 70 -11.04 -2.02 -0.39
CA PHE B 70 -9.65 -1.68 -0.10
C PHE B 70 -9.57 -0.87 1.19
N TRP B 71 -9.96 -1.49 2.29
CA TRP B 71 -9.97 -0.86 3.61
C TRP B 71 -11.07 0.19 3.75
N ASP B 72 -11.25 1.02 2.72
CA ASP B 72 -12.26 2.06 2.73
C ASP B 72 -12.93 2.13 1.36
N ASN B 73 -13.74 3.17 1.16
CA ASN B 73 -14.45 3.38 -0.11
C ASN B 73 -13.45 3.65 -1.24
N HIS B 74 -13.74 3.12 -2.43
CA HIS B 74 -12.88 3.31 -3.59
C HIS B 74 -13.60 2.89 -4.86
N HIS B 75 -14.31 3.83 -5.49
CA HIS B 75 -15.04 3.55 -6.73
C HIS B 75 -15.26 4.81 -7.55
N HIS B 76 -14.73 4.80 -8.78
CA HIS B 76 -14.88 5.93 -9.69
C HIS B 76 -14.72 5.46 -11.13
N HIS B 77 -14.76 6.41 -12.07
CA HIS B 77 -14.64 6.09 -13.49
C HIS B 77 -13.20 6.25 -13.97
N HIS B 78 -12.87 5.52 -15.03
CA HIS B 78 -11.55 5.56 -15.63
C HIS B 78 -11.66 6.10 -17.05
N HIS B 79 -10.57 6.09 -17.78
CA HIS B 79 -10.57 6.57 -19.15
C HIS B 79 -9.65 5.71 -20.00
N ARG C 9 11.54 -5.43 4.10
CA ARG C 9 10.64 -4.90 5.15
C ARG C 9 10.01 -3.58 4.71
N ASN C 10 9.13 -3.05 5.53
CA ASN C 10 8.46 -1.79 5.26
C ASN C 10 8.63 -0.86 6.46
N SER C 11 9.39 0.20 6.27
CA SER C 11 9.65 1.13 7.35
C SER C 11 9.36 2.57 6.93
N ALA C 12 9.01 3.39 7.91
CA ALA C 12 8.69 4.80 7.66
C ALA C 12 9.08 5.64 8.88
N LYS C 13 9.56 6.85 8.64
CA LYS C 13 9.96 7.73 9.73
C LYS C 13 8.83 8.66 10.18
N ASP C 14 8.51 9.64 9.36
CA ASP C 14 7.46 10.60 9.70
C ASP C 14 6.35 10.61 8.66
N ILE C 15 5.12 10.44 9.12
CA ILE C 15 3.96 10.44 8.24
C ILE C 15 2.89 11.39 8.78
N ARG C 16 2.61 12.44 8.03
CA ARG C 16 1.58 13.40 8.43
C ARG C 16 0.29 13.16 7.64
N THR C 17 -0.76 12.78 8.34
CA THR C 17 -2.05 12.53 7.73
C THR C 17 -3.13 13.36 8.40
N GLU C 18 -3.51 14.45 7.78
CA GLU C 18 -4.53 15.33 8.34
C GLU C 18 -5.68 15.57 7.37
N GLU C 19 -6.80 16.03 7.92
CA GLU C 19 -8.00 16.33 7.13
C GLU C 19 -8.62 15.08 6.51
N ARG C 20 -9.29 14.29 7.35
CA ARG C 20 -9.93 13.05 6.94
C ARG C 20 -8.96 12.14 6.20
N ALA C 21 -7.85 11.84 6.85
CA ALA C 21 -6.82 11.01 6.27
C ALA C 21 -6.78 9.64 6.91
N ARG C 22 -6.10 8.71 6.26
CA ARG C 22 -5.97 7.36 6.78
C ARG C 22 -4.68 6.73 6.27
N VAL C 23 -3.98 6.03 7.15
CA VAL C 23 -2.72 5.40 6.81
C VAL C 23 -2.67 3.97 7.33
N GLN C 24 -2.20 3.05 6.52
CA GLN C 24 -2.09 1.66 6.91
C GLN C 24 -0.68 1.14 6.71
N LEU C 25 -0.13 0.54 7.75
CA LEU C 25 1.21 -0.03 7.70
C LEU C 25 1.12 -1.55 7.63
N GLY C 26 1.10 -2.08 6.41
CA GLY C 26 1.02 -3.51 6.23
C GLY C 26 0.73 -3.89 4.80
N ASN C 27 0.53 -5.17 4.56
CA ASN C 27 0.22 -5.67 3.23
C ASN C 27 -1.28 -5.80 3.02
N VAL C 28 -1.70 -5.75 1.77
CA VAL C 28 -3.11 -5.86 1.42
C VAL C 28 -3.36 -7.16 0.67
N VAL C 29 -4.02 -8.11 1.33
CA VAL C 29 -4.33 -9.39 0.71
C VAL C 29 -5.81 -9.49 0.41
N THR C 30 -6.15 -9.47 -0.86
CA THR C 30 -7.55 -9.57 -1.27
C THR C 30 -8.03 -11.02 -1.23
N ALA C 31 -9.35 -11.20 -1.18
CA ALA C 31 -9.96 -12.53 -1.13
C ALA C 31 -9.88 -13.24 -2.49
N ALA C 32 -8.73 -13.11 -3.14
CA ALA C 32 -8.50 -13.74 -4.43
C ALA C 32 -7.09 -14.34 -4.45
N ALA C 33 -6.28 -13.97 -3.47
CA ALA C 33 -4.92 -14.47 -3.38
C ALA C 33 -4.90 -15.78 -2.62
N LEU C 34 -5.49 -16.81 -3.22
CA LEU C 34 -5.54 -18.13 -2.59
C LEU C 34 -4.29 -18.95 -2.91
N HIS C 35 -3.44 -18.40 -3.75
CA HIS C 35 -2.22 -19.08 -4.15
C HIS C 35 -1.07 -18.64 -3.27
N GLY C 36 -0.34 -19.60 -2.71
CA GLY C 36 0.78 -19.28 -1.85
C GLY C 36 1.45 -20.52 -1.31
N GLY C 37 2.15 -20.36 -0.21
CA GLY C 37 2.85 -21.47 0.41
C GLY C 37 3.66 -21.00 1.60
N ILE C 38 4.90 -21.45 1.70
CA ILE C 38 5.76 -21.05 2.79
C ILE C 38 7.24 -21.24 2.44
N ARG C 39 7.84 -20.21 1.86
CA ARG C 39 9.24 -20.27 1.50
C ARG C 39 9.95 -18.95 1.77
N ILE C 40 10.89 -18.97 2.70
CA ILE C 40 11.65 -17.78 3.04
C ILE C 40 12.67 -17.47 1.94
N SER C 41 12.68 -16.23 1.48
CA SER C 41 13.59 -15.83 0.42
C SER C 41 13.77 -14.30 0.41
N ASP C 42 14.67 -13.84 -0.43
CA ASP C 42 14.97 -12.41 -0.56
C ASP C 42 13.75 -11.62 -1.07
N GLN C 43 13.62 -10.40 -0.58
CA GLN C 43 12.52 -9.52 -0.96
C GLN C 43 12.99 -8.07 -0.95
N THR C 44 12.41 -7.25 -1.82
CA THR C 44 12.77 -5.85 -1.88
C THR C 44 12.26 -5.09 -0.66
N THR C 45 13.06 -4.18 -0.15
CA THR C 45 12.69 -3.39 1.01
C THR C 45 12.35 -1.97 0.58
N ASN C 46 11.25 -1.47 1.12
CA ASN C 46 10.81 -0.11 0.81
C ASN C 46 10.69 0.68 2.10
N SER C 47 11.31 1.84 2.12
CA SER C 47 11.27 2.71 3.28
C SER C 47 11.25 4.17 2.86
N VAL C 48 10.44 4.95 3.56
CA VAL C 48 10.31 6.37 3.25
C VAL C 48 10.62 7.22 4.47
N GLU C 49 11.21 8.38 4.25
CA GLU C 49 11.56 9.28 5.34
C GLU C 49 10.37 10.13 5.77
N THR C 50 9.92 11.01 4.88
CA THR C 50 8.81 11.90 5.21
C THR C 50 7.65 11.80 4.21
N VAL C 51 6.44 11.63 4.73
CA VAL C 51 5.24 11.55 3.91
C VAL C 51 4.21 12.56 4.43
N VAL C 52 3.81 13.49 3.58
CA VAL C 52 2.83 14.50 3.97
C VAL C 52 1.57 14.38 3.12
N GLY C 53 0.45 14.13 3.78
CA GLY C 53 -0.82 14.00 3.08
C GLY C 53 -1.86 14.98 3.59
N LYS C 54 -2.50 15.69 2.69
CA LYS C 54 -3.53 16.66 3.08
C LYS C 54 -4.79 16.52 2.24
N GLY C 55 -5.92 16.38 2.92
CA GLY C 55 -7.20 16.27 2.23
C GLY C 55 -7.43 14.91 1.59
N GLU C 56 -8.08 14.01 2.33
CA GLU C 56 -8.37 12.66 1.83
C GLU C 56 -7.09 11.87 1.59
N SER C 57 -6.08 12.15 2.39
CA SER C 57 -4.80 11.49 2.29
C SER C 57 -4.91 10.01 2.64
N ARG C 58 -4.52 9.16 1.70
CA ARG C 58 -4.58 7.72 1.91
C ARG C 58 -3.19 7.12 1.65
N VAL C 59 -2.47 6.83 2.73
CA VAL C 59 -1.13 6.28 2.64
C VAL C 59 -1.12 4.78 2.90
N LEU C 60 -0.46 4.04 2.03
CA LEU C 60 -0.36 2.59 2.17
C LEU C 60 1.10 2.16 2.09
N ILE C 61 1.64 1.65 3.19
CA ILE C 61 3.02 1.22 3.21
C ILE C 61 3.10 -0.30 3.33
N GLY C 62 3.20 -0.95 2.18
CA GLY C 62 3.28 -2.39 2.13
C GLY C 62 3.09 -2.86 0.70
N ASN C 63 2.84 -4.14 0.50
CA ASN C 63 2.64 -4.66 -0.84
C ASN C 63 1.18 -5.02 -1.08
N GLU C 64 0.73 -4.87 -2.32
CA GLU C 64 -0.64 -5.19 -2.68
C GLU C 64 -0.71 -6.51 -3.44
N TYR C 65 -1.69 -7.32 -3.11
CA TYR C 65 -1.88 -8.61 -3.76
C TYR C 65 -3.34 -8.76 -4.19
N GLY C 66 -3.60 -8.56 -5.48
CA GLY C 66 -4.95 -8.67 -5.99
C GLY C 66 -4.98 -8.76 -7.50
N GLY C 67 -6.17 -9.03 -8.04
CA GLY C 67 -6.31 -9.13 -9.47
C GLY C 67 -7.37 -8.19 -10.02
N LYS C 68 -7.76 -7.21 -9.23
CA LYS C 68 -8.78 -6.25 -9.64
C LYS C 68 -8.15 -4.93 -10.08
N GLY C 69 -6.82 -4.89 -10.05
CA GLY C 69 -6.10 -3.69 -10.43
C GLY C 69 -5.10 -3.30 -9.38
N PHE C 70 -5.29 -2.15 -8.77
CA PHE C 70 -4.40 -1.67 -7.72
C PHE C 70 -5.19 -1.34 -6.46
N TRP C 71 -4.64 -0.45 -5.62
CA TRP C 71 -5.31 -0.07 -4.40
C TRP C 71 -6.63 0.66 -4.69
N ASP C 72 -6.73 1.24 -5.86
CA ASP C 72 -7.95 1.94 -6.28
C ASP C 72 -8.34 1.53 -7.70
N ASN C 73 -9.32 2.20 -8.27
CA ASN C 73 -9.79 1.88 -9.61
C ASN C 73 -10.17 3.15 -10.37
N HIS C 74 -9.42 4.22 -10.14
CA HIS C 74 -9.70 5.49 -10.79
C HIS C 74 -9.14 5.53 -12.21
N HIS C 75 -8.52 4.45 -12.64
CA HIS C 75 -7.96 4.35 -13.98
C HIS C 75 -7.66 2.90 -14.34
N HIS C 76 -7.63 2.59 -15.64
CA HIS C 76 -7.36 1.24 -16.13
C HIS C 76 -8.47 0.25 -15.76
N HIS C 77 -8.56 -0.84 -16.52
CA HIS C 77 -9.57 -1.85 -16.24
C HIS C 77 -9.20 -3.20 -16.84
N HIS C 78 -9.69 -3.48 -18.05
CA HIS C 78 -9.41 -4.76 -18.71
C HIS C 78 -8.02 -4.79 -19.35
N HIS C 79 -7.92 -4.21 -20.54
CA HIS C 79 -6.65 -4.18 -21.27
C HIS C 79 -6.66 -3.03 -22.27
N ARG D 9 15.22 -2.85 -4.06
CA ARG D 9 15.66 -1.67 -3.30
C ARG D 9 14.81 -0.47 -3.66
N ASN D 10 13.93 -0.06 -2.76
CA ASN D 10 13.06 1.08 -3.02
C ASN D 10 13.07 2.02 -1.82
N SER D 11 13.30 3.31 -2.07
CA SER D 11 13.33 4.28 -0.98
C SER D 11 12.91 5.66 -1.46
N ALA D 12 12.18 6.39 -0.62
CA ALA D 12 11.72 7.73 -0.93
C ALA D 12 12.15 8.72 0.15
N LYS D 13 12.57 9.91 -0.26
CA LYS D 13 13.02 10.93 0.68
C LYS D 13 11.84 11.74 1.23
N ASP D 14 11.17 12.50 0.36
CA ASP D 14 10.04 13.32 0.78
C ASP D 14 8.91 13.26 -0.24
N ILE D 15 7.74 12.78 0.20
CA ILE D 15 6.58 12.68 -0.69
C ILE D 15 5.44 13.57 -0.20
N ARG D 16 4.89 14.35 -1.11
CA ARG D 16 3.79 15.24 -0.78
C ARG D 16 2.55 14.88 -1.59
N THR D 17 1.56 14.28 -0.93
CA THR D 17 0.33 13.90 -1.59
C THR D 17 -0.83 14.73 -1.05
N GLU D 18 -1.40 15.57 -1.90
CA GLU D 18 -2.49 16.43 -1.47
C GLU D 18 -3.66 16.40 -2.44
N GLU D 19 -4.87 16.54 -1.88
CA GLU D 19 -6.11 16.56 -2.64
C GLU D 19 -6.45 15.21 -3.26
N ARG D 20 -7.01 14.30 -2.44
CA ARG D 20 -7.42 12.97 -2.89
C ARG D 20 -6.26 12.22 -3.55
N ALA D 21 -5.11 12.26 -2.92
CA ALA D 21 -3.93 11.58 -3.44
C ALA D 21 -3.57 10.40 -2.55
N ARG D 22 -2.84 9.44 -3.12
CA ARG D 22 -2.43 8.27 -2.38
C ARG D 22 -1.04 7.81 -2.82
N VAL D 23 -0.32 7.17 -1.91
CA VAL D 23 1.01 6.68 -2.19
C VAL D 23 1.21 5.30 -1.60
N GLN D 24 1.77 4.40 -2.40
CA GLN D 24 2.02 3.04 -1.96
C GLN D 24 3.52 2.76 -1.92
N LEU D 25 3.99 2.31 -0.77
CA LEU D 25 5.41 2.00 -0.60
C LEU D 25 5.62 0.50 -0.47
N GLY D 26 5.90 -0.16 -1.59
CA GLY D 26 6.12 -1.59 -1.58
C GLY D 26 6.31 -2.16 -2.97
N ASN D 27 5.29 -2.86 -3.46
CA ASN D 27 5.32 -3.48 -4.78
C ASN D 27 3.92 -3.95 -5.17
N VAL D 28 3.73 -4.20 -6.47
CA VAL D 28 2.43 -4.62 -6.96
C VAL D 28 2.45 -6.08 -7.42
N VAL D 29 1.74 -6.92 -6.69
CA VAL D 29 1.65 -8.33 -7.02
C VAL D 29 0.23 -8.68 -7.44
N THR D 30 0.03 -8.96 -8.72
CA THR D 30 -1.29 -9.27 -9.22
C THR D 30 -1.59 -10.77 -9.13
N ALA D 31 -2.86 -11.12 -9.22
CA ALA D 31 -3.29 -12.52 -9.16
C ALA D 31 -2.92 -13.25 -10.45
N ALA D 32 -2.33 -12.54 -11.39
CA ALA D 32 -1.92 -13.12 -12.65
C ALA D 32 -0.50 -13.69 -12.52
N ALA D 33 0.15 -13.34 -11.42
CA ALA D 33 1.50 -13.81 -11.14
C ALA D 33 1.45 -15.00 -10.21
N LEU D 34 1.32 -16.18 -10.79
CA LEU D 34 1.26 -17.41 -10.02
C LEU D 34 2.66 -17.91 -9.67
N HIS D 35 2.76 -19.18 -9.34
CA HIS D 35 4.05 -19.76 -8.98
C HIS D 35 4.87 -20.09 -10.22
N GLY D 36 5.81 -19.21 -10.53
CA GLY D 36 6.67 -19.39 -11.68
C GLY D 36 7.75 -18.33 -11.72
N GLY D 37 8.28 -17.99 -10.55
CA GLY D 37 9.30 -16.98 -10.46
C GLY D 37 8.74 -15.65 -9.99
N ILE D 38 7.75 -15.74 -9.10
CA ILE D 38 7.10 -14.54 -8.56
C ILE D 38 8.03 -13.72 -7.68
N ARG D 39 8.87 -14.41 -6.90
CA ARG D 39 9.80 -13.72 -6.00
C ARG D 39 11.08 -13.31 -6.73
N ILE D 40 11.00 -12.17 -7.39
CA ILE D 40 12.12 -11.62 -8.14
C ILE D 40 13.28 -11.18 -7.23
N SER D 41 12.98 -11.04 -5.94
CA SER D 41 13.95 -10.62 -4.93
C SER D 41 14.33 -9.15 -5.10
N ASP D 42 15.26 -8.88 -5.99
CA ASP D 42 15.72 -7.52 -6.25
C ASP D 42 16.40 -7.46 -7.60
N GLN D 43 16.66 -6.26 -8.10
CA GLN D 43 17.31 -6.10 -9.40
C GLN D 43 17.92 -4.71 -9.55
N THR D 44 17.21 -3.69 -9.10
CA THR D 44 17.68 -2.32 -9.20
C THR D 44 17.27 -1.50 -7.99
N THR D 45 17.93 -0.37 -7.80
CA THR D 45 17.65 0.52 -6.69
C THR D 45 16.91 1.75 -7.19
N ASN D 46 15.66 1.89 -6.77
CA ASN D 46 14.85 3.03 -7.14
C ASN D 46 14.78 4.03 -6.00
N SER D 47 15.52 5.12 -6.13
CA SER D 47 15.54 6.14 -5.10
C SER D 47 15.01 7.47 -5.63
N VAL D 48 14.02 8.03 -4.94
CA VAL D 48 13.43 9.30 -5.32
C VAL D 48 13.52 10.29 -4.17
N GLU D 49 13.95 11.50 -4.48
CA GLU D 49 14.10 12.54 -3.47
C GLU D 49 12.79 13.27 -3.18
N THR D 50 12.44 14.24 -4.01
CA THR D 50 11.21 15.00 -3.80
C THR D 50 10.13 14.63 -4.81
N VAL D 51 9.01 14.14 -4.29
CA VAL D 51 7.89 13.75 -5.15
C VAL D 51 6.61 14.42 -4.67
N VAL D 52 6.08 15.32 -5.48
CA VAL D 52 4.87 16.04 -5.13
C VAL D 52 3.71 15.63 -6.04
N GLY D 53 2.59 15.28 -5.43
CA GLY D 53 1.42 14.89 -6.17
C GLY D 53 0.20 15.65 -5.68
N LYS D 54 -0.37 16.49 -6.52
CA LYS D 54 -1.53 17.30 -6.13
C LYS D 54 -2.72 17.09 -7.06
N GLY D 55 -3.85 16.74 -6.45
CA GLY D 55 -5.08 16.55 -7.21
C GLY D 55 -5.16 15.22 -7.93
N GLU D 56 -5.69 14.21 -7.25
CA GLU D 56 -5.84 12.87 -7.82
C GLU D 56 -4.51 12.32 -8.32
N SER D 57 -3.50 12.34 -7.46
CA SER D 57 -2.19 11.86 -7.82
C SER D 57 -1.94 10.48 -7.22
N ARG D 58 -1.26 9.63 -7.98
CA ARG D 58 -0.95 8.27 -7.53
C ARG D 58 0.55 8.05 -7.56
N VAL D 59 1.16 7.93 -6.38
CA VAL D 59 2.59 7.70 -6.27
C VAL D 59 2.88 6.23 -6.02
N LEU D 60 3.53 5.58 -6.98
CA LEU D 60 3.84 4.16 -6.86
C LEU D 60 5.33 3.94 -6.83
N ILE D 61 5.84 3.57 -5.66
CA ILE D 61 7.25 3.29 -5.50
C ILE D 61 7.47 1.79 -5.39
N GLY D 62 7.88 1.18 -6.49
CA GLY D 62 8.10 -0.25 -6.50
C GLY D 62 7.93 -0.82 -7.89
N ASN D 63 7.95 -2.13 -8.00
CA ASN D 63 7.80 -2.80 -9.28
C ASN D 63 6.46 -3.51 -9.39
N GLU D 64 6.05 -3.82 -10.61
CA GLU D 64 4.79 -4.50 -10.85
C GLU D 64 5.02 -5.87 -11.48
N TYR D 65 4.32 -6.87 -10.97
CA TYR D 65 4.44 -8.23 -11.48
C TYR D 65 3.06 -8.77 -11.85
N GLY D 66 2.85 -9.00 -13.13
CA GLY D 66 1.58 -9.53 -13.58
C GLY D 66 1.34 -9.30 -15.06
N GLY D 67 0.17 -9.72 -15.52
CA GLY D 67 -0.16 -9.58 -16.93
C GLY D 67 -1.21 -8.53 -17.17
N LYS D 68 -1.11 -7.40 -16.48
CA LYS D 68 -2.06 -6.32 -16.66
C LYS D 68 -1.60 -5.42 -17.80
N GLY D 69 -0.31 -5.47 -18.10
CA GLY D 69 0.24 -4.67 -19.17
C GLY D 69 0.90 -3.41 -18.66
N PHE D 70 0.35 -2.87 -17.57
CA PHE D 70 0.87 -1.65 -16.96
C PHE D 70 -0.03 -1.26 -15.78
N TRP D 71 0.59 -0.84 -14.69
CA TRP D 71 -0.14 -0.41 -13.50
C TRP D 71 -1.13 0.70 -13.84
N ASP D 72 -0.61 1.91 -14.05
CA ASP D 72 -1.45 3.04 -14.39
C ASP D 72 -1.01 3.72 -15.68
N ASN D 73 -1.89 3.70 -16.65
CA ASN D 73 -1.65 4.30 -17.97
C ASN D 73 -2.99 4.62 -18.59
N HIS D 74 -3.03 5.50 -19.56
CA HIS D 74 -4.28 5.89 -20.19
C HIS D 74 -4.76 4.87 -21.22
N HIS D 75 -3.99 4.71 -22.29
CA HIS D 75 -4.36 3.78 -23.35
C HIS D 75 -3.13 3.19 -24.01
N HIS D 76 -3.29 2.66 -25.22
CA HIS D 76 -2.18 2.07 -25.95
C HIS D 76 -1.52 3.13 -26.85
N HIS D 77 -0.76 2.69 -27.84
CA HIS D 77 -0.11 3.62 -28.75
C HIS D 77 -1.12 4.30 -29.66
N HIS D 78 -1.02 5.62 -29.80
CA HIS D 78 -1.95 6.38 -30.63
C HIS D 78 -1.20 7.15 -31.72
N HIS D 79 -1.85 7.30 -32.86
CA HIS D 79 -1.26 8.04 -33.97
C HIS D 79 -1.86 9.43 -34.03
N ARG E 9 21.07 1.42 -12.14
CA ARG E 9 20.35 2.05 -11.01
C ARG E 9 19.37 3.10 -11.52
N ASN E 10 18.40 3.47 -10.69
CA ASN E 10 17.41 4.47 -11.09
C ASN E 10 17.25 5.53 -10.02
N SER E 11 17.62 6.76 -10.33
CA SER E 11 17.54 7.86 -9.39
C SER E 11 16.69 9.01 -9.93
N ALA E 12 15.90 9.61 -9.06
CA ALA E 12 15.05 10.72 -9.42
C ALA E 12 15.16 11.82 -8.36
N LYS E 13 15.58 13.01 -8.77
CA LYS E 13 15.73 14.11 -7.84
C LYS E 13 14.42 14.80 -7.49
N ASP E 14 13.83 15.51 -8.45
CA ASP E 14 12.58 16.22 -8.20
C ASP E 14 11.49 15.83 -9.19
N ILE E 15 10.35 15.41 -8.67
CA ILE E 15 9.23 15.01 -9.51
C ILE E 15 7.92 15.62 -8.99
N ARG E 16 7.26 16.38 -9.85
CA ARG E 16 6.00 17.01 -9.49
C ARG E 16 4.91 16.59 -10.45
N THR E 17 3.84 16.03 -9.91
CA THR E 17 2.72 15.56 -10.70
C THR E 17 1.40 16.13 -10.19
N GLU E 18 0.77 16.97 -11.02
CA GLU E 18 -0.49 17.58 -10.67
C GLU E 18 -1.56 17.31 -11.71
N GLU E 19 -2.83 17.51 -11.31
CA GLU E 19 -3.98 17.32 -12.18
C GLU E 19 -4.13 15.89 -12.70
N ARG E 20 -4.58 15.00 -11.81
CA ARG E 20 -4.80 13.60 -12.15
C ARG E 20 -3.59 12.98 -12.85
N ALA E 21 -2.50 12.91 -12.11
CA ALA E 21 -1.27 12.37 -12.65
C ALA E 21 -0.77 11.22 -11.81
N ARG E 22 0.30 10.58 -12.25
CA ARG E 22 0.86 9.45 -11.54
C ARG E 22 2.36 9.37 -11.77
N VAL E 23 3.05 8.86 -10.76
CA VAL E 23 4.50 8.69 -10.83
C VAL E 23 4.86 7.30 -10.32
N GLN E 24 5.47 6.51 -11.19
CA GLN E 24 5.84 5.14 -10.86
C GLN E 24 7.33 4.92 -11.09
N LEU E 25 7.99 4.40 -10.06
CA LEU E 25 9.42 4.12 -10.13
C LEU E 25 9.70 2.66 -9.84
N GLY E 26 10.11 1.93 -10.87
CA GLY E 26 10.40 0.52 -10.70
C GLY E 26 10.53 -0.20 -12.02
N ASN E 27 10.66 -1.52 -11.96
CA ASN E 27 10.78 -2.33 -13.16
C ASN E 27 9.46 -3.02 -13.48
N VAL E 28 9.09 -3.04 -14.75
CA VAL E 28 7.85 -3.68 -15.18
C VAL E 28 8.10 -5.12 -15.59
N VAL E 29 7.38 -6.05 -14.97
CA VAL E 29 7.53 -7.46 -15.28
C VAL E 29 6.20 -8.07 -15.74
N THR E 30 6.11 -8.33 -17.04
CA THR E 30 4.92 -8.91 -17.61
C THR E 30 4.75 -10.37 -17.15
N ALA E 31 3.54 -10.90 -17.36
CA ALA E 31 3.23 -12.27 -16.95
C ALA E 31 4.09 -13.30 -17.67
N ALA E 32 4.66 -12.91 -18.80
CA ALA E 32 5.52 -13.80 -19.56
C ALA E 32 6.84 -14.01 -18.84
N ALA E 33 7.16 -13.09 -17.93
CA ALA E 33 8.38 -13.15 -17.14
C ALA E 33 9.62 -13.13 -18.02
N LEU E 34 10.77 -13.47 -17.44
CA LEU E 34 12.02 -13.49 -18.17
C LEU E 34 12.30 -14.91 -18.66
N HIS E 35 12.46 -15.06 -19.97
CA HIS E 35 12.73 -16.37 -20.55
C HIS E 35 14.22 -16.58 -20.76
N GLY E 36 14.91 -16.95 -19.68
CA GLY E 36 16.34 -17.19 -19.75
C GLY E 36 17.12 -16.16 -18.96
N GLY E 37 18.37 -16.49 -18.65
CA GLY E 37 19.21 -15.58 -17.90
C GLY E 37 18.80 -15.51 -16.44
N ILE E 38 19.10 -16.56 -15.69
CA ILE E 38 18.74 -16.61 -14.27
C ILE E 38 19.77 -15.87 -13.42
N ARG E 39 20.04 -14.64 -13.81
CA ARG E 39 20.99 -13.77 -13.12
C ARG E 39 20.85 -12.36 -13.66
N ILE E 40 19.91 -11.61 -13.10
CA ILE E 40 19.65 -10.24 -13.55
C ILE E 40 20.32 -9.22 -12.64
N SER E 41 20.61 -8.07 -13.22
CA SER E 41 21.24 -6.97 -12.49
C SER E 41 20.89 -5.66 -13.17
N ASP E 42 21.10 -4.55 -12.47
CA ASP E 42 20.82 -3.24 -13.03
C ASP E 42 22.00 -2.76 -13.89
N GLN E 43 21.99 -3.16 -15.16
CA GLN E 43 23.04 -2.82 -16.09
C GLN E 43 23.05 -1.31 -16.37
N THR E 44 21.94 -0.80 -16.87
CA THR E 44 21.82 0.60 -17.20
C THR E 44 21.46 1.43 -15.96
N THR E 45 21.81 2.70 -15.99
CA THR E 45 21.53 3.60 -14.90
C THR E 45 20.89 4.89 -15.42
N ASN E 46 19.71 5.20 -14.89
CA ASN E 46 18.98 6.41 -15.29
C ASN E 46 18.82 7.33 -14.10
N SER E 47 19.31 8.55 -14.22
CA SER E 47 19.20 9.53 -13.15
C SER E 47 18.61 10.82 -13.71
N VAL E 48 17.35 11.06 -13.41
CA VAL E 48 16.65 12.24 -13.89
C VAL E 48 16.83 13.42 -12.94
N GLU E 49 16.77 14.63 -13.48
CA GLU E 49 16.92 15.83 -12.69
C GLU E 49 15.59 16.29 -12.11
N THR E 50 14.81 17.01 -12.90
CA THR E 50 13.53 17.52 -12.46
C THR E 50 12.43 17.24 -13.47
N VAL E 51 11.41 16.51 -13.04
CA VAL E 51 10.30 16.17 -13.90
C VAL E 51 9.05 16.88 -13.40
N VAL E 52 8.57 17.84 -14.18
CA VAL E 52 7.38 18.59 -13.82
C VAL E 52 6.24 18.28 -14.79
N GLY E 53 5.14 17.77 -14.27
CA GLY E 53 4.00 17.45 -15.11
C GLY E 53 2.69 17.83 -14.47
N LYS E 54 1.79 18.39 -15.25
CA LYS E 54 0.49 18.77 -14.75
C LYS E 54 -0.58 18.51 -15.81
N GLY E 55 -1.47 17.57 -15.53
CA GLY E 55 -2.53 17.24 -16.46
C GLY E 55 -2.35 15.86 -17.06
N GLU E 56 -2.81 14.84 -16.35
CA GLU E 56 -2.72 13.44 -16.80
C GLU E 56 -1.29 13.02 -17.09
N SER E 57 -0.35 13.59 -16.36
CA SER E 57 1.06 13.28 -16.53
C SER E 57 1.36 11.81 -16.23
N ARG E 58 2.39 11.29 -16.86
CA ARG E 58 2.80 9.91 -16.67
C ARG E 58 4.32 9.83 -16.53
N VAL E 59 4.77 9.68 -15.30
CA VAL E 59 6.21 9.59 -15.03
C VAL E 59 6.59 8.16 -14.64
N LEU E 60 7.40 7.53 -15.47
CA LEU E 60 7.85 6.16 -15.23
C LEU E 60 9.37 6.09 -15.24
N ILE E 61 9.95 5.78 -14.08
CA ILE E 61 11.41 5.68 -13.99
C ILE E 61 11.84 4.23 -13.79
N GLY E 62 12.28 3.62 -14.88
CA GLY E 62 12.73 2.24 -14.84
C GLY E 62 12.82 1.64 -16.22
N ASN E 63 12.59 0.33 -16.31
CA ASN E 63 12.63 -0.34 -17.60
C ASN E 63 11.23 -0.67 -18.09
N GLU E 64 11.12 -1.06 -19.36
CA GLU E 64 9.82 -1.38 -19.94
C GLU E 64 9.78 -2.81 -20.45
N TYR E 65 8.81 -3.57 -19.96
CA TYR E 65 8.65 -4.96 -20.36
C TYR E 65 7.21 -5.41 -20.13
N GLY E 66 6.38 -5.34 -21.18
CA GLY E 66 4.99 -5.73 -21.04
C GLY E 66 4.52 -6.62 -22.17
N GLY E 67 4.19 -6.00 -23.30
CA GLY E 67 3.72 -6.77 -24.44
C GLY E 67 2.63 -6.06 -25.23
N LYS E 68 2.67 -4.73 -25.25
CA LYS E 68 1.66 -3.96 -25.99
C LYS E 68 2.32 -2.97 -26.97
N GLY E 69 3.24 -2.15 -26.47
CA GLY E 69 3.90 -1.19 -27.34
C GLY E 69 3.63 0.25 -26.95
N PHE E 70 3.44 0.48 -25.66
CA PHE E 70 3.19 1.82 -25.14
C PHE E 70 3.79 1.89 -23.75
N TRP E 71 5.00 2.46 -23.66
CA TRP E 71 5.74 2.55 -22.41
C TRP E 71 6.25 1.15 -22.06
N ASP E 72 6.38 0.35 -23.10
CA ASP E 72 6.82 -1.04 -22.99
C ASP E 72 7.09 -1.59 -24.38
N ASN E 73 7.85 -2.67 -24.45
CA ASN E 73 8.16 -3.31 -25.72
C ASN E 73 8.09 -4.83 -25.56
N HIS E 74 7.98 -5.52 -26.69
CA HIS E 74 7.89 -6.97 -26.69
C HIS E 74 8.43 -7.56 -27.98
N HIS E 75 8.64 -8.86 -28.01
CA HIS E 75 9.15 -9.54 -29.19
C HIS E 75 8.07 -9.67 -30.25
N HIS E 76 7.13 -10.58 -30.02
CA HIS E 76 6.01 -10.83 -30.93
C HIS E 76 6.49 -11.46 -32.25
N HIS E 77 5.59 -12.17 -32.90
CA HIS E 77 5.92 -12.82 -34.17
C HIS E 77 4.97 -12.35 -35.26
N HIS E 78 5.53 -12.04 -36.43
CA HIS E 78 4.73 -11.59 -37.56
C HIS E 78 4.34 -12.75 -38.46
N HIS E 79 3.60 -12.47 -39.52
CA HIS E 79 3.16 -13.49 -40.43
C HIS E 79 3.07 -12.92 -41.84
O1' CGO F . 14.74 2.44 17.18
C12 CGO F . 17.61 9.95 -2.50
O2' CGO F . 12.77 2.46 18.63
S1' CGO F . 13.40 1.79 17.45
O3' CGO F . 13.61 0.34 17.77
C12' CGO F . 9.29 0.32 17.19
C11' CGO F . 10.59 0.82 17.19
C10' CGO F . 11.07 1.46 16.05
C9' CGO F . 12.37 1.96 16.04
C8' CGO F . 12.86 2.60 14.91
C13' CGO F . 8.49 0.46 16.06
C14' CGO F . 8.99 1.09 14.93
C15' CGO F . 10.27 1.60 14.93
C16' CGO F . 10.76 2.23 13.78
C7' CGO F . 12.07 2.72 13.77
N2' CGO F . 12.64 3.19 12.67
N1' CGO F . 12.05 3.22 11.58
C4' CGO F . 12.68 3.72 10.52
C5' CGO F . 13.98 4.22 10.65
C6' CGO F . 14.62 4.76 9.54
O1 CGO F . 20.07 10.97 0.21
N3' CGO F . 9.91 2.48 12.79
C3' CGO F . 12.04 3.74 9.28
C2' CGO F . 12.68 4.29 8.18
C1' CGO F . 13.97 4.80 8.31
C1 CGO F . 14.61 5.38 7.22
C2 CGO F . 13.98 5.40 5.99
C3 CGO F . 14.59 6.00 4.89
S1 CGO F . 19.82 9.96 1.28
N3 CGO F . 14.65 7.33 0.49
O2 CGO F . 20.93 8.95 1.27
O3 CGO F . 19.82 10.65 2.62
C6 CGO F . 15.85 5.97 7.37
C5 CGO F . 16.47 6.57 6.29
C4 CGO F . 15.84 6.59 5.04
N1 CGO F . 16.43 7.20 4.02
N2 CGO F . 15.87 7.24 2.92
C7 CGO F . 16.46 7.86 1.90
C16 CGO F . 15.83 7.92 0.68
C15 CGO F . 16.42 8.60 -0.39
C14 CGO F . 15.79 8.65 -1.62
C13 CGO F . 16.38 9.34 -2.68
C8 CGO F . 17.70 8.48 2.08
C9 CGO F . 18.29 9.17 1.03
C10 CGO F . 17.65 9.22 -0.21
C11 CGO F . 18.25 9.90 -1.26
H12 CGO F . 18.04 10.45 -3.26
H12' CGO F . 8.93 -0.15 18.01
H11' CGO F . 11.16 0.73 18.00
H8' CGO F . 13.79 2.95 14.90
H13' CGO F . 7.56 0.09 16.07
H14' CGO F . 8.40 1.18 14.12
H5' CGO F . 14.43 4.18 11.53
H6' CGO F . 15.55 5.12 9.63
HN1' CGO F . 10.21 3.04 12.02
HN2' CGO F . 8.98 2.12 12.83
H3' CGO F . 11.11 3.38 9.20
H2' CGO F . 12.23 4.31 7.30
H2 CGO F . 13.07 4.97 5.88
H3 CGO F . 14.14 6.01 4.00
HN2 CGO F . 14.19 7.38 -0.40
HN1 CGO F . 14.21 6.84 1.25
H6 CGO F . 16.30 5.96 8.26
H5 CGO F . 17.38 6.99 6.40
H14 CGO F . 14.90 8.21 -1.75
H13 CGO F . 15.93 9.37 -3.57
H8 CGO F . 18.16 8.42 2.97
H11 CGO F . 19.13 10.34 -1.13
N ARG A 9 0.06 -11.75 19.21
CA ARG A 9 0.60 -11.10 20.43
C ARG A 9 0.48 -9.57 20.32
N ASN A 10 -0.49 -9.01 21.04
CA ASN A 10 -0.71 -7.57 21.02
C ASN A 10 -0.23 -6.95 22.33
N SER A 11 0.60 -5.94 22.24
CA SER A 11 1.13 -5.28 23.43
C SER A 11 1.30 -3.78 23.22
N ALA A 12 1.41 -3.06 24.32
CA ALA A 12 1.58 -1.61 24.29
C ALA A 12 2.63 -1.18 25.31
N LYS A 13 3.21 0.00 25.11
CA LYS A 13 4.23 0.50 26.02
C LYS A 13 3.71 1.68 26.84
N ASP A 14 3.29 2.74 26.17
CA ASP A 14 2.77 3.91 26.86
C ASP A 14 1.61 4.55 26.10
N ILE A 15 0.50 4.76 26.78
CA ILE A 15 -0.69 5.34 26.15
C ILE A 15 -1.24 6.49 26.98
N ARG A 16 -1.50 7.61 26.32
CA ARG A 16 -2.06 8.79 26.97
C ARG A 16 -3.30 9.25 26.24
N THR A 17 -4.43 9.16 26.91
CA THR A 17 -5.71 9.56 26.33
C THR A 17 -6.34 10.71 27.13
N GLU A 18 -6.61 11.81 26.44
CA GLU A 18 -7.21 12.97 27.09
C GLU A 18 -8.33 13.56 26.25
N GLU A 19 -9.26 14.23 26.92
CA GLU A 19 -10.41 14.88 26.29
C GLU A 19 -11.37 13.91 25.62
N ARG A 20 -12.23 13.29 26.44
CA ARG A 20 -13.23 12.33 25.95
C ARG A 20 -12.59 11.19 25.15
N ALA A 21 -11.39 10.79 25.53
CA ALA A 21 -10.68 9.73 24.84
C ALA A 21 -10.81 8.41 25.61
N ARG A 22 -10.51 7.31 24.95
CA ARG A 22 -10.58 6.00 25.57
C ARG A 22 -9.52 5.06 25.01
N VAL A 23 -9.11 4.09 25.82
CA VAL A 23 -8.11 3.12 25.40
C VAL A 23 -8.62 1.70 25.66
N GLN A 24 -8.55 0.86 24.64
CA GLN A 24 -9.00 -0.52 24.77
C GLN A 24 -7.93 -1.47 24.27
N LEU A 25 -7.63 -2.50 25.06
CA LEU A 25 -6.61 -3.46 24.70
C LEU A 25 -7.17 -4.88 24.71
N GLY A 26 -6.74 -5.70 23.77
CA GLY A 26 -7.20 -7.07 23.69
C GLY A 26 -7.50 -7.50 22.27
N ASN A 27 -8.78 -7.67 21.97
CA ASN A 27 -9.23 -8.07 20.65
C ASN A 27 -10.71 -7.73 20.49
N VAL A 28 -11.11 -7.38 19.28
CA VAL A 28 -12.50 -7.01 19.03
C VAL A 28 -13.17 -8.00 18.09
N VAL A 29 -14.18 -8.69 18.59
CA VAL A 29 -14.93 -9.66 17.80
C VAL A 29 -16.33 -9.12 17.52
N THR A 30 -16.61 -8.83 16.26
CA THR A 30 -17.89 -8.30 15.86
C THR A 30 -18.85 -9.45 15.51
N ALA A 31 -20.14 -9.24 15.70
CA ALA A 31 -21.16 -10.24 15.41
C ALA A 31 -21.19 -10.62 13.93
N ALA A 32 -20.57 -9.78 13.11
CA ALA A 32 -20.51 -10.02 11.67
C ALA A 32 -19.54 -11.15 11.35
N ALA A 33 -18.71 -11.51 12.32
CA ALA A 33 -17.74 -12.58 12.17
C ALA A 33 -18.02 -13.70 13.15
N LEU A 34 -19.24 -14.22 13.09
CA LEU A 34 -19.68 -15.31 13.98
C LEU A 34 -19.71 -14.88 15.44
N HIS A 35 -19.19 -15.73 16.32
CA HIS A 35 -19.18 -15.45 17.75
C HIS A 35 -17.75 -15.40 18.26
N GLY A 36 -17.60 -15.24 19.57
CA GLY A 36 -16.29 -15.19 20.17
C GLY A 36 -15.62 -16.56 20.25
N GLY A 37 -15.22 -17.08 19.10
CA GLY A 37 -14.57 -18.38 19.04
C GLY A 37 -13.22 -18.39 19.73
N ILE A 38 -12.45 -17.32 19.52
CA ILE A 38 -11.11 -17.17 20.11
C ILE A 38 -10.08 -18.07 19.43
N ARG A 39 -8.86 -17.55 19.26
CA ARG A 39 -7.75 -18.28 18.61
C ARG A 39 -8.09 -18.63 17.16
N ILE A 40 -7.85 -17.69 16.27
CA ILE A 40 -8.13 -17.91 14.85
C ILE A 40 -6.88 -17.67 14.01
N SER A 41 -6.15 -16.61 14.33
CA SER A 41 -4.94 -16.29 13.58
C SER A 41 -3.72 -16.15 14.50
N ASP A 42 -3.43 -14.91 14.91
CA ASP A 42 -2.29 -14.61 15.77
C ASP A 42 -0.99 -15.11 15.15
N GLN A 43 -0.59 -14.50 14.05
CA GLN A 43 0.63 -14.87 13.36
C GLN A 43 1.60 -13.70 13.29
N THR A 44 1.27 -12.61 13.96
CA THR A 44 2.10 -11.42 13.94
C THR A 44 2.12 -10.72 15.30
N THR A 45 3.28 -10.21 15.67
CA THR A 45 3.46 -9.49 16.92
C THR A 45 3.13 -8.02 16.69
N ASN A 46 2.15 -7.51 17.40
CA ASN A 46 1.74 -6.13 17.26
C ASN A 46 2.04 -5.38 18.55
N SER A 47 2.92 -4.39 18.48
CA SER A 47 3.29 -3.62 19.65
C SER A 47 3.56 -2.16 19.30
N VAL A 48 3.06 -1.26 20.13
CA VAL A 48 3.26 0.17 19.92
C VAL A 48 3.91 0.78 21.15
N GLU A 49 4.78 1.77 20.94
CA GLU A 49 5.47 2.41 22.04
C GLU A 49 4.65 3.53 22.68
N THR A 50 4.58 4.68 22.01
CA THR A 50 3.86 5.82 22.56
C THR A 50 2.62 6.18 21.73
N VAL A 51 1.47 6.24 22.41
CA VAL A 51 0.20 6.59 21.76
C VAL A 51 -0.41 7.82 22.44
N VAL A 52 -0.64 8.86 21.66
CA VAL A 52 -1.22 10.10 22.19
C VAL A 52 -2.60 10.35 21.59
N GLY A 53 -3.62 10.38 22.44
CA GLY A 53 -4.97 10.61 21.98
C GLY A 53 -5.51 11.91 22.56
N LYS A 54 -5.88 12.84 21.69
CA LYS A 54 -6.38 14.13 22.12
C LYS A 54 -7.69 14.50 21.44
N GLY A 55 -8.80 14.35 22.17
CA GLY A 55 -10.09 14.73 21.64
C GLY A 55 -10.85 13.60 20.96
N GLU A 56 -11.67 12.89 21.73
CA GLU A 56 -12.49 11.78 21.22
C GLU A 56 -11.67 10.67 20.58
N SER A 57 -10.42 10.56 20.99
CA SER A 57 -9.54 9.54 20.44
C SER A 57 -9.88 8.16 20.99
N ARG A 58 -9.93 7.17 20.11
CA ARG A 58 -10.21 5.81 20.50
C ARG A 58 -9.02 4.93 20.17
N VAL A 59 -8.29 4.53 21.19
CA VAL A 59 -7.11 3.68 21.02
C VAL A 59 -7.49 2.21 21.13
N LEU A 60 -7.28 1.47 20.06
CA LEU A 60 -7.61 0.06 20.03
C LEU A 60 -6.35 -0.78 19.83
N ILE A 61 -5.89 -1.42 20.88
CA ILE A 61 -4.70 -2.26 20.80
C ILE A 61 -5.11 -3.72 20.71
N GLY A 62 -5.31 -4.18 19.49
CA GLY A 62 -5.71 -5.54 19.25
C GLY A 62 -6.30 -5.73 17.86
N ASN A 63 -6.35 -6.97 17.42
CA ASN A 63 -6.89 -7.29 16.11
C ASN A 63 -8.42 -7.26 16.13
N GLU A 64 -9.01 -7.05 14.95
CA GLU A 64 -10.47 -6.99 14.84
C GLU A 64 -10.98 -8.11 13.94
N TYR A 65 -12.21 -8.51 14.19
CA TYR A 65 -12.86 -9.55 13.41
C TYR A 65 -14.30 -9.16 13.13
N GLY A 66 -14.52 -8.53 11.99
CA GLY A 66 -15.86 -8.12 11.62
C GLY A 66 -16.19 -8.40 10.17
N GLY A 67 -15.97 -7.40 9.33
CA GLY A 67 -16.26 -7.55 7.91
C GLY A 67 -17.19 -6.45 7.43
N LYS A 68 -18.42 -6.48 7.92
CA LYS A 68 -19.40 -5.47 7.56
C LYS A 68 -19.26 -4.28 8.50
N GLY A 69 -18.48 -3.30 8.08
CA GLY A 69 -18.24 -2.13 8.90
C GLY A 69 -16.97 -2.29 9.70
N PHE A 70 -15.85 -1.89 9.09
CA PHE A 70 -14.53 -2.00 9.72
C PHE A 70 -14.47 -1.23 11.04
N TRP A 71 -14.64 -1.94 12.15
CA TRP A 71 -14.60 -1.38 13.50
C TRP A 71 -15.66 -0.29 13.72
N ASP A 72 -15.39 0.90 13.24
CA ASP A 72 -16.29 2.03 13.40
C ASP A 72 -16.29 2.85 12.13
N ASN A 73 -16.95 2.33 11.09
CA ASN A 73 -17.01 3.02 9.81
C ASN A 73 -18.28 2.67 9.05
N HIS A 74 -18.95 3.69 8.53
CA HIS A 74 -20.18 3.51 7.77
C HIS A 74 -20.32 4.64 6.77
N HIS A 75 -19.93 4.38 5.53
CA HIS A 75 -20.00 5.38 4.48
C HIS A 75 -21.01 4.98 3.40
N HIS A 76 -21.91 5.89 3.09
CA HIS A 76 -22.91 5.64 2.06
C HIS A 76 -22.70 6.59 0.88
N HIS A 77 -22.06 7.72 1.16
CA HIS A 77 -21.79 8.72 0.13
C HIS A 77 -20.70 8.25 -0.81
N HIS A 78 -20.89 8.50 -2.09
CA HIS A 78 -19.93 8.10 -3.11
C HIS A 78 -19.84 9.16 -4.20
N HIS A 79 -18.62 9.47 -4.61
CA HIS A 79 -18.40 10.46 -5.66
C HIS A 79 -18.54 9.81 -7.02
N ARG B 9 5.20 -8.98 11.82
CA ARG B 9 5.45 -8.19 13.03
C ARG B 9 5.23 -6.70 12.74
N ASN B 10 4.45 -6.05 13.58
CA ASN B 10 4.14 -4.64 13.41
C ASN B 10 4.54 -3.87 14.66
N SER B 11 5.48 -2.96 14.50
CA SER B 11 5.96 -2.16 15.61
C SER B 11 5.81 -0.66 15.30
N ALA B 12 5.44 0.12 16.30
CA ALA B 12 5.27 1.55 16.11
C ALA B 12 5.92 2.35 17.22
N LYS B 13 6.44 3.52 16.89
CA LYS B 13 7.11 4.38 17.85
C LYS B 13 6.16 5.35 18.53
N ASP B 14 5.84 6.44 17.85
CA ASP B 14 4.97 7.48 18.41
C ASP B 14 3.81 7.83 17.47
N ILE B 15 2.60 7.68 17.98
CA ILE B 15 1.39 7.97 17.22
C ILE B 15 0.57 9.06 17.91
N ARG B 16 0.25 10.11 17.16
CA ARG B 16 -0.53 11.21 17.71
C ARG B 16 -1.83 11.36 16.95
N THR B 17 -2.94 11.17 17.65
CA THR B 17 -4.26 11.27 17.06
C THR B 17 -5.07 12.39 17.71
N GLU B 18 -5.48 13.36 16.93
CA GLU B 18 -6.26 14.47 17.45
C GLU B 18 -7.51 14.75 16.61
N GLU B 19 -8.52 15.31 17.26
CA GLU B 19 -9.79 15.68 16.62
C GLU B 19 -10.56 14.48 16.10
N ARG B 20 -11.14 13.71 17.02
CA ARG B 20 -11.96 12.55 16.70
C ARG B 20 -11.20 11.48 15.92
N ALA B 21 -9.88 11.47 16.07
CA ALA B 21 -9.04 10.50 15.37
C ALA B 21 -8.92 9.21 16.19
N ARG B 22 -8.81 8.09 15.50
CA ARG B 22 -8.69 6.79 16.16
C ARG B 22 -7.50 6.01 15.60
N VAL B 23 -6.95 5.12 16.43
CA VAL B 23 -5.81 4.31 16.02
C VAL B 23 -5.99 2.86 16.47
N GLN B 24 -5.65 1.93 15.59
CA GLN B 24 -5.77 0.51 15.90
C GLN B 24 -4.45 -0.21 15.66
N LEU B 25 -4.09 -1.07 16.60
CA LEU B 25 -2.86 -1.83 16.51
C LEU B 25 -3.17 -3.32 16.38
N GLY B 26 -3.23 -3.81 15.15
CA GLY B 26 -3.51 -5.20 14.94
C GLY B 26 -3.89 -5.51 13.50
N ASN B 27 -4.06 -6.78 13.19
CA ASN B 27 -4.44 -7.21 11.85
C ASN B 27 -5.95 -7.21 11.68
N VAL B 28 -6.40 -6.87 10.50
CA VAL B 28 -7.83 -6.82 10.21
C VAL B 28 -8.26 -8.04 9.39
N VAL B 29 -9.04 -8.91 10.02
CA VAL B 29 -9.52 -10.11 9.36
C VAL B 29 -11.04 -10.10 9.27
N THR B 30 -11.55 -9.92 8.07
CA THR B 30 -12.99 -9.87 7.85
C THR B 30 -13.57 -11.28 7.71
N ALA B 31 -14.89 -11.36 7.68
CA ALA B 31 -15.58 -12.63 7.55
C ALA B 31 -15.30 -13.30 6.20
N ALA B 32 -14.70 -12.54 5.28
CA ALA B 32 -14.35 -13.05 3.96
C ALA B 32 -13.10 -13.92 4.02
N ALA B 33 -12.32 -13.73 5.07
CA ALA B 33 -11.09 -14.50 5.25
C ALA B 33 -11.39 -15.85 5.88
N LEU B 34 -12.64 -16.03 6.31
CA LEU B 34 -13.06 -17.28 6.92
C LEU B 34 -13.01 -18.39 5.89
N HIS B 35 -12.45 -19.53 6.26
CA HIS B 35 -12.32 -20.68 5.36
C HIS B 35 -11.38 -20.36 4.20
N GLY B 36 -10.45 -19.44 4.44
CA GLY B 36 -9.50 -19.05 3.42
C GLY B 36 -8.09 -19.44 3.81
N GLY B 37 -7.15 -19.33 2.88
CA GLY B 37 -5.78 -19.69 3.14
C GLY B 37 -4.95 -18.49 3.55
N ILE B 38 -5.06 -18.09 4.81
CA ILE B 38 -4.32 -16.94 5.33
C ILE B 38 -2.88 -17.32 5.66
N ARG B 39 -2.13 -17.71 4.63
CA ARG B 39 -0.73 -18.09 4.81
C ARG B 39 -0.04 -18.20 3.45
N ILE B 40 0.32 -17.06 2.89
CA ILE B 40 0.98 -17.03 1.58
C ILE B 40 2.46 -16.68 1.74
N SER B 41 3.07 -17.21 2.81
CA SER B 41 4.47 -16.95 3.12
C SER B 41 4.67 -15.48 3.46
N ASP B 42 3.75 -14.95 4.26
CA ASP B 42 3.80 -13.56 4.70
C ASP B 42 5.03 -13.30 5.55
N GLN B 43 6.06 -12.74 4.92
CA GLN B 43 7.31 -12.44 5.60
C GLN B 43 7.75 -11.00 5.34
N THR B 44 7.37 -10.12 6.23
CA THR B 44 7.74 -8.71 6.12
C THR B 44 7.59 -8.03 7.48
N THR B 45 8.47 -7.08 7.73
CA THR B 45 8.45 -6.34 8.98
C THR B 45 7.95 -4.92 8.73
N ASN B 46 6.87 -4.56 9.40
CA ASN B 46 6.30 -3.23 9.25
C ASN B 46 6.58 -2.41 10.49
N SER B 47 7.22 -1.27 10.34
CA SER B 47 7.55 -0.42 11.47
C SER B 47 7.51 1.04 11.06
N VAL B 48 6.80 1.83 11.85
CA VAL B 48 6.68 3.26 11.59
C VAL B 48 7.07 4.04 12.85
N GLU B 49 7.74 5.17 12.66
CA GLU B 49 8.16 5.98 13.78
C GLU B 49 7.09 6.98 14.22
N THR B 50 6.91 8.04 13.45
CA THR B 50 5.94 9.07 13.80
C THR B 50 4.73 9.05 12.88
N VAL B 51 3.55 8.93 13.49
CA VAL B 51 2.30 8.94 12.75
C VAL B 51 1.39 10.07 13.25
N VAL B 52 1.25 11.11 12.44
CA VAL B 52 0.42 12.24 12.82
C VAL B 52 -0.96 12.14 12.19
N GLY B 53 -1.99 12.07 13.02
CA GLY B 53 -3.35 11.98 12.54
C GLY B 53 -4.20 13.14 13.05
N LYS B 54 -4.62 14.01 12.15
CA LYS B 54 -5.41 15.16 12.54
C LYS B 54 -6.67 15.31 11.69
N GLY B 55 -7.82 15.28 12.34
CA GLY B 55 -9.08 15.45 11.63
C GLY B 55 -9.73 14.13 11.26
N GLU B 56 -10.22 13.41 12.27
CA GLU B 56 -10.91 12.13 12.09
C GLU B 56 -10.05 11.11 11.34
N SER B 57 -8.74 11.25 11.46
CA SER B 57 -7.80 10.36 10.81
C SER B 57 -7.88 8.95 11.41
N ARG B 58 -7.46 7.97 10.62
CA ARG B 58 -7.47 6.58 11.05
C ARG B 58 -6.11 5.94 10.83
N VAL B 59 -5.48 5.56 11.92
CA VAL B 59 -4.17 4.93 11.86
C VAL B 59 -4.32 3.42 12.00
N LEU B 60 -3.98 2.69 10.95
CA LEU B 60 -4.08 1.23 10.97
C LEU B 60 -2.70 0.61 10.91
N ILE B 61 -2.30 -0.05 11.99
CA ILE B 61 -1.02 -0.71 12.04
C ILE B 61 -1.21 -2.22 11.93
N GLY B 62 -1.22 -2.72 10.70
CA GLY B 62 -1.41 -4.12 10.45
C GLY B 62 -1.86 -4.39 9.03
N ASN B 63 -1.97 -5.66 8.66
CA ASN B 63 -2.40 -6.03 7.32
C ASN B 63 -3.91 -6.27 7.30
N GLU B 64 -4.47 -6.31 6.10
CA GLU B 64 -5.91 -6.52 5.97
C GLU B 64 -6.21 -7.69 5.04
N TYR B 65 -7.41 -8.25 5.20
CA TYR B 65 -7.85 -9.36 4.38
C TYR B 65 -9.34 -9.18 4.08
N GLY B 66 -9.63 -8.22 3.22
CA GLY B 66 -11.00 -7.95 2.86
C GLY B 66 -11.41 -8.61 1.55
N GLY B 67 -11.18 -7.93 0.44
CA GLY B 67 -11.54 -8.46 -0.85
C GLY B 67 -12.64 -7.67 -1.52
N LYS B 68 -13.71 -7.40 -0.77
CA LYS B 68 -14.84 -6.62 -1.27
C LYS B 68 -14.60 -5.14 -1.06
N GLY B 69 -13.34 -4.78 -0.87
CA GLY B 69 -12.97 -3.41 -0.65
C GLY B 69 -11.50 -3.31 -0.27
N PHE B 70 -11.00 -2.10 -0.15
CA PHE B 70 -9.61 -1.88 0.22
C PHE B 70 -9.56 -1.02 1.48
N TRP B 71 -9.85 -1.66 2.62
CA TRP B 71 -9.89 -0.99 3.92
C TRP B 71 -11.09 -0.02 4.03
N ASP B 72 -11.13 0.95 3.14
CA ASP B 72 -12.20 1.93 3.12
C ASP B 72 -12.94 1.83 1.79
N ASN B 73 -13.86 2.74 1.53
CA ASN B 73 -14.60 2.71 0.28
C ASN B 73 -14.07 3.73 -0.74
N HIS B 74 -13.75 3.25 -1.94
CA HIS B 74 -13.25 4.11 -3.00
C HIS B 74 -13.54 3.48 -4.35
N HIS B 75 -14.21 4.24 -5.21
CA HIS B 75 -14.57 3.76 -6.54
C HIS B 75 -14.86 4.96 -7.44
N HIS B 76 -14.36 4.92 -8.66
CA HIS B 76 -14.57 6.00 -9.60
C HIS B 76 -14.63 5.46 -11.03
N HIS B 77 -14.57 6.36 -12.00
CA HIS B 77 -14.61 5.98 -13.40
C HIS B 77 -13.23 6.05 -14.04
N HIS B 78 -12.96 5.12 -14.94
CA HIS B 78 -11.67 5.07 -15.63
C HIS B 78 -11.76 5.78 -16.97
N HIS B 79 -10.70 5.68 -17.76
CA HIS B 79 -10.67 6.30 -19.07
C HIS B 79 -10.86 5.22 -20.13
N ARG C 9 10.23 -6.09 4.13
CA ARG C 9 10.50 -5.06 5.14
C ARG C 9 9.99 -3.70 4.66
N ASN C 10 9.14 -3.08 5.47
CA ASN C 10 8.58 -1.79 5.13
C ASN C 10 8.79 -0.83 6.29
N SER C 11 9.76 0.06 6.13
CA SER C 11 10.08 1.02 7.17
C SER C 11 9.57 2.41 6.83
N ALA C 12 8.93 3.05 7.80
CA ALA C 12 8.40 4.38 7.61
C ALA C 12 8.88 5.27 8.74
N LYS C 13 9.42 6.43 8.40
CA LYS C 13 9.93 7.35 9.41
C LYS C 13 8.84 8.28 9.93
N ASP C 14 8.58 9.36 9.20
CA ASP C 14 7.58 10.33 9.61
C ASP C 14 6.44 10.44 8.61
N ILE C 15 5.23 10.14 9.07
CA ILE C 15 4.04 10.21 8.22
C ILE C 15 3.01 11.15 8.83
N ARG C 16 2.47 12.03 8.02
CA ARG C 16 1.47 12.98 8.47
C ARG C 16 0.19 12.84 7.64
N THR C 17 -0.90 12.49 8.31
CA THR C 17 -2.19 12.31 7.65
C THR C 17 -3.24 13.24 8.26
N GLU C 18 -3.53 14.34 7.59
CA GLU C 18 -4.51 15.29 8.09
C GLU C 18 -5.67 15.48 7.13
N GLU C 19 -6.80 15.92 7.67
CA GLU C 19 -8.02 16.17 6.90
C GLU C 19 -8.63 14.88 6.38
N ARG C 20 -9.15 14.07 7.30
CA ARG C 20 -9.80 12.80 6.98
C ARG C 20 -8.87 11.85 6.22
N ALA C 21 -7.60 11.91 6.53
CA ALA C 21 -6.62 11.05 5.88
C ALA C 21 -6.46 9.76 6.68
N ARG C 22 -6.16 8.68 5.97
CA ARG C 22 -5.99 7.39 6.61
C ARG C 22 -4.73 6.70 6.12
N VAL C 23 -4.02 6.05 7.03
CA VAL C 23 -2.78 5.37 6.71
C VAL C 23 -2.81 3.92 7.17
N GLN C 24 -2.29 3.01 6.35
CA GLN C 24 -2.26 1.61 6.69
C GLN C 24 -0.82 1.07 6.63
N LEU C 25 -0.37 0.50 7.72
CA LEU C 25 0.97 -0.06 7.80
C LEU C 25 0.92 -1.57 7.70
N GLY C 26 0.93 -2.10 6.48
CA GLY C 26 0.89 -3.54 6.31
C GLY C 26 0.66 -3.93 4.86
N ASN C 27 0.56 -5.24 4.63
CA ASN C 27 0.34 -5.77 3.29
C ASN C 27 -1.14 -5.98 3.04
N VAL C 28 -1.55 -5.87 1.78
CA VAL C 28 -2.95 -6.04 1.42
C VAL C 28 -3.15 -7.35 0.67
N VAL C 29 -3.84 -8.29 1.30
CA VAL C 29 -4.11 -9.59 0.69
C VAL C 29 -5.60 -9.76 0.44
N THR C 30 -5.98 -9.76 -0.83
CA THR C 30 -7.39 -9.90 -1.19
C THR C 30 -7.84 -11.35 -1.04
N ALA C 31 -9.17 -11.53 -0.97
CA ALA C 31 -9.75 -12.87 -0.81
C ALA C 31 -9.66 -13.70 -2.09
N ALA C 32 -8.86 -13.23 -3.04
CA ALA C 32 -8.68 -13.93 -4.31
C ALA C 32 -7.27 -14.53 -4.38
N ALA C 33 -6.46 -14.20 -3.39
CA ALA C 33 -5.10 -14.70 -3.33
C ALA C 33 -4.99 -15.87 -2.37
N LEU C 34 -5.18 -17.07 -2.90
CA LEU C 34 -5.12 -18.28 -2.09
C LEU C 34 -4.01 -19.20 -2.57
N HIS C 35 -3.22 -18.72 -3.52
CA HIS C 35 -2.12 -19.50 -4.07
C HIS C 35 -0.83 -19.18 -3.32
N GLY C 36 -0.66 -19.79 -2.16
CA GLY C 36 0.52 -19.52 -1.35
C GLY C 36 1.29 -20.77 -1.03
N GLY C 37 2.60 -20.61 -0.91
CA GLY C 37 3.48 -21.71 -0.58
C GLY C 37 4.55 -21.23 0.38
N ILE C 38 4.70 -21.94 1.49
CA ILE C 38 5.70 -21.57 2.49
C ILE C 38 7.12 -21.71 1.97
N ARG C 39 7.77 -20.57 1.74
CA ARG C 39 9.14 -20.53 1.25
C ARG C 39 9.75 -19.14 1.46
N ILE C 40 10.85 -19.08 2.17
CA ILE C 40 11.53 -17.81 2.44
C ILE C 40 12.67 -17.57 1.44
N SER C 41 12.77 -16.34 0.97
CA SER C 41 13.81 -15.95 0.03
C SER C 41 14.01 -14.45 0.14
N ASP C 42 14.77 -13.87 -0.79
CA ASP C 42 15.03 -12.44 -0.78
C ASP C 42 13.78 -11.66 -1.18
N GLN C 43 13.75 -10.38 -0.90
CA GLN C 43 12.60 -9.54 -1.21
C GLN C 43 13.01 -8.10 -1.41
N THR C 44 12.15 -7.34 -2.09
CA THR C 44 12.40 -5.93 -2.35
C THR C 44 12.10 -5.09 -1.11
N THR C 45 13.14 -4.51 -0.54
CA THR C 45 12.99 -3.68 0.64
C THR C 45 12.57 -2.26 0.27
N ASN C 46 11.72 -1.65 1.09
CA ASN C 46 11.24 -0.30 0.83
C ASN C 46 11.14 0.50 2.13
N SER C 47 11.67 1.71 2.11
CA SER C 47 11.63 2.59 3.26
C SER C 47 11.38 4.03 2.82
N VAL C 48 10.51 4.72 3.56
CA VAL C 48 10.17 6.10 3.24
C VAL C 48 10.46 7.03 4.41
N GLU C 49 11.04 8.18 4.12
CA GLU C 49 11.37 9.17 5.15
C GLU C 49 10.16 9.98 5.59
N THR C 50 9.73 10.90 4.73
CA THR C 50 8.60 11.76 5.07
C THR C 50 7.43 11.62 4.10
N VAL C 51 6.25 11.29 4.64
CA VAL C 51 5.04 11.16 3.85
C VAL C 51 4.00 12.12 4.36
N VAL C 52 3.60 13.06 3.52
CA VAL C 52 2.61 14.06 3.91
C VAL C 52 1.32 13.91 3.10
N GLY C 53 0.24 13.59 3.79
CA GLY C 53 -1.04 13.43 3.15
C GLY C 53 -2.03 14.48 3.63
N LYS C 54 -2.62 15.20 2.69
CA LYS C 54 -3.56 16.27 3.04
C LYS C 54 -4.82 16.20 2.18
N GLY C 55 -5.98 16.14 2.85
CA GLY C 55 -7.25 16.11 2.15
C GLY C 55 -7.63 14.74 1.63
N GLU C 56 -8.29 13.94 2.48
CA GLU C 56 -8.74 12.59 2.13
C GLU C 56 -7.60 11.76 1.52
N SER C 57 -6.40 11.94 2.06
CA SER C 57 -5.24 11.22 1.56
C SER C 57 -5.20 9.79 2.08
N ARG C 58 -4.38 8.96 1.43
CA ARG C 58 -4.25 7.56 1.81
C ARG C 58 -2.80 7.10 1.63
N VAL C 59 -2.20 6.63 2.71
CA VAL C 59 -0.82 6.17 2.68
C VAL C 59 -0.78 4.66 2.87
N LEU C 60 -0.30 3.95 1.86
CA LEU C 60 -0.20 2.50 1.92
C LEU C 60 1.25 2.07 2.04
N ILE C 61 1.62 1.56 3.21
CA ILE C 61 2.98 1.11 3.45
C ILE C 61 3.05 -0.42 3.46
N GLY C 62 3.31 -0.99 2.29
CA GLY C 62 3.38 -2.43 2.18
C GLY C 62 3.13 -2.89 0.76
N ASN C 63 3.06 -4.19 0.56
CA ASN C 63 2.82 -4.74 -0.77
C ASN C 63 1.34 -5.08 -0.95
N GLU C 64 0.86 -4.97 -2.17
CA GLU C 64 -0.53 -5.25 -2.46
C GLU C 64 -0.69 -6.43 -3.40
N TYR C 65 -1.72 -7.24 -3.15
CA TYR C 65 -2.03 -8.39 -3.97
C TYR C 65 -3.45 -8.28 -4.48
N GLY C 66 -3.60 -7.77 -5.69
CA GLY C 66 -4.92 -7.59 -6.27
C GLY C 66 -5.19 -8.53 -7.43
N GLY C 67 -6.45 -8.63 -7.83
CA GLY C 67 -6.82 -9.51 -8.92
C GLY C 67 -7.38 -8.74 -10.11
N LYS C 68 -8.37 -7.90 -9.84
CA LYS C 68 -9.00 -7.09 -10.88
C LYS C 68 -8.07 -5.96 -11.29
N GLY C 69 -7.45 -5.36 -10.29
CA GLY C 69 -6.54 -4.27 -10.52
C GLY C 69 -5.69 -4.00 -9.30
N PHE C 70 -5.14 -2.80 -9.21
CA PHE C 70 -4.30 -2.44 -8.08
C PHE C 70 -5.15 -1.97 -6.90
N TRP C 71 -4.50 -1.47 -5.85
CA TRP C 71 -5.18 -0.97 -4.66
C TRP C 71 -6.22 0.10 -5.01
N ASP C 72 -5.92 0.88 -6.04
CA ASP C 72 -6.82 1.93 -6.48
C ASP C 72 -7.58 1.48 -7.73
N ASN C 73 -8.78 1.99 -7.91
CA ASN C 73 -9.61 1.63 -9.05
C ASN C 73 -10.18 2.89 -9.70
N HIS C 74 -9.28 3.80 -10.05
CA HIS C 74 -9.68 5.06 -10.69
C HIS C 74 -9.25 5.09 -12.16
N HIS C 75 -8.31 4.24 -12.52
CA HIS C 75 -7.81 4.20 -13.88
C HIS C 75 -7.62 2.77 -14.37
N HIS C 76 -7.57 2.60 -15.69
CA HIS C 76 -7.39 1.28 -16.31
C HIS C 76 -8.60 0.37 -16.14
N HIS C 77 -8.54 -0.80 -16.77
CA HIS C 77 -9.63 -1.78 -16.67
C HIS C 77 -9.15 -3.18 -17.02
N HIS C 78 -9.14 -3.51 -18.30
CA HIS C 78 -8.72 -4.83 -18.75
C HIS C 78 -7.45 -4.75 -19.58
N HIS C 79 -7.57 -4.21 -20.79
CA HIS C 79 -6.44 -4.08 -21.70
C HIS C 79 -6.64 -2.89 -22.61
N ARG D 9 14.86 -2.50 -2.66
CA ARG D 9 15.89 -1.45 -2.51
C ARG D 9 15.33 -0.11 -2.93
N ASN D 10 14.12 0.16 -2.48
CA ASN D 10 13.45 1.40 -2.80
C ASN D 10 13.55 2.36 -1.63
N SER D 11 13.86 3.61 -1.93
CA SER D 11 13.99 4.61 -0.90
C SER D 11 13.34 5.92 -1.34
N ALA D 12 12.41 6.41 -0.53
CA ALA D 12 11.72 7.65 -0.81
C ALA D 12 12.03 8.68 0.26
N LYS D 13 12.46 9.86 -0.16
CA LYS D 13 12.81 10.93 0.78
C LYS D 13 11.60 11.77 1.18
N ASP D 14 11.12 12.61 0.28
CA ASP D 14 9.99 13.48 0.56
C ASP D 14 8.84 13.23 -0.41
N ILE D 15 7.73 12.74 0.12
CA ILE D 15 6.54 12.47 -0.69
C ILE D 15 5.35 13.25 -0.13
N ARG D 16 4.88 14.22 -0.90
CA ARG D 16 3.73 15.01 -0.48
C ARG D 16 2.54 14.75 -1.39
N THR D 17 1.49 14.18 -0.83
CA THR D 17 0.29 13.86 -1.60
C THR D 17 -0.95 14.50 -1.00
N GLU D 18 -1.53 15.44 -1.72
CA GLU D 18 -2.73 16.13 -1.27
C GLU D 18 -3.81 16.11 -2.34
N GLU D 19 -5.02 16.52 -1.96
CA GLU D 19 -6.16 16.56 -2.88
C GLU D 19 -6.60 15.15 -3.28
N ARG D 20 -7.05 14.38 -2.29
CA ARG D 20 -7.53 13.01 -2.49
C ARG D 20 -6.46 12.10 -3.07
N ALA D 21 -5.20 12.49 -2.95
CA ALA D 21 -4.10 11.70 -3.48
C ALA D 21 -3.87 10.42 -2.68
N ARG D 22 -3.10 9.50 -3.26
CA ARG D 22 -2.80 8.23 -2.62
C ARG D 22 -1.40 7.77 -3.02
N VAL D 23 -0.69 7.15 -2.09
CA VAL D 23 0.66 6.68 -2.35
C VAL D 23 0.88 5.28 -1.75
N GLN D 24 1.63 4.45 -2.47
CA GLN D 24 1.93 3.09 -2.01
C GLN D 24 3.44 2.86 -2.01
N LEU D 25 3.93 2.26 -0.92
CA LEU D 25 5.35 1.98 -0.76
C LEU D 25 5.57 0.47 -0.64
N GLY D 26 5.89 -0.18 -1.75
CA GLY D 26 6.13 -1.61 -1.72
C GLY D 26 6.26 -2.21 -3.11
N ASN D 27 5.23 -2.92 -3.54
CA ASN D 27 5.21 -3.56 -4.86
C ASN D 27 3.80 -4.01 -5.21
N VAL D 28 3.53 -4.19 -6.49
CA VAL D 28 2.21 -4.60 -6.94
C VAL D 28 2.22 -6.02 -7.49
N VAL D 29 1.62 -6.94 -6.73
CA VAL D 29 1.54 -8.33 -7.14
C VAL D 29 0.09 -8.63 -7.54
N THR D 30 -0.11 -9.10 -8.75
CA THR D 30 -1.45 -9.40 -9.23
C THR D 30 -1.72 -10.90 -9.26
N ALA D 31 -3.01 -11.26 -9.23
CA ALA D 31 -3.43 -12.65 -9.26
C ALA D 31 -3.25 -13.26 -10.66
N ALA D 32 -2.58 -12.53 -11.52
CA ALA D 32 -2.30 -12.99 -12.87
C ALA D 32 -0.90 -13.61 -12.91
N ALA D 33 -0.21 -13.48 -11.79
CA ALA D 33 1.14 -14.03 -11.67
C ALA D 33 1.12 -15.28 -10.81
N LEU D 34 1.41 -16.41 -11.41
CA LEU D 34 1.41 -17.69 -10.70
C LEU D 34 2.80 -17.98 -10.12
N HIS D 35 2.95 -19.16 -9.54
CA HIS D 35 4.20 -19.57 -8.94
C HIS D 35 5.20 -20.03 -10.00
N GLY D 36 5.72 -19.07 -10.76
CA GLY D 36 6.67 -19.37 -11.80
C GLY D 36 7.70 -18.26 -11.92
N GLY D 37 8.42 -18.02 -10.83
CA GLY D 37 9.42 -16.97 -10.84
C GLY D 37 8.81 -15.64 -10.45
N ILE D 38 7.94 -15.68 -9.44
CA ILE D 38 7.27 -14.48 -8.96
C ILE D 38 8.15 -13.73 -7.97
N ARG D 39 9.02 -14.46 -7.28
CA ARG D 39 9.92 -13.85 -6.30
C ARG D 39 11.10 -13.19 -7.01
N ILE D 40 10.85 -12.00 -7.55
CA ILE D 40 11.88 -11.24 -8.25
C ILE D 40 13.00 -10.81 -7.30
N SER D 41 12.69 -10.81 -6.00
CA SER D 41 13.66 -10.43 -4.97
C SER D 41 14.05 -8.95 -5.09
N ASP D 42 15.35 -8.67 -5.01
CA ASP D 42 15.85 -7.30 -5.10
C ASP D 42 16.79 -7.18 -6.29
N GLN D 43 16.37 -6.42 -7.30
CA GLN D 43 17.18 -6.23 -8.49
C GLN D 43 17.70 -4.79 -8.60
N THR D 44 16.86 -3.89 -9.05
CA THR D 44 17.24 -2.49 -9.22
C THR D 44 16.97 -1.68 -7.96
N THR D 45 17.70 -0.56 -7.84
CA THR D 45 17.55 0.33 -6.70
C THR D 45 16.87 1.61 -7.15
N ASN D 46 15.65 1.84 -6.69
CA ASN D 46 14.89 3.02 -7.04
C ASN D 46 14.91 4.01 -5.89
N SER D 47 15.62 5.11 -6.07
CA SER D 47 15.71 6.14 -5.04
C SER D 47 15.16 7.46 -5.56
N VAL D 48 14.19 8.00 -4.85
CA VAL D 48 13.57 9.26 -5.23
C VAL D 48 13.61 10.25 -4.08
N GLU D 49 14.08 11.46 -4.36
CA GLU D 49 14.21 12.48 -3.33
C GLU D 49 12.94 13.32 -3.14
N THR D 50 12.65 14.21 -4.08
CA THR D 50 11.48 15.07 -3.97
C THR D 50 10.32 14.60 -4.86
N VAL D 51 9.16 14.34 -4.24
CA VAL D 51 7.98 13.89 -4.96
C VAL D 51 6.77 14.76 -4.58
N VAL D 52 6.21 15.46 -5.57
CA VAL D 52 5.07 16.33 -5.33
C VAL D 52 3.83 15.82 -6.05
N GLY D 53 2.73 15.68 -5.30
CA GLY D 53 1.49 15.22 -5.87
C GLY D 53 0.32 16.08 -5.44
N LYS D 54 -0.22 16.85 -6.38
CA LYS D 54 -1.33 17.75 -6.09
C LYS D 54 -2.51 17.50 -7.04
N GLY D 55 -3.57 16.89 -6.53
CA GLY D 55 -4.75 16.65 -7.33
C GLY D 55 -4.84 15.26 -7.93
N GLU D 56 -5.44 14.34 -7.17
CA GLU D 56 -5.62 12.95 -7.62
C GLU D 56 -4.31 12.27 -8.06
N SER D 57 -3.20 12.75 -7.53
CA SER D 57 -1.91 12.19 -7.86
C SER D 57 -1.69 10.84 -7.18
N ARG D 58 -1.05 9.93 -7.88
CA ARG D 58 -0.79 8.61 -7.37
C ARG D 58 0.69 8.26 -7.50
N VAL D 59 1.35 8.07 -6.36
CA VAL D 59 2.76 7.72 -6.34
C VAL D 59 2.93 6.23 -6.08
N LEU D 60 3.62 5.56 -6.99
CA LEU D 60 3.86 4.13 -6.85
C LEU D 60 5.35 3.83 -6.83
N ILE D 61 5.87 3.60 -5.63
CA ILE D 61 7.28 3.30 -5.47
C ILE D 61 7.46 1.79 -5.29
N GLY D 62 7.92 1.14 -6.34
CA GLY D 62 8.10 -0.30 -6.31
C GLY D 62 8.02 -0.89 -7.70
N ASN D 63 7.80 -2.18 -7.80
CA ASN D 63 7.71 -2.82 -9.10
C ASN D 63 6.36 -3.50 -9.29
N GLU D 64 5.98 -3.70 -10.54
CA GLU D 64 4.71 -4.35 -10.86
C GLU D 64 4.95 -5.68 -11.54
N TYR D 65 4.27 -6.71 -11.07
CA TYR D 65 4.41 -8.04 -11.63
C TYR D 65 3.05 -8.62 -11.95
N GLY D 66 2.79 -8.87 -13.23
CA GLY D 66 1.51 -9.44 -13.61
C GLY D 66 1.18 -9.23 -15.07
N GLY D 67 0.05 -9.78 -15.49
CA GLY D 67 -0.38 -9.66 -16.87
C GLY D 67 -1.44 -8.60 -17.07
N LYS D 68 -1.25 -7.45 -16.43
CA LYS D 68 -2.19 -6.35 -16.55
C LYS D 68 -1.80 -5.44 -17.70
N GLY D 69 -0.55 -5.55 -18.13
CA GLY D 69 -0.06 -4.75 -19.23
C GLY D 69 0.73 -3.55 -18.77
N PHE D 70 0.32 -3.00 -17.62
CA PHE D 70 0.96 -1.83 -17.01
C PHE D 70 0.11 -1.35 -15.85
N TRP D 71 0.76 -0.79 -14.82
CA TRP D 71 0.04 -0.26 -13.66
C TRP D 71 -1.03 0.71 -14.12
N ASP D 72 -0.60 1.85 -14.66
CA ASP D 72 -1.54 2.85 -15.16
C ASP D 72 -0.96 3.63 -16.32
N ASN D 73 -1.83 3.99 -17.26
CA ASN D 73 -1.45 4.73 -18.44
C ASN D 73 -2.71 5.31 -19.06
N HIS D 74 -2.63 6.53 -19.59
CA HIS D 74 -3.78 7.21 -20.18
C HIS D 74 -4.31 6.50 -21.42
N HIS D 75 -3.43 5.87 -22.20
CA HIS D 75 -3.86 5.17 -23.41
C HIS D 75 -2.77 4.27 -23.97
N HIS D 76 -3.02 3.72 -25.15
CA HIS D 76 -2.06 2.86 -25.83
C HIS D 76 -1.32 3.67 -26.88
N HIS D 77 -0.82 3.01 -27.92
CA HIS D 77 -0.11 3.72 -28.98
C HIS D 77 -1.10 4.54 -29.81
N HIS D 78 -0.86 5.84 -29.88
CA HIS D 78 -1.73 6.74 -30.63
C HIS D 78 -1.14 7.02 -32.00
N HIS D 79 -1.93 6.81 -33.04
CA HIS D 79 -1.48 7.06 -34.40
C HIS D 79 -1.86 8.46 -34.84
N ARG E 9 20.74 1.21 -12.01
CA ARG E 9 19.80 1.66 -10.94
C ARG E 9 18.92 2.80 -11.42
N ASN E 10 18.12 3.37 -10.53
CA ASN E 10 17.23 4.46 -10.89
C ASN E 10 17.27 5.56 -9.85
N SER E 11 17.62 6.75 -10.28
CA SER E 11 17.72 7.90 -9.38
C SER E 11 16.79 9.03 -9.84
N ALA E 12 15.97 9.52 -8.94
CA ALA E 12 15.05 10.61 -9.25
C ALA E 12 15.20 11.73 -8.24
N LYS E 13 15.60 12.90 -8.71
CA LYS E 13 15.80 14.05 -7.84
C LYS E 13 14.49 14.78 -7.52
N ASP E 14 13.89 15.41 -8.51
CA ASP E 14 12.66 16.17 -8.31
C ASP E 14 11.57 15.70 -9.27
N ILE E 15 10.43 15.34 -8.71
CA ILE E 15 9.28 14.89 -9.50
C ILE E 15 8.02 15.65 -9.12
N ARG E 16 7.47 16.38 -10.08
CA ARG E 16 6.26 17.15 -9.85
C ARG E 16 5.10 16.61 -10.69
N THR E 17 4.19 15.92 -10.04
CA THR E 17 3.04 15.33 -10.72
C THR E 17 1.75 15.94 -10.17
N GLU E 18 1.14 16.83 -10.95
CA GLU E 18 -0.08 17.48 -10.51
C GLU E 18 -1.24 17.26 -11.49
N GLU E 19 -2.45 17.23 -10.94
CA GLU E 19 -3.68 17.05 -11.71
C GLU E 19 -3.79 15.70 -12.41
N ARG E 20 -4.32 14.71 -11.68
CA ARG E 20 -4.52 13.35 -12.19
C ARG E 20 -3.24 12.72 -12.72
N ALA E 21 -2.12 13.13 -12.15
CA ALA E 21 -0.84 12.61 -12.58
C ALA E 21 -0.43 11.40 -11.74
N ARG E 22 0.43 10.57 -12.31
CA ARG E 22 0.90 9.38 -11.63
C ARG E 22 2.40 9.22 -11.84
N VAL E 23 3.08 8.66 -10.84
CA VAL E 23 4.50 8.46 -10.91
C VAL E 23 4.87 7.06 -10.46
N GLN E 24 5.58 6.33 -11.32
CA GLN E 24 5.99 4.96 -11.01
C GLN E 24 7.50 4.86 -11.00
N LEU E 25 8.04 4.30 -9.92
CA LEU E 25 9.48 4.14 -9.77
C LEU E 25 9.82 2.67 -9.54
N GLY E 26 10.11 1.96 -10.61
CA GLY E 26 10.46 0.56 -10.50
C GLY E 26 10.54 -0.12 -11.85
N ASN E 27 10.48 -1.44 -11.84
CA ASN E 27 10.53 -2.22 -13.07
C ASN E 27 9.17 -2.81 -13.40
N VAL E 28 8.89 -2.93 -14.69
CA VAL E 28 7.62 -3.49 -15.15
C VAL E 28 7.85 -4.88 -15.72
N VAL E 29 7.23 -5.89 -15.12
CA VAL E 29 7.37 -7.26 -15.58
C VAL E 29 6.04 -7.85 -16.02
N THR E 30 5.92 -8.11 -17.32
CA THR E 30 4.73 -8.68 -17.90
C THR E 30 4.57 -10.15 -17.47
N ALA E 31 3.38 -10.72 -17.72
CA ALA E 31 3.09 -12.09 -17.36
C ALA E 31 3.98 -13.08 -18.12
N ALA E 32 4.60 -12.60 -19.20
CA ALA E 32 5.49 -13.43 -20.01
C ALA E 32 6.76 -13.77 -19.22
N ALA E 33 7.08 -12.91 -18.25
CA ALA E 33 8.25 -13.10 -17.40
C ALA E 33 9.56 -13.19 -18.19
N LEU E 34 10.59 -13.69 -17.54
CA LEU E 34 11.89 -13.86 -18.19
C LEU E 34 11.98 -15.22 -18.84
N HIS E 35 12.29 -15.23 -20.13
CA HIS E 35 12.39 -16.47 -20.90
C HIS E 35 13.76 -17.13 -20.74
N GLY E 36 14.36 -16.97 -19.57
CA GLY E 36 15.67 -17.56 -19.31
C GLY E 36 16.62 -16.58 -18.65
N GLY E 37 17.67 -17.12 -18.05
CA GLY E 37 18.66 -16.28 -17.38
C GLY E 37 18.25 -15.91 -15.97
N ILE E 38 18.72 -16.67 -14.99
CA ILE E 38 18.39 -16.39 -13.59
C ILE E 38 19.27 -15.28 -13.02
N ARG E 39 20.32 -14.92 -13.73
CA ARG E 39 21.21 -13.88 -13.28
C ARG E 39 20.69 -12.52 -13.75
N ILE E 40 19.87 -11.89 -12.93
CA ILE E 40 19.29 -10.61 -13.27
C ILE E 40 19.79 -9.47 -12.37
N SER E 41 20.84 -8.81 -12.83
CA SER E 41 21.41 -7.68 -12.10
C SER E 41 21.30 -6.44 -12.98
N ASP E 42 20.95 -5.31 -12.38
CA ASP E 42 20.80 -4.06 -13.11
C ASP E 42 22.16 -3.55 -13.60
N GLN E 43 22.19 -3.08 -14.84
CA GLN E 43 23.42 -2.57 -15.43
C GLN E 43 23.26 -1.10 -15.79
N THR E 44 22.16 -0.78 -16.48
CA THR E 44 21.88 0.59 -16.88
C THR E 44 21.35 1.39 -15.68
N THR E 45 21.63 2.69 -15.69
CA THR E 45 21.19 3.56 -14.61
C THR E 45 20.45 4.78 -15.14
N ASN E 46 19.16 4.83 -14.84
CA ASN E 46 18.31 5.94 -15.27
C ASN E 46 18.23 6.98 -14.18
N SER E 47 18.97 8.06 -14.33
CA SER E 47 18.97 9.13 -13.35
C SER E 47 18.38 10.40 -13.94
N VAL E 48 17.30 10.88 -13.35
CA VAL E 48 16.65 12.08 -13.83
C VAL E 48 16.74 13.22 -12.79
N GLU E 49 16.88 14.45 -13.28
CA GLU E 49 16.99 15.60 -12.40
C GLU E 49 15.62 16.14 -11.99
N THR E 50 14.99 16.90 -12.88
CA THR E 50 13.70 17.50 -12.57
C THR E 50 12.63 17.07 -13.57
N VAL E 51 11.59 16.42 -13.08
CA VAL E 51 10.49 15.98 -13.93
C VAL E 51 9.22 16.73 -13.57
N VAL E 52 8.82 17.67 -14.42
CA VAL E 52 7.62 18.45 -14.17
C VAL E 52 6.54 18.09 -15.18
N GLY E 53 5.37 17.72 -14.69
CA GLY E 53 4.27 17.36 -15.56
C GLY E 53 2.92 17.68 -14.96
N LYS E 54 2.03 18.24 -15.76
CA LYS E 54 0.69 18.60 -15.31
C LYS E 54 -0.35 18.14 -16.30
N GLY E 55 -1.54 17.85 -15.80
CA GLY E 55 -2.63 17.42 -16.66
C GLY E 55 -2.49 15.98 -17.10
N GLU E 56 -2.80 15.06 -16.19
CA GLU E 56 -2.70 13.63 -16.46
C GLU E 56 -1.28 13.20 -16.80
N SER E 57 -0.32 13.75 -16.06
CA SER E 57 1.09 13.46 -16.26
C SER E 57 1.41 11.99 -15.97
N ARG E 58 2.48 11.50 -16.59
CA ARG E 58 2.91 10.11 -16.42
C ARG E 58 4.42 10.04 -16.26
N VAL E 59 4.87 9.87 -15.02
CA VAL E 59 6.30 9.79 -14.75
C VAL E 59 6.71 8.33 -14.54
N LEU E 60 7.61 7.85 -15.39
CA LEU E 60 8.07 6.47 -15.29
C LEU E 60 9.59 6.43 -15.18
N ILE E 61 10.08 5.95 -14.04
CA ILE E 61 11.51 5.85 -13.82
C ILE E 61 11.90 4.39 -13.61
N GLY E 62 12.12 3.68 -14.70
CA GLY E 62 12.49 2.28 -14.61
C GLY E 62 12.67 1.64 -15.97
N ASN E 63 12.34 0.36 -16.06
CA ASN E 63 12.47 -0.38 -17.33
C ASN E 63 11.10 -0.83 -17.83
N GLU E 64 10.93 -0.86 -19.14
CA GLU E 64 9.69 -1.29 -19.76
C GLU E 64 9.83 -2.66 -20.40
N TYR E 65 9.10 -3.63 -19.88
CA TYR E 65 9.13 -5.00 -20.40
C TYR E 65 7.73 -5.62 -20.34
N GLY E 66 6.98 -5.48 -21.41
CA GLY E 66 5.63 -6.01 -21.44
C GLY E 66 5.20 -6.46 -22.81
N GLY E 67 4.50 -5.59 -23.52
CA GLY E 67 4.02 -5.91 -24.85
C GLY E 67 3.52 -4.66 -25.55
N LYS E 68 2.19 -4.56 -25.63
CA LYS E 68 1.46 -3.43 -26.24
C LYS E 68 2.23 -2.65 -27.31
N GLY E 69 3.04 -1.70 -26.86
CA GLY E 69 3.80 -0.88 -27.77
C GLY E 69 3.71 0.58 -27.39
N PHE E 70 3.58 0.82 -26.09
CA PHE E 70 3.46 2.17 -25.55
C PHE E 70 3.78 2.14 -24.07
N TRP E 71 4.97 2.64 -23.74
CA TRP E 71 5.47 2.65 -22.36
C TRP E 71 5.92 1.24 -21.97
N ASP E 72 5.97 0.39 -22.99
CA ASP E 72 6.39 -1.00 -22.85
C ASP E 72 6.81 -1.54 -24.22
N ASN E 73 7.67 -2.54 -24.24
CA ASN E 73 8.16 -3.10 -25.49
C ASN E 73 7.99 -4.61 -25.55
N HIS E 74 8.06 -5.15 -26.77
CA HIS E 74 7.91 -6.58 -27.01
C HIS E 74 8.40 -6.93 -28.41
N HIS E 75 8.58 -8.21 -28.69
CA HIS E 75 9.03 -8.65 -30.00
C HIS E 75 7.88 -9.28 -30.78
N HIS E 76 7.24 -10.27 -30.16
CA HIS E 76 6.13 -10.99 -30.77
C HIS E 76 6.56 -11.72 -32.04
N HIS E 77 5.58 -12.13 -32.84
CA HIS E 77 5.85 -12.83 -34.09
C HIS E 77 5.13 -12.14 -35.22
N HIS E 78 5.86 -11.77 -36.26
CA HIS E 78 5.28 -11.10 -37.41
C HIS E 78 4.84 -12.11 -38.45
N HIS E 79 3.63 -11.95 -38.97
CA HIS E 79 3.11 -12.85 -39.97
C HIS E 79 2.75 -12.07 -41.23
O1' CGO F . 20.36 10.89 0.89
C12 CGO F . 9.50 0.45 17.75
O2' CGO F . 21.26 8.81 1.81
S1' CGO F . 20.36 9.39 0.76
O3' CGO F . 20.91 9.02 -0.59
C12' CGO F . 17.27 9.67 -2.31
C11' CGO F . 18.19 9.53 -1.28
C10' CGO F . 17.81 8.91 -0.08
C9' CGO F . 18.74 8.77 0.94
C8' CGO F . 18.36 8.16 2.13
C13' CGO F . 15.98 9.20 -2.15
C14' CGO F . 15.60 8.59 -0.95
C15' CGO F . 16.51 8.45 0.08
C16' CGO F . 16.14 7.82 1.26
C7' CGO F . 17.06 7.70 2.30
N2' CGO F . 16.71 7.24 3.50
N1' CGO F . 15.56 6.92 3.77
C4' CGO F . 15.25 6.46 4.98
C5' CGO F . 16.25 6.33 5.95
C6' CGO F . 15.93 5.83 7.20
O1 CGO F . 14.69 1.06 17.15
N3' CGO F . 14.95 7.22 1.31
C3' CGO F . 13.95 6.10 5.26
C2' CGO F . 13.62 5.59 6.52
C1' CGO F . 14.61 5.46 7.49
C1 CGO F . 14.29 4.96 8.75
C2 CGO F . 13.01 4.47 8.99
C3 CGO F . 12.68 3.97 10.24
S1 CGO F . 13.57 2.02 17.42
N3 CGO F . 9.66 2.05 13.05
O2 CGO F . 12.90 1.63 18.71
O3 CGO F . 14.15 3.39 17.58
C6 CGO F . 15.23 4.95 9.76
C5 CGO F . 14.90 4.44 11.02
C4 CGO F . 13.62 3.95 11.25
N1 CGO F . 13.31 3.45 12.44
N2 CGO F . 12.18 3.01 12.64
C7 CGO F . 11.84 2.52 13.83
C16 CGO F . 10.56 2.02 14.03
C15 CGO F . 10.21 1.50 15.27
C14 CGO F . 8.92 1.00 15.47
C13 CGO F . 8.57 0.46 16.71
C8 CGO F . 12.77 2.50 14.86
C9 CGO F . 12.41 1.99 16.11
C10 CGO F . 11.13 1.48 16.31
C11 CGO F . 10.78 0.95 17.54
H12 CGO F . 9.25 0.06 18.63
H12' CGO F . 17.55 10.11 -3.16
H11' CGO F . 19.13 9.87 -1.39
H8' CGO F . 19.02 8.05 2.87
H13' CGO F . 15.31 9.29 -2.89
H14' CGO F . 14.66 8.25 -0.84
H5' CGO F . 17.18 6.59 5.75
H6' CGO F . 16.63 5.72 7.90
HN1' CGO F . 14.70 6.68 2.10
HN2' CGO F . 14.31 7.34 0.55
H3' CGO F . 13.24 6.20 4.57
H2' CGO F . 12.68 5.32 6.72
H2 CGO F . 12.32 4.48 8.26
H3 CGO F . 11.76 3.61 10.41
HN2 CGO F . 8.74 1.70 13.22
HN1 CGO F . 9.91 2.43 12.16
H6 CGO F . 16.15 5.30 9.59
H5 CGO F . 15.59 4.42 11.75
H14 CGO F . 8.27 1.02 14.72
H13 CGO F . 7.65 0.10 16.85
H8 CGO F . 13.69 2.85 14.71
H11 CGO F . 11.44 0.93 18.29
#